data_6TLD
#
_entry.id   6TLD
#
_cell.length_a   70.640
_cell.length_b   70.720
_cell.length_c   98.050
_cell.angle_alpha   78.080
_cell.angle_beta   75.690
_cell.angle_gamma   85.720
#
_symmetry.space_group_name_H-M   'P 1'
#
loop_
_entity.id
_entity.type
_entity.pdbx_description
1 polymer 'Histone deacetylase'
2 non-polymer 'ZINC ION'
3 non-polymer 'POTASSIUM ION'
4 non-polymer ~{N}-oxidanyl-1-phenyl-1,2,3-triazole-4-carboxamide
5 non-polymer DIMETHYLFORMAMIDE
6 non-polymer GLYCEROL
7 water water
#
_entity_poly.entity_id   1
_entity_poly.type   'polypeptide(L)'
_entity_poly.pdbx_seq_one_letter_code
;HMSVGIVYGDQYRQLCCSSPKFGDRYALVMDLINAYKLIPELSRVPPLQWDSPSRMYEAVTAFHSTEYVDALKKLQMLHC
EEKELTADDELLMDSFSLNYDCPGFPSVFDYSLAAVQGSLAAASALICRHCEVVINWGGGWHHAKRSEASGFCYLNDIVL
AIHRLVSSTPPETSPNRQTRVLYVDLDLHHGDGVEEAFWYSPRVVTFSVHHASPGFFPGTGTWNMVDNDKLPIFLNGAGR
GRFSAFNLPLEEGINDLDWSNAIGPILDSLNIVIQPSYVVVQCGADCLATDPHRIFRLTNFYPNLNLDSDCDSECSLSGY
LYAIKKILSWKVPTLILGGGGYNFPDTARLWTRVTALTIEEVKGKKMTISPEIPEHSYFSRYGPDFELDIDYFPHESHNK
TLDSIQKHHRRILEQLRNYADLNKLIYDYDQVYQLYNLTGMGSLVPR
;
_entity_poly.pdbx_strand_id   A,B,C,D
#
loop_
_chem_comp.id
_chem_comp.type
_chem_comp.name
_chem_comp.formula
DMF non-polymer DIMETHYLFORMAMIDE 'C3 H7 N O'
GOL non-polymer GLYCEROL 'C3 H8 O3'
K non-polymer 'POTASSIUM ION' 'K 1'
NK5 non-polymer ~{N}-oxidanyl-1-phenyl-1,2,3-triazole-4-carboxamide 'C9 H8 N4 O2'
ZN non-polymer 'ZINC ION' 'Zn 2'
#
# COMPACT_ATOMS: atom_id res chain seq x y z
N SER A 3 -20.54 -4.46 31.43
CA SER A 3 -21.93 -4.17 31.06
C SER A 3 -22.32 -4.97 29.84
N VAL A 4 -23.59 -4.93 29.46
CA VAL A 4 -24.06 -5.49 28.20
C VAL A 4 -24.25 -4.32 27.24
N GLY A 5 -23.51 -4.35 26.12
CA GLY A 5 -23.65 -3.33 25.11
C GLY A 5 -24.61 -3.73 24.01
N ILE A 6 -25.15 -2.72 23.33
CA ILE A 6 -26.02 -2.96 22.18
C ILE A 6 -25.77 -1.85 21.18
N VAL A 7 -25.67 -2.21 19.91
CA VAL A 7 -25.32 -1.23 18.88
C VAL A 7 -26.60 -0.54 18.41
N TYR A 8 -26.64 0.80 18.52
CA TYR A 8 -27.69 1.56 17.84
C TYR A 8 -27.27 3.01 17.71
N GLY A 9 -28.11 3.77 17.02
CA GLY A 9 -27.91 5.17 16.72
C GLY A 9 -28.95 5.60 15.69
N ASP A 10 -29.28 6.89 15.63
CA ASP A 10 -30.32 7.34 14.71
C ASP A 10 -29.93 7.05 13.26
N GLN A 11 -28.73 7.46 12.85
CA GLN A 11 -28.31 7.18 11.48
C GLN A 11 -28.19 5.68 11.23
N TYR A 12 -27.65 4.94 12.19
CA TYR A 12 -27.55 3.49 12.08
C TYR A 12 -28.91 2.87 11.81
N ARG A 13 -29.91 3.30 12.56
CA ARG A 13 -31.26 2.77 12.39
C ARG A 13 -31.81 3.08 11.01
N GLN A 14 -31.65 4.32 10.54
CA GLN A 14 -32.09 4.66 9.19
C GLN A 14 -31.45 3.76 8.14
N LEU A 15 -30.12 3.55 8.25
CA LEU A 15 -29.43 2.73 7.24
C LEU A 15 -29.86 1.27 7.32
N CYS A 16 -29.96 0.72 8.54
CA CYS A 16 -30.37 -0.68 8.68
C CYS A 16 -31.80 -0.92 8.21
N CYS A 17 -32.61 0.14 8.08
CA CYS A 17 -33.98 0.01 7.59
C CYS A 17 -34.12 0.44 6.13
N SER A 18 -33.02 0.54 5.39
CA SER A 18 -33.09 1.05 4.02
C SER A 18 -33.07 -0.04 2.95
N SER A 19 -33.05 -1.34 3.34
CA SER A 19 -32.97 -2.36 2.29
C SER A 19 -34.36 -2.85 1.87
N PRO A 20 -34.52 -3.25 0.61
CA PRO A 20 -35.83 -3.75 0.17
C PRO A 20 -36.20 -5.06 0.84
N LYS A 21 -35.22 -5.87 1.22
CA LYS A 21 -35.49 -7.21 1.72
C LYS A 21 -35.86 -7.20 3.20
N PHE A 22 -35.15 -6.43 4.01
CA PHE A 22 -35.38 -6.45 5.45
C PHE A 22 -36.18 -5.27 5.95
N GLY A 23 -36.50 -4.31 5.09
CA GLY A 23 -37.49 -3.30 5.43
C GLY A 23 -37.19 -2.63 6.76
N ASP A 24 -38.22 -2.51 7.59
CA ASP A 24 -38.09 -1.87 8.90
C ASP A 24 -37.87 -2.86 10.03
N ARG A 25 -37.40 -4.07 9.73
CA ARG A 25 -37.26 -5.09 10.76
C ARG A 25 -36.42 -4.59 11.94
N TYR A 26 -35.30 -3.92 11.65
CA TYR A 26 -34.42 -3.44 12.72
C TYR A 26 -35.14 -2.45 13.64
N ALA A 27 -35.97 -1.57 13.07
CA ALA A 27 -36.73 -0.62 13.89
C ALA A 27 -37.72 -1.34 14.81
N LEU A 28 -38.36 -2.40 14.31
CA LEU A 28 -39.27 -3.18 15.17
C LEU A 28 -38.51 -3.84 16.31
N VAL A 29 -37.33 -4.40 16.01
CA VAL A 29 -36.53 -5.06 17.03
C VAL A 29 -36.14 -4.07 18.13
N MET A 30 -35.55 -2.94 17.74
CA MET A 30 -35.05 -2.01 18.74
C MET A 30 -36.18 -1.32 19.48
N ASP A 31 -37.30 -1.06 18.80
CA ASP A 31 -38.42 -0.41 19.47
C ASP A 31 -39.17 -1.36 20.41
N LEU A 32 -39.18 -2.65 20.10
CA LEU A 32 -39.74 -3.60 21.06
C LEU A 32 -38.85 -3.69 22.30
N ILE A 33 -37.53 -3.74 22.09
CA ILE A 33 -36.59 -3.72 23.21
C ILE A 33 -36.78 -2.46 24.04
N ASN A 34 -36.98 -1.32 23.37
CA ASN A 34 -37.23 -0.07 24.09
C ASN A 34 -38.58 -0.10 24.81
N ALA A 35 -39.61 -0.68 24.18
CA ALA A 35 -40.93 -0.73 24.79
C ALA A 35 -40.96 -1.60 26.04
N TYR A 36 -40.06 -2.57 26.12
CA TYR A 36 -39.95 -3.40 27.32
C TYR A 36 -39.00 -2.80 28.37
N LYS A 37 -38.59 -1.54 28.18
CA LYS A 37 -37.79 -0.79 29.15
C LYS A 37 -36.41 -1.43 29.39
N LEU A 38 -35.83 -2.05 28.36
CA LEU A 38 -34.50 -2.66 28.46
C LEU A 38 -33.37 -1.71 28.16
N ILE A 39 -33.62 -0.64 27.40
CA ILE A 39 -32.54 0.25 26.96
C ILE A 39 -31.78 0.85 28.14
N PRO A 40 -32.41 1.28 29.25
CA PRO A 40 -31.64 1.77 30.39
C PRO A 40 -30.67 0.75 30.99
N GLU A 41 -30.91 -0.55 30.78
CA GLU A 41 -30.02 -1.59 31.28
C GLU A 41 -28.79 -1.81 30.39
N LEU A 42 -28.80 -1.25 29.18
CA LEU A 42 -27.82 -1.53 28.15
C LEU A 42 -26.91 -0.34 27.90
N SER A 43 -25.67 -0.64 27.54
CA SER A 43 -24.70 0.37 27.14
C SER A 43 -24.77 0.56 25.63
N ARG A 44 -25.11 1.76 25.17
CA ARG A 44 -25.14 2.00 23.73
C ARG A 44 -23.72 1.98 23.19
N VAL A 45 -23.48 1.14 22.19
CA VAL A 45 -22.20 1.10 21.47
C VAL A 45 -22.39 1.79 20.12
N PRO A 46 -21.74 2.92 19.88
CA PRO A 46 -21.94 3.63 18.61
C PRO A 46 -21.19 2.95 17.49
N PRO A 47 -21.77 2.90 16.29
CA PRO A 47 -21.06 2.32 15.13
C PRO A 47 -19.75 3.05 14.87
N LEU A 48 -18.78 2.28 14.38
CA LEU A 48 -17.46 2.84 14.04
C LEU A 48 -17.57 3.75 12.81
N GLN A 49 -16.91 4.91 12.88
CA GLN A 49 -16.73 5.76 11.71
C GLN A 49 -15.23 6.00 11.53
N TRP A 50 -14.84 6.36 10.31
CA TRP A 50 -13.42 6.45 9.96
C TRP A 50 -12.99 7.88 9.64
N ASP A 51 -11.66 8.09 9.67
CA ASP A 51 -11.05 9.39 9.41
C ASP A 51 -10.96 9.74 7.93
N SER A 52 -11.19 8.80 7.02
CA SER A 52 -10.93 9.03 5.61
C SER A 52 -11.48 7.86 4.83
N PRO A 53 -11.74 8.06 3.53
CA PRO A 53 -12.06 6.92 2.66
C PRO A 53 -10.98 5.86 2.69
N SER A 54 -9.72 6.27 2.76
CA SER A 54 -8.64 5.29 2.76
CA SER A 54 -8.63 5.30 2.76
C SER A 54 -8.70 4.39 3.99
N ARG A 55 -9.01 4.97 5.16
CA ARG A 55 -9.13 4.15 6.37
C ARG A 55 -10.31 3.21 6.27
N MET A 56 -11.43 3.67 5.71
CA MET A 56 -12.57 2.78 5.53
C MET A 56 -12.19 1.60 4.65
N TYR A 57 -11.56 1.88 3.50
CA TYR A 57 -11.14 0.80 2.60
C TYR A 57 -10.17 -0.17 3.28
N GLU A 58 -9.22 0.36 4.07
CA GLU A 58 -8.33 -0.50 4.81
C GLU A 58 -9.09 -1.48 5.70
N ALA A 59 -10.16 -1.01 6.37
CA ALA A 59 -10.90 -1.88 7.28
C ALA A 59 -11.66 -2.95 6.52
N VAL A 60 -12.36 -2.56 5.45
CA VAL A 60 -13.23 -3.51 4.77
C VAL A 60 -12.41 -4.49 3.94
N THR A 61 -11.29 -4.04 3.36
CA THR A 61 -10.48 -4.94 2.55
C THR A 61 -9.54 -5.79 3.40
N ALA A 62 -9.65 -5.72 4.73
CA ALA A 62 -9.06 -6.76 5.57
C ALA A 62 -9.62 -8.13 5.21
N PHE A 63 -10.84 -8.17 4.66
CA PHE A 63 -11.41 -9.40 4.13
C PHE A 63 -11.80 -9.28 2.66
N HIS A 64 -12.56 -8.26 2.27
CA HIS A 64 -13.04 -8.20 0.90
C HIS A 64 -11.98 -7.64 -0.05
N SER A 65 -12.08 -8.01 -1.33
CA SER A 65 -11.14 -7.44 -2.31
C SER A 65 -11.47 -5.98 -2.59
N THR A 66 -10.43 -5.21 -2.96
CA THR A 66 -10.67 -3.81 -3.32
C THR A 66 -11.60 -3.71 -4.51
N GLU A 67 -11.45 -4.59 -5.51
CA GLU A 67 -12.32 -4.52 -6.69
C GLU A 67 -13.76 -4.83 -6.34
N TYR A 68 -14.01 -5.75 -5.40
CA TYR A 68 -15.39 -5.98 -4.98
C TYR A 68 -15.97 -4.77 -4.27
N VAL A 69 -15.21 -4.16 -3.35
CA VAL A 69 -15.71 -2.97 -2.67
C VAL A 69 -15.96 -1.84 -3.67
N ASP A 70 -15.05 -1.68 -4.65
CA ASP A 70 -15.23 -0.68 -5.70
C ASP A 70 -16.55 -0.91 -6.43
N ALA A 71 -16.83 -2.18 -6.77
CA ALA A 71 -18.06 -2.50 -7.52
C ALA A 71 -19.30 -2.21 -6.68
N LEU A 72 -19.25 -2.55 -5.40
CA LEU A 72 -20.39 -2.31 -4.52
C LEU A 72 -20.67 -0.82 -4.36
N LYS A 73 -19.61 -0.03 -4.20
CA LYS A 73 -19.79 1.42 -4.17
C LYS A 73 -20.34 1.94 -5.48
N LYS A 74 -19.84 1.43 -6.60
CA LYS A 74 -20.36 1.89 -7.89
C LYS A 74 -21.82 1.51 -8.06
N LEU A 75 -22.20 0.32 -7.59
CA LEU A 75 -23.60 -0.12 -7.68
C LEU A 75 -24.53 0.88 -6.99
N GLN A 76 -24.16 1.33 -5.79
CA GLN A 76 -24.96 2.34 -5.10
C GLN A 76 -25.02 3.64 -5.90
N MET A 77 -23.88 4.10 -6.42
CA MET A 77 -23.88 5.33 -7.23
C MET A 77 -24.79 5.20 -8.46
N LEU A 78 -24.71 4.04 -9.15
CA LEU A 78 -25.55 3.84 -10.33
C LEU A 78 -27.04 3.82 -9.97
N HIS A 79 -27.38 3.26 -8.81
CA HIS A 79 -28.78 3.22 -8.42
C HIS A 79 -29.27 4.54 -7.84
N CYS A 80 -28.41 5.54 -7.74
CA CYS A 80 -28.83 6.88 -7.36
C CYS A 80 -29.02 7.79 -8.57
N GLU A 81 -28.91 7.25 -9.79
CA GLU A 81 -29.21 7.96 -11.02
C GLU A 81 -30.41 7.30 -11.70
N GLU A 82 -31.11 8.07 -12.53
CA GLU A 82 -32.29 7.52 -13.20
C GLU A 82 -31.93 6.47 -14.24
N LYS A 83 -30.79 6.61 -14.89
CA LYS A 83 -30.48 5.83 -16.09
C LYS A 83 -30.31 4.34 -15.76
N GLU A 84 -30.71 3.50 -16.72
CA GLU A 84 -30.43 2.07 -16.67
C GLU A 84 -28.92 1.83 -16.63
N LEU A 85 -28.53 0.66 -16.10
CA LEU A 85 -27.13 0.28 -16.16
C LEU A 85 -26.73 -0.03 -17.60
N THR A 86 -25.48 0.28 -17.94
CA THR A 86 -24.96 -0.18 -19.21
C THR A 86 -24.74 -1.68 -19.20
N ALA A 87 -24.63 -2.25 -20.39
CA ALA A 87 -24.32 -3.68 -20.51
C ALA A 87 -22.99 -4.01 -19.86
N ASP A 88 -21.97 -3.14 -20.04
CA ASP A 88 -20.70 -3.38 -19.39
C ASP A 88 -20.83 -3.34 -17.87
N ASP A 89 -21.62 -2.41 -17.35
CA ASP A 89 -21.79 -2.35 -15.90
C ASP A 89 -22.59 -3.54 -15.37
N GLU A 90 -23.58 -4.02 -16.14
CA GLU A 90 -24.29 -5.23 -15.72
C GLU A 90 -23.35 -6.42 -15.64
N LEU A 91 -22.46 -6.57 -16.63
CA LEU A 91 -21.49 -7.65 -16.62
C LEU A 91 -20.56 -7.54 -15.41
N LEU A 92 -20.11 -6.32 -15.12
CA LEU A 92 -19.26 -6.10 -13.95
C LEU A 92 -19.96 -6.55 -12.67
N MET A 93 -21.20 -6.13 -12.47
CA MET A 93 -21.91 -6.51 -11.25
C MET A 93 -22.13 -8.02 -11.22
N ASP A 94 -22.42 -8.63 -12.37
CA ASP A 94 -22.62 -10.07 -12.43
C ASP A 94 -21.35 -10.80 -12.00
N SER A 95 -20.17 -10.24 -12.30
CA SER A 95 -18.92 -10.89 -11.93
C SER A 95 -18.72 -10.94 -10.42
N PHE A 96 -19.45 -10.14 -9.66
CA PHE A 96 -19.41 -10.16 -8.20
C PHE A 96 -20.71 -10.67 -7.59
N SER A 97 -21.60 -11.26 -8.41
CA SER A 97 -22.92 -11.73 -7.95
C SER A 97 -23.75 -10.63 -7.33
N LEU A 98 -23.54 -9.39 -7.77
CA LEU A 98 -24.36 -8.26 -7.35
C LEU A 98 -25.62 -8.18 -8.21
N ASN A 99 -26.44 -9.23 -8.07
CA ASN A 99 -27.60 -9.39 -8.94
C ASN A 99 -28.55 -10.36 -8.25
N TYR A 100 -29.68 -10.64 -8.93
CA TYR A 100 -30.66 -11.60 -8.47
C TYR A 100 -31.03 -11.38 -7.00
N ASP A 101 -30.57 -12.23 -6.10
CA ASP A 101 -30.97 -12.09 -4.71
C ASP A 101 -30.17 -11.05 -3.95
N CYS A 102 -29.13 -10.50 -4.56
CA CYS A 102 -28.35 -9.40 -4.00
C CYS A 102 -28.38 -8.21 -4.95
N PRO A 103 -29.55 -7.65 -5.21
CA PRO A 103 -29.64 -6.56 -6.18
C PRO A 103 -29.07 -5.26 -5.64
N GLY A 104 -28.94 -4.29 -6.54
CA GLY A 104 -28.64 -2.94 -6.13
C GLY A 104 -29.88 -2.21 -5.62
N PHE A 105 -29.63 -1.13 -4.89
CA PHE A 105 -30.65 -0.18 -4.46
C PHE A 105 -29.93 1.08 -3.99
N PRO A 106 -30.61 2.21 -3.80
CA PRO A 106 -29.89 3.49 -3.67
C PRO A 106 -28.97 3.58 -2.47
N SER A 107 -29.19 2.76 -1.43
CA SER A 107 -28.34 2.79 -0.25
C SER A 107 -27.58 1.48 -0.03
N VAL A 108 -27.38 0.67 -1.08
CA VAL A 108 -26.84 -0.67 -0.89
C VAL A 108 -25.45 -0.66 -0.25
N PHE A 109 -24.60 0.31 -0.59
CA PHE A 109 -23.27 0.36 0.02
C PHE A 109 -23.35 0.89 1.47
N ASP A 110 -24.03 2.02 1.69
CA ASP A 110 -24.17 2.52 3.06
C ASP A 110 -24.85 1.49 3.97
N TYR A 111 -25.86 0.77 3.45
CA TYR A 111 -26.56 -0.25 4.23
C TYR A 111 -25.61 -1.38 4.63
N SER A 112 -24.84 -1.91 3.67
CA SER A 112 -23.94 -3.02 3.93
C SER A 112 -22.82 -2.58 4.86
N LEU A 113 -22.30 -1.37 4.61
CA LEU A 113 -21.20 -0.87 5.42
C LEU A 113 -21.64 -0.63 6.86
N ALA A 114 -22.89 -0.21 7.04
CA ALA A 114 -23.37 0.08 8.39
C ALA A 114 -23.25 -1.14 9.31
N ALA A 115 -23.61 -2.33 8.81
CA ALA A 115 -23.48 -3.55 9.61
C ALA A 115 -22.03 -3.80 10.00
N VAL A 116 -21.09 -3.53 9.09
CA VAL A 116 -19.66 -3.62 9.38
C VAL A 116 -19.28 -2.64 10.48
N GLN A 117 -19.69 -1.38 10.33
CA GLN A 117 -19.42 -0.36 11.35
C GLN A 117 -19.92 -0.81 12.72
N GLY A 118 -21.12 -1.37 12.78
CA GLY A 118 -21.68 -1.80 14.06
C GLY A 118 -20.94 -2.99 14.65
N SER A 119 -20.60 -3.98 13.84
CA SER A 119 -19.95 -5.16 14.42
C SER A 119 -18.49 -4.92 14.77
N LEU A 120 -17.81 -4.07 14.01
CA LEU A 120 -16.44 -3.68 14.37
C LEU A 120 -16.43 -2.90 15.69
N ALA A 121 -17.37 -1.97 15.84
CA ALA A 121 -17.49 -1.25 17.11
C ALA A 121 -17.80 -2.21 18.25
N ALA A 122 -18.61 -3.23 17.99
CA ALA A 122 -18.93 -4.20 19.03
C ALA A 122 -17.70 -5.01 19.42
N ALA A 123 -16.89 -5.42 18.45
CA ALA A 123 -15.65 -6.12 18.77
C ALA A 123 -14.72 -5.25 19.61
N SER A 124 -14.60 -3.97 19.25
CA SER A 124 -13.72 -3.08 19.99
C SER A 124 -14.17 -2.91 21.44
N ALA A 125 -15.48 -2.81 21.67
CA ALA A 125 -16.00 -2.69 23.03
C ALA A 125 -15.66 -3.91 23.88
N LEU A 126 -15.62 -5.11 23.27
CA LEU A 126 -15.21 -6.29 24.01
C LEU A 126 -13.71 -6.29 24.26
N ILE A 127 -12.92 -5.86 23.27
CA ILE A 127 -11.47 -5.91 23.38
C ILE A 127 -10.97 -5.02 24.51
N CYS A 128 -11.54 -3.81 24.62
CA CYS A 128 -11.11 -2.90 25.69
C CYS A 128 -11.80 -3.18 27.02
N ARG A 129 -12.61 -4.24 27.08
CA ARG A 129 -13.33 -4.69 28.27
C ARG A 129 -14.36 -3.69 28.77
N HIS A 130 -14.81 -2.76 27.91
CA HIS A 130 -15.92 -1.90 28.31
C HIS A 130 -17.19 -2.71 28.52
N CYS A 131 -17.38 -3.76 27.72
CA CYS A 131 -18.55 -4.61 27.79
C CYS A 131 -18.12 -6.07 27.87
N GLU A 132 -18.88 -6.87 28.65
CA GLU A 132 -18.71 -8.31 28.68
C GLU A 132 -19.38 -8.98 27.50
N VAL A 133 -20.53 -8.45 27.07
CA VAL A 133 -21.26 -8.94 25.90
C VAL A 133 -21.70 -7.72 25.12
N VAL A 134 -21.72 -7.82 23.79
CA VAL A 134 -22.27 -6.78 22.95
C VAL A 134 -23.19 -7.43 21.93
N ILE A 135 -24.37 -6.82 21.73
CA ILE A 135 -25.40 -7.27 20.82
C ILE A 135 -25.47 -6.31 19.64
N ASN A 136 -25.58 -6.85 18.43
CA ASN A 136 -25.77 -6.04 17.21
C ASN A 136 -26.85 -6.69 16.37
N TRP A 137 -28.10 -6.24 16.55
CA TRP A 137 -29.17 -6.83 15.75
C TRP A 137 -29.21 -6.28 14.33
N GLY A 138 -28.32 -5.36 13.96
CA GLY A 138 -28.17 -4.95 12.58
C GLY A 138 -27.09 -5.72 11.83
N GLY A 139 -26.45 -6.69 12.47
CA GLY A 139 -25.37 -7.42 11.84
C GLY A 139 -25.66 -8.91 11.73
N GLY A 140 -24.67 -9.70 11.32
CA GLY A 140 -24.85 -11.15 11.23
C GLY A 140 -24.91 -11.68 9.80
N TRP A 141 -24.27 -10.98 8.86
CA TRP A 141 -24.45 -11.26 7.42
C TRP A 141 -23.42 -12.31 6.97
N HIS A 142 -23.74 -13.59 7.28
CA HIS A 142 -22.73 -14.64 7.26
C HIS A 142 -22.42 -15.21 5.87
N HIS A 143 -23.19 -14.87 4.83
CA HIS A 143 -22.99 -15.50 3.53
C HIS A 143 -22.01 -14.77 2.62
N ALA A 144 -21.68 -13.52 2.89
CA ALA A 144 -20.86 -12.75 1.97
C ALA A 144 -19.44 -13.30 1.92
N LYS A 145 -18.86 -13.31 0.72
CA LYS A 145 -17.53 -13.84 0.46
C LYS A 145 -16.58 -12.71 0.10
N ARG A 146 -15.29 -13.06 0.01
CA ARG A 146 -14.25 -12.08 -0.28
C ARG A 146 -14.64 -11.17 -1.45
N SER A 147 -15.13 -11.75 -2.56
CA SER A 147 -15.45 -10.98 -3.75
C SER A 147 -16.81 -11.34 -4.30
N GLU A 148 -17.76 -11.67 -3.43
CA GLU A 148 -19.05 -12.15 -3.91
C GLU A 148 -20.13 -11.85 -2.88
N ALA A 149 -21.23 -11.22 -3.33
CA ALA A 149 -22.42 -11.12 -2.50
C ALA A 149 -23.19 -12.44 -2.57
N SER A 150 -23.93 -12.75 -1.50
CA SER A 150 -24.65 -14.02 -1.46
C SER A 150 -25.75 -13.97 -0.42
N GLY A 151 -26.94 -14.46 -0.77
CA GLY A 151 -28.05 -14.49 0.18
C GLY A 151 -28.37 -13.20 0.91
N PHE A 152 -28.53 -12.13 0.13
N PHE A 152 -28.53 -12.11 0.16
CA PHE A 152 -28.71 -10.74 0.60
CA PHE A 152 -28.81 -10.79 0.70
C PHE A 152 -27.70 -10.34 1.67
C PHE A 152 -27.70 -10.29 1.63
N CYS A 153 -26.51 -10.91 1.58
CA CYS A 153 -25.35 -10.48 2.37
C CYS A 153 -24.36 -9.84 1.41
N TYR A 154 -24.00 -8.58 1.65
CA TYR A 154 -23.08 -7.89 0.76
C TYR A 154 -21.67 -7.74 1.33
N LEU A 155 -21.55 -7.46 2.61
CA LEU A 155 -20.26 -7.35 3.27
C LEU A 155 -20.32 -8.22 4.52
N ASN A 156 -19.26 -8.97 4.78
CA ASN A 156 -19.33 -9.93 5.88
C ASN A 156 -18.84 -9.26 7.17
N ASP A 157 -19.79 -8.65 7.88
CA ASP A 157 -19.47 -7.98 9.14
C ASP A 157 -18.93 -8.96 10.16
N ILE A 158 -19.37 -10.23 10.11
CA ILE A 158 -18.93 -11.22 11.09
C ILE A 158 -17.44 -11.51 10.94
N VAL A 159 -17.03 -11.83 9.71
CA VAL A 159 -15.61 -12.11 9.45
C VAL A 159 -14.74 -10.93 9.88
N LEU A 160 -15.17 -9.71 9.55
CA LEU A 160 -14.36 -8.55 9.91
C LEU A 160 -14.30 -8.35 11.42
N ALA A 161 -15.41 -8.59 12.11
CA ALA A 161 -15.41 -8.53 13.57
C ALA A 161 -14.48 -9.59 14.15
N ILE A 162 -14.58 -10.82 13.65
CA ILE A 162 -13.74 -11.90 14.19
C ILE A 162 -12.28 -11.60 13.94
N HIS A 163 -11.94 -11.09 12.76
CA HIS A 163 -10.56 -10.74 12.46
C HIS A 163 -10.03 -9.69 13.43
N ARG A 164 -10.85 -8.71 13.80
CA ARG A 164 -10.43 -7.75 14.80
C ARG A 164 -10.23 -8.42 16.15
N LEU A 165 -11.08 -9.40 16.49
CA LEU A 165 -10.92 -10.11 17.76
C LEU A 165 -9.64 -10.96 17.78
N VAL A 166 -9.44 -11.79 16.75
CA VAL A 166 -8.30 -12.71 16.79
C VAL A 166 -6.98 -11.95 16.76
N SER A 167 -6.98 -10.75 16.17
CA SER A 167 -5.77 -9.97 16.03
C SER A 167 -5.55 -9.02 17.21
N SER A 168 -6.27 -9.23 18.30
CA SER A 168 -6.17 -8.35 19.47
C SER A 168 -5.05 -8.80 20.39
N GLN A 178 -2.33 -16.08 23.18
CA GLN A 178 -2.84 -17.04 22.21
C GLN A 178 -4.36 -16.90 22.04
N THR A 179 -4.78 -16.02 21.14
CA THR A 179 -6.19 -15.69 21.02
C THR A 179 -6.90 -16.69 20.13
N ARG A 180 -7.99 -17.27 20.64
CA ARG A 180 -8.84 -18.16 19.88
CA ARG A 180 -8.84 -18.16 19.88
C ARG A 180 -10.28 -17.68 19.97
N VAL A 181 -10.99 -17.76 18.85
CA VAL A 181 -12.39 -17.37 18.77
C VAL A 181 -13.20 -18.62 18.42
N LEU A 182 -14.29 -18.83 19.15
CA LEU A 182 -15.29 -19.83 18.77
C LEU A 182 -16.47 -19.10 18.14
N TYR A 183 -16.79 -19.47 16.90
CA TYR A 183 -17.94 -18.92 16.19
C TYR A 183 -19.06 -19.94 16.17
N VAL A 184 -20.25 -19.53 16.62
CA VAL A 184 -21.44 -20.39 16.70
C VAL A 184 -22.53 -19.77 15.84
N ASP A 185 -23.03 -20.53 14.87
CA ASP A 185 -23.95 -20.00 13.85
C ASP A 185 -25.28 -20.73 14.00
N LEU A 186 -26.29 -20.03 14.55
CA LEU A 186 -27.58 -20.63 14.86
C LEU A 186 -28.63 -20.41 13.79
N ASP A 187 -28.29 -19.70 12.73
CA ASP A 187 -29.20 -19.45 11.62
C ASP A 187 -29.72 -20.75 10.99
N LEU A 188 -30.92 -20.69 10.40
CA LEU A 188 -31.43 -21.82 9.64
C LEU A 188 -30.46 -22.26 8.53
N HIS A 189 -29.68 -21.33 7.99
CA HIS A 189 -28.80 -21.63 6.87
C HIS A 189 -27.37 -21.82 7.33
N HIS A 190 -26.65 -22.67 6.59
CA HIS A 190 -25.21 -22.84 6.81
C HIS A 190 -24.45 -21.51 6.73
N GLY A 191 -23.57 -21.28 7.71
CA GLY A 191 -22.73 -20.11 7.73
C GLY A 191 -21.50 -20.25 6.86
N ASP A 192 -21.71 -20.30 5.54
CA ASP A 192 -20.65 -20.66 4.60
C ASP A 192 -19.58 -19.58 4.47
N GLY A 193 -19.98 -18.30 4.45
CA GLY A 193 -19.00 -17.24 4.27
C GLY A 193 -17.99 -17.16 5.40
N VAL A 194 -18.47 -17.30 6.64
CA VAL A 194 -17.56 -17.26 7.79
C VAL A 194 -16.69 -18.52 7.85
N GLU A 195 -17.31 -19.69 7.61
CA GLU A 195 -16.55 -20.93 7.55
C GLU A 195 -15.42 -20.86 6.53
N GLU A 196 -15.74 -20.38 5.32
CA GLU A 196 -14.76 -20.28 4.24
C GLU A 196 -13.63 -19.32 4.61
N ALA A 197 -13.96 -18.17 5.21
CA ALA A 197 -12.94 -17.17 5.50
C ALA A 197 -11.88 -17.74 6.43
N PHE A 198 -12.25 -18.66 7.32
CA PHE A 198 -11.37 -19.16 8.35
C PHE A 198 -11.04 -20.64 8.13
N TRP A 199 -11.25 -21.13 6.90
CA TRP A 199 -11.04 -22.54 6.55
C TRP A 199 -9.63 -23.03 6.87
N TYR A 200 -8.63 -22.15 6.75
CA TYR A 200 -7.23 -22.49 6.96
C TYR A 200 -6.70 -22.02 8.31
N SER A 201 -7.57 -21.52 9.18
CA SER A 201 -7.12 -20.93 10.43
CA SER A 201 -7.14 -20.91 10.44
C SER A 201 -7.55 -21.79 11.61
N PRO A 202 -6.61 -22.41 12.34
CA PRO A 202 -7.00 -23.16 13.54
C PRO A 202 -7.48 -22.28 14.70
N ARG A 203 -7.18 -20.98 14.69
CA ARG A 203 -7.50 -20.12 15.82
C ARG A 203 -8.92 -19.57 15.81
N VAL A 204 -9.64 -19.70 14.69
CA VAL A 204 -11.07 -19.41 14.64
C VAL A 204 -11.75 -20.73 14.35
N VAL A 205 -12.39 -21.30 15.35
CA VAL A 205 -13.16 -22.54 15.16
C VAL A 205 -14.60 -22.15 14.88
N THR A 206 -15.14 -22.63 13.77
CA THR A 206 -16.50 -22.31 13.38
C THR A 206 -17.41 -23.51 13.60
N PHE A 207 -18.64 -23.25 13.99
CA PHE A 207 -19.61 -24.32 14.24
C PHE A 207 -20.97 -23.82 13.78
N SER A 208 -21.54 -24.46 12.77
CA SER A 208 -22.84 -24.08 12.26
C SER A 208 -23.81 -25.25 12.43
N VAL A 209 -24.99 -24.96 13.00
CA VAL A 209 -26.11 -25.90 12.99
C VAL A 209 -27.16 -25.31 12.05
N HIS A 210 -27.75 -26.15 11.20
CA HIS A 210 -28.55 -25.60 10.11
C HIS A 210 -29.36 -26.73 9.49
N HIS A 211 -30.33 -26.35 8.67
CA HIS A 211 -30.95 -27.32 7.79
C HIS A 211 -30.09 -27.49 6.54
N ALA A 212 -30.00 -28.73 6.05
CA ALA A 212 -29.44 -28.99 4.72
C ALA A 212 -30.24 -30.09 4.05
N SER A 213 -30.48 -29.91 2.77
CA SER A 213 -31.21 -30.89 1.97
C SER A 213 -31.00 -30.51 0.50
N PRO A 214 -31.30 -31.43 -0.44
CA PRO A 214 -30.99 -31.15 -1.85
C PRO A 214 -31.74 -29.93 -2.37
N GLY A 215 -30.97 -28.99 -2.94
CA GLY A 215 -31.51 -27.76 -3.48
C GLY A 215 -31.68 -26.64 -2.47
N PHE A 216 -31.44 -26.89 -1.20
CA PHE A 216 -31.63 -25.88 -0.16
C PHE A 216 -30.39 -25.00 -0.02
N PHE A 217 -30.59 -23.70 0.00
CA PHE A 217 -29.51 -22.71 0.09
C PHE A 217 -28.73 -22.80 1.39
N PRO A 218 -27.40 -22.65 1.34
CA PRO A 218 -26.52 -22.44 0.16
C PRO A 218 -25.94 -23.74 -0.37
N GLY A 219 -26.27 -24.86 0.27
CA GLY A 219 -25.89 -26.16 -0.23
C GLY A 219 -24.77 -26.84 0.52
N THR A 220 -24.02 -26.10 1.33
CA THR A 220 -22.85 -26.61 2.04
C THR A 220 -23.20 -26.96 3.49
N GLY A 221 -22.18 -27.31 4.29
CA GLY A 221 -22.42 -27.71 5.66
C GLY A 221 -22.93 -29.12 5.82
N THR A 222 -22.65 -29.98 4.86
CA THR A 222 -23.16 -31.35 4.91
C THR A 222 -22.22 -32.27 4.13
N TRP A 223 -22.59 -33.56 4.05
CA TRP A 223 -21.78 -34.54 3.33
C TRP A 223 -21.47 -34.03 1.93
N ASN A 224 -20.23 -34.27 1.51
CA ASN A 224 -19.68 -33.66 0.30
C ASN A 224 -19.48 -34.68 -0.83
N LYS A 230 -17.40 -45.11 -2.46
CA LYS A 230 -16.86 -44.21 -1.45
C LYS A 230 -17.98 -43.49 -0.69
N LEU A 231 -18.07 -43.74 0.61
CA LEU A 231 -18.98 -42.94 1.42
C LEU A 231 -18.54 -41.48 1.32
N PRO A 232 -19.39 -40.57 0.86
CA PRO A 232 -19.00 -39.16 0.85
C PRO A 232 -18.63 -38.70 2.25
N ILE A 233 -17.90 -37.60 2.31
CA ILE A 233 -17.23 -37.22 3.54
C ILE A 233 -17.66 -35.81 3.94
N PHE A 234 -17.41 -35.50 5.21
CA PHE A 234 -17.54 -34.15 5.72
C PHE A 234 -16.17 -33.46 5.62
N LEU A 235 -16.07 -32.44 4.79
CA LEU A 235 -14.90 -31.56 4.86
C LEU A 235 -14.95 -30.72 6.13
N ASN A 236 -13.78 -30.36 6.67
CA ASN A 236 -13.78 -29.71 7.98
C ASN A 236 -12.60 -28.76 8.18
N GLY A 237 -12.08 -28.17 7.10
CA GLY A 237 -10.92 -27.30 7.23
C GLY A 237 -9.74 -27.87 6.46
N ALA A 238 -8.72 -27.05 6.25
CA ALA A 238 -7.59 -27.49 5.43
C ALA A 238 -6.32 -26.84 5.96
N GLY A 239 -5.20 -27.44 5.60
CA GLY A 239 -3.90 -26.96 6.08
C GLY A 239 -3.83 -27.01 7.59
N ARG A 240 -3.28 -25.95 8.18
CA ARG A 240 -3.27 -25.89 9.63
C ARG A 240 -4.66 -25.75 10.22
N GLY A 241 -5.67 -25.46 9.38
CA GLY A 241 -7.04 -25.40 9.83
C GLY A 241 -7.81 -26.71 9.74
N ARG A 242 -7.16 -27.82 9.42
CA ARG A 242 -7.89 -29.09 9.35
C ARG A 242 -8.58 -29.38 10.68
N PHE A 243 -9.81 -29.90 10.61
CA PHE A 243 -10.68 -30.25 11.74
C PHE A 243 -11.22 -29.03 12.49
N SER A 244 -11.01 -27.82 11.99
CA SER A 244 -11.41 -26.61 12.71
C SER A 244 -12.75 -26.04 12.23
N ALA A 245 -13.43 -26.70 11.29
CA ALA A 245 -14.74 -26.25 10.83
C ALA A 245 -15.77 -27.34 11.11
N PHE A 246 -16.74 -27.03 11.97
CA PHE A 246 -17.71 -27.98 12.49
C PHE A 246 -19.10 -27.67 11.93
N ASN A 247 -19.86 -28.72 11.63
CA ASN A 247 -21.17 -28.58 11.04
C ASN A 247 -22.12 -29.65 11.58
N LEU A 248 -23.35 -29.23 11.86
CA LEU A 248 -24.43 -30.15 12.23
C LEU A 248 -25.65 -29.88 11.38
N PRO A 249 -25.84 -30.62 10.29
CA PRO A 249 -27.07 -30.46 9.48
C PRO A 249 -28.20 -31.29 10.06
N LEU A 250 -29.39 -30.69 10.09
CA LEU A 250 -30.54 -31.29 10.75
C LEU A 250 -31.72 -31.39 9.80
N GLU A 251 -32.54 -32.42 10.00
CA GLU A 251 -33.71 -32.62 9.16
C GLU A 251 -34.79 -31.59 9.48
N GLU A 252 -35.65 -31.33 8.48
CA GLU A 252 -36.72 -30.38 8.71
C GLU A 252 -37.69 -30.89 9.78
N GLY A 253 -38.31 -29.95 10.48
CA GLY A 253 -39.34 -30.25 11.46
C GLY A 253 -38.88 -30.30 12.90
N ILE A 254 -37.59 -30.10 13.17
CA ILE A 254 -37.08 -30.33 14.52
C ILE A 254 -37.64 -29.28 15.48
N ASN A 255 -37.89 -29.70 16.73
CA ASN A 255 -38.48 -28.82 17.74
C ASN A 255 -37.42 -28.32 18.71
N ASP A 256 -37.87 -27.52 19.68
CA ASP A 256 -36.94 -26.88 20.63
C ASP A 256 -36.09 -27.91 21.35
N LEU A 257 -36.74 -28.94 21.89
CA LEU A 257 -36.05 -29.91 22.75
C LEU A 257 -35.02 -30.73 21.97
N ASP A 258 -35.39 -31.23 20.79
CA ASP A 258 -34.47 -32.06 20.03
C ASP A 258 -33.31 -31.23 19.46
N TRP A 259 -33.58 -29.98 19.07
CA TRP A 259 -32.50 -29.10 18.61
C TRP A 259 -31.55 -28.77 19.76
N SER A 260 -32.10 -28.50 20.95
CA SER A 260 -31.28 -28.22 22.13
C SER A 260 -30.42 -29.42 22.52
N ASN A 261 -31.03 -30.61 22.56
CA ASN A 261 -30.25 -31.81 22.89
C ASN A 261 -29.21 -32.11 21.82
N ALA A 262 -29.50 -31.76 20.56
CA ALA A 262 -28.54 -31.98 19.50
C ALA A 262 -27.31 -31.08 19.64
N ILE A 263 -27.50 -29.79 19.95
CA ILE A 263 -26.36 -28.89 19.97
C ILE A 263 -25.74 -28.70 21.34
N GLY A 264 -26.48 -28.99 22.41
CA GLY A 264 -26.03 -28.71 23.76
C GLY A 264 -24.68 -29.33 24.12
N PRO A 265 -24.57 -30.65 23.95
CA PRO A 265 -23.28 -31.30 24.23
C PRO A 265 -22.15 -30.85 23.32
N ILE A 266 -22.43 -30.55 22.05
CA ILE A 266 -21.40 -30.05 21.15
C ILE A 266 -20.86 -28.71 21.64
N LEU A 267 -21.76 -27.79 22.01
CA LEU A 267 -21.32 -26.49 22.50
C LEU A 267 -20.42 -26.65 23.72
N ASP A 268 -20.83 -27.48 24.68
CA ASP A 268 -20.03 -27.64 25.88
C ASP A 268 -18.67 -28.26 25.57
N SER A 269 -18.65 -29.24 24.67
CA SER A 269 -17.38 -29.87 24.30
C SER A 269 -16.44 -28.88 23.61
N LEU A 270 -16.98 -28.05 22.72
CA LEU A 270 -16.16 -27.05 22.03
C LEU A 270 -15.54 -26.07 23.02
N ASN A 271 -16.33 -25.62 24.00
CA ASN A 271 -15.81 -24.67 24.97
C ASN A 271 -14.72 -25.30 25.84
N ILE A 272 -14.93 -26.55 26.26
CA ILE A 272 -13.95 -27.22 27.13
C ILE A 272 -12.62 -27.40 26.40
N VAL A 273 -12.67 -27.85 25.15
CA VAL A 273 -11.45 -28.18 24.43
C VAL A 273 -10.78 -26.92 23.88
N ILE A 274 -11.56 -26.02 23.28
CA ILE A 274 -10.96 -24.85 22.64
C ILE A 274 -10.54 -23.79 23.67
N GLN A 275 -11.26 -23.66 24.78
CA GLN A 275 -11.08 -22.58 25.74
C GLN A 275 -10.97 -21.24 25.03
N PRO A 276 -12.03 -20.81 24.34
CA PRO A 276 -11.94 -19.59 23.52
C PRO A 276 -11.79 -18.32 24.35
N SER A 277 -11.09 -17.36 23.75
CA SER A 277 -10.95 -16.01 24.30
C SER A 277 -12.20 -15.18 24.05
N TYR A 278 -12.87 -15.41 22.93
CA TYR A 278 -14.12 -14.73 22.58
C TYR A 278 -15.04 -15.76 21.92
N VAL A 279 -16.34 -15.55 22.10
CA VAL A 279 -17.38 -16.27 21.38
C VAL A 279 -18.16 -15.27 20.55
N VAL A 280 -18.45 -15.65 19.30
CA VAL A 280 -19.26 -14.83 18.41
C VAL A 280 -20.42 -15.71 17.99
N VAL A 281 -21.65 -15.25 18.26
CA VAL A 281 -22.86 -16.03 18.00
C VAL A 281 -23.67 -15.32 16.94
N GLN A 282 -24.01 -16.03 15.87
CA GLN A 282 -24.96 -15.54 14.89
C GLN A 282 -26.30 -16.13 15.30
N CYS A 283 -27.30 -15.28 15.49
CA CYS A 283 -28.58 -15.70 16.04
CA CYS A 283 -28.59 -15.68 16.03
C CYS A 283 -29.72 -15.44 15.04
N GLY A 284 -29.50 -15.75 13.77
CA GLY A 284 -30.57 -15.64 12.79
C GLY A 284 -31.86 -16.29 13.25
N ALA A 285 -32.98 -15.62 13.03
CA ALA A 285 -34.27 -16.01 13.61
C ALA A 285 -35.09 -16.89 12.69
N ASP A 286 -34.50 -17.41 11.62
CA ASP A 286 -35.33 -18.14 10.65
C ASP A 286 -35.57 -19.59 11.03
N CYS A 287 -35.10 -20.06 12.20
CA CYS A 287 -35.49 -21.38 12.67
C CYS A 287 -36.82 -21.37 13.40
N LEU A 288 -37.40 -20.19 13.61
CA LEU A 288 -38.71 -20.10 14.27
C LEU A 288 -39.75 -20.86 13.46
N ALA A 289 -40.66 -21.51 14.20
CA ALA A 289 -41.75 -22.24 13.58
C ALA A 289 -42.61 -21.35 12.70
N THR A 290 -42.69 -20.07 13.01
CA THR A 290 -43.48 -19.09 12.29
C THR A 290 -42.69 -18.35 11.21
N ASP A 291 -41.42 -18.68 10.99
CA ASP A 291 -40.72 -18.09 9.86
C ASP A 291 -41.36 -18.59 8.57
N PRO A 292 -41.47 -17.74 7.54
CA PRO A 292 -42.06 -18.22 6.28
C PRO A 292 -41.26 -19.34 5.62
N HIS A 293 -40.00 -19.55 5.98
CA HIS A 293 -39.30 -20.76 5.53
C HIS A 293 -40.05 -22.02 5.97
N ARG A 294 -40.61 -21.99 7.18
CA ARG A 294 -41.31 -23.13 7.79
C ARG A 294 -40.52 -24.42 7.62
N ILE A 295 -39.32 -24.42 8.20
CA ILE A 295 -38.43 -25.59 8.16
C ILE A 295 -38.27 -26.21 9.54
N PHE A 296 -37.70 -25.47 10.49
CA PHE A 296 -37.63 -25.90 11.87
C PHE A 296 -38.83 -25.39 12.64
N ARG A 297 -39.00 -25.89 13.86
CA ARG A 297 -40.12 -25.52 14.72
C ARG A 297 -39.63 -24.98 16.06
N LEU A 298 -38.60 -24.13 16.05
CA LEU A 298 -38.15 -23.51 17.28
C LEU A 298 -39.11 -22.38 17.69
N THR A 299 -39.05 -22.03 18.98
CA THR A 299 -39.88 -20.96 19.50
C THR A 299 -39.00 -19.92 20.21
N ASN A 300 -39.67 -18.90 20.74
CA ASN A 300 -39.09 -17.97 21.70
C ASN A 300 -39.62 -18.19 23.11
N PHE A 301 -40.14 -19.39 23.40
CA PHE A 301 -40.82 -19.61 24.67
C PHE A 301 -39.80 -19.64 25.80
N TYR A 302 -40.20 -19.11 26.96
CA TYR A 302 -39.32 -19.04 28.12
C TYR A 302 -40.16 -19.37 29.36
N PRO A 303 -40.29 -20.65 29.70
CA PRO A 303 -41.16 -21.06 30.82
C PRO A 303 -40.65 -20.62 32.19
N SER A 316 -41.51 -26.34 27.33
CA SER A 316 -40.87 -26.10 26.04
C SER A 316 -40.02 -24.82 26.07
N LEU A 317 -38.70 -24.97 26.22
CA LEU A 317 -37.78 -23.84 26.29
C LEU A 317 -37.18 -23.59 24.91
N SER A 318 -37.31 -22.35 24.43
CA SER A 318 -36.73 -21.93 23.16
C SER A 318 -35.31 -22.44 22.98
N GLY A 319 -35.06 -23.17 21.89
CA GLY A 319 -33.71 -23.60 21.60
C GLY A 319 -32.71 -22.45 21.56
N TYR A 320 -33.13 -21.31 21.00
CA TYR A 320 -32.27 -20.13 20.97
C TYR A 320 -31.87 -19.71 22.37
N LEU A 321 -32.85 -19.55 23.27
CA LEU A 321 -32.57 -19.12 24.63
C LEU A 321 -31.75 -20.16 25.38
N TYR A 322 -32.02 -21.46 25.13
CA TYR A 322 -31.19 -22.52 25.71
C TYR A 322 -29.74 -22.37 25.30
N ALA A 323 -29.49 -22.15 24.01
CA ALA A 323 -28.11 -22.07 23.53
C ALA A 323 -27.42 -20.82 24.03
N ILE A 324 -28.11 -19.68 23.99
CA ILE A 324 -27.51 -18.43 24.47
C ILE A 324 -27.21 -18.53 25.95
N LYS A 325 -28.13 -19.09 26.74
CA LYS A 325 -27.88 -19.23 28.17
C LYS A 325 -26.64 -20.06 28.43
N LYS A 326 -26.52 -21.18 27.71
CA LYS A 326 -25.36 -22.05 27.88
C LYS A 326 -24.06 -21.34 27.50
N ILE A 327 -24.05 -20.68 26.33
CA ILE A 327 -22.84 -19.94 25.93
C ILE A 327 -22.48 -18.89 26.97
N LEU A 328 -23.47 -18.12 27.45
CA LEU A 328 -23.18 -17.08 28.41
C LEU A 328 -22.71 -17.63 29.77
N SER A 329 -23.08 -18.86 30.10
CA SER A 329 -22.64 -19.48 31.35
C SER A 329 -21.13 -19.70 31.38
N TRP A 330 -20.47 -19.68 30.23
CA TRP A 330 -19.01 -19.85 30.19
C TRP A 330 -18.26 -18.62 30.68
N LYS A 331 -18.92 -17.47 30.77
CA LYS A 331 -18.29 -16.21 31.19
C LYS A 331 -17.11 -15.83 30.29
N VAL A 332 -17.29 -15.98 28.98
CA VAL A 332 -16.33 -15.58 27.96
C VAL A 332 -16.88 -14.34 27.25
N PRO A 333 -16.09 -13.30 27.00
CA PRO A 333 -16.59 -12.13 26.27
C PRO A 333 -17.21 -12.56 24.95
N THR A 334 -18.46 -12.13 24.71
CA THR A 334 -19.29 -12.67 23.64
C THR A 334 -19.93 -11.57 22.79
N LEU A 335 -19.97 -11.82 21.48
CA LEU A 335 -20.63 -10.96 20.52
C LEU A 335 -21.86 -11.71 20.03
N ILE A 336 -23.04 -11.09 20.16
CA ILE A 336 -24.30 -11.68 19.72
C ILE A 336 -24.79 -10.86 18.52
N LEU A 337 -24.98 -11.53 17.38
CA LEU A 337 -25.37 -10.88 16.13
C LEU A 337 -26.72 -11.40 15.67
N GLY A 338 -27.37 -10.61 14.80
CA GLY A 338 -28.60 -11.03 14.14
C GLY A 338 -28.34 -11.97 12.96
N GLY A 339 -29.09 -11.80 11.89
CA GLY A 339 -28.98 -12.63 10.72
C GLY A 339 -30.34 -12.73 10.04
N GLY A 340 -30.65 -13.94 9.57
CA GLY A 340 -31.93 -14.17 8.91
C GLY A 340 -33.11 -13.92 9.83
N GLY A 341 -34.30 -13.99 9.23
CA GLY A 341 -35.53 -13.79 9.99
C GLY A 341 -36.50 -12.93 9.21
N TYR A 342 -37.45 -13.59 8.56
CA TYR A 342 -38.30 -12.93 7.59
C TYR A 342 -39.73 -12.71 8.12
N ASN A 343 -40.00 -13.15 9.34
CA ASN A 343 -41.21 -12.75 10.07
C ASN A 343 -40.75 -11.64 11.02
N PHE A 344 -40.96 -10.38 10.63
CA PHE A 344 -40.36 -9.27 11.38
C PHE A 344 -40.88 -9.17 12.81
N PRO A 345 -42.20 -9.20 13.07
CA PRO A 345 -42.62 -9.16 14.49
C PRO A 345 -42.12 -10.33 15.31
N ASP A 346 -42.08 -11.55 14.72
CA ASP A 346 -41.62 -12.69 15.51
C ASP A 346 -40.11 -12.67 15.69
N THR A 347 -39.37 -12.10 14.73
CA THR A 347 -37.95 -11.88 14.95
C THR A 347 -37.72 -10.91 16.10
N ALA A 348 -38.47 -9.80 16.14
CA ALA A 348 -38.38 -8.89 17.28
C ALA A 348 -38.76 -9.58 18.58
N ARG A 349 -39.80 -10.41 18.55
CA ARG A 349 -40.19 -11.18 19.73
C ARG A 349 -39.04 -12.03 20.26
N LEU A 350 -38.34 -12.72 19.36
CA LEU A 350 -37.26 -13.59 19.82
C LEU A 350 -36.08 -12.78 20.32
N TRP A 351 -35.64 -11.77 19.55
CA TRP A 351 -34.43 -11.03 19.89
C TRP A 351 -34.63 -10.16 21.12
N THR A 352 -35.87 -9.71 21.37
CA THR A 352 -36.15 -9.03 22.63
C THR A 352 -35.89 -9.97 23.80
N ARG A 353 -36.35 -11.23 23.69
CA ARG A 353 -36.10 -12.18 24.76
C ARG A 353 -34.62 -12.55 24.87
N VAL A 354 -33.91 -12.66 23.73
CA VAL A 354 -32.47 -12.88 23.83
C VAL A 354 -31.82 -11.74 24.58
N THR A 355 -32.25 -10.50 24.31
CA THR A 355 -31.63 -9.34 24.92
C THR A 355 -31.88 -9.32 26.43
N ALA A 356 -33.11 -9.59 26.84
CA ALA A 356 -33.44 -9.68 28.27
C ALA A 356 -32.63 -10.79 28.95
N LEU A 357 -32.51 -11.95 28.31
CA LEU A 357 -31.75 -13.06 28.89
C LEU A 357 -30.28 -12.69 29.07
N THR A 358 -29.71 -11.98 28.10
CA THR A 358 -28.32 -11.58 28.20
C THR A 358 -28.09 -10.64 29.39
N ILE A 359 -28.99 -9.67 29.58
CA ILE A 359 -28.91 -8.80 30.76
C ILE A 359 -28.96 -9.63 32.03
N GLU A 360 -29.93 -10.54 32.13
CA GLU A 360 -30.07 -11.36 33.33
C GLU A 360 -28.80 -12.15 33.62
N GLU A 361 -28.26 -12.83 32.61
CA GLU A 361 -27.14 -13.73 32.84
C GLU A 361 -25.85 -12.98 33.12
N VAL A 362 -25.64 -11.84 32.45
CA VAL A 362 -24.41 -11.08 32.65
C VAL A 362 -24.45 -10.31 33.96
N LYS A 363 -25.53 -9.57 34.21
CA LYS A 363 -25.61 -8.70 35.38
C LYS A 363 -26.12 -9.41 36.63
N GLY A 364 -26.68 -10.61 36.50
CA GLY A 364 -27.25 -11.28 37.66
C GLY A 364 -28.49 -10.59 38.18
N LYS A 365 -29.23 -9.94 37.29
CA LYS A 365 -30.32 -9.04 37.65
C LYS A 365 -31.57 -9.48 36.91
N LYS A 366 -32.62 -9.84 37.65
CA LYS A 366 -33.80 -10.39 37.00
C LYS A 366 -34.45 -9.37 36.08
N MET A 367 -34.88 -9.84 34.91
CA MET A 367 -35.60 -9.02 33.94
C MET A 367 -36.99 -9.60 33.76
N THR A 368 -38.00 -8.89 34.25
CA THR A 368 -39.39 -9.33 34.15
C THR A 368 -40.00 -8.74 32.89
N ILE A 369 -40.56 -9.61 32.06
CA ILE A 369 -41.10 -9.24 30.76
C ILE A 369 -42.58 -9.66 30.70
N SER A 370 -43.48 -8.70 30.54
CA SER A 370 -44.91 -9.01 30.49
C SER A 370 -45.22 -9.86 29.26
N PRO A 371 -46.06 -10.88 29.39
CA PRO A 371 -46.45 -11.68 28.21
C PRO A 371 -47.24 -10.90 27.16
N GLU A 372 -47.70 -9.68 27.48
CA GLU A 372 -48.41 -8.84 26.52
C GLU A 372 -47.49 -7.75 25.98
N ILE A 373 -47.54 -7.56 24.66
CA ILE A 373 -46.75 -6.53 23.97
C ILE A 373 -47.14 -5.17 24.54
N PRO A 374 -46.18 -4.39 25.04
CA PRO A 374 -46.49 -3.04 25.54
C PRO A 374 -46.85 -2.10 24.41
N GLU A 375 -47.59 -1.05 24.76
CA GLU A 375 -47.90 -0.01 23.80
C GLU A 375 -46.63 0.70 23.34
N HIS A 376 -46.54 0.94 22.03
CA HIS A 376 -45.43 1.67 21.42
C HIS A 376 -45.76 1.87 19.94
N SER A 377 -44.81 2.47 19.22
CA SER A 377 -45.03 2.89 17.85
C SER A 377 -45.52 1.76 16.97
N TYR A 378 -44.96 0.56 17.13
CA TYR A 378 -45.23 -0.56 16.24
C TYR A 378 -46.20 -1.58 16.84
N PHE A 379 -46.98 -1.18 17.85
CA PHE A 379 -47.87 -2.11 18.53
C PHE A 379 -48.80 -2.83 17.57
N SER A 380 -49.25 -2.14 16.51
CA SER A 380 -50.22 -2.73 15.61
C SER A 380 -49.64 -3.91 14.83
N ARG A 381 -48.31 -3.96 14.69
CA ARG A 381 -47.66 -5.04 13.93
C ARG A 381 -47.75 -6.39 14.65
N TYR A 382 -48.13 -6.39 15.93
CA TYR A 382 -48.15 -7.60 16.74
C TYR A 382 -49.56 -8.16 16.92
N GLY A 383 -50.53 -7.70 16.13
CA GLY A 383 -51.88 -8.22 16.20
C GLY A 383 -52.02 -9.61 15.60
N PRO A 384 -53.18 -10.25 15.80
CA PRO A 384 -54.36 -9.73 16.49
C PRO A 384 -54.33 -9.94 17.99
N ASP A 385 -53.37 -10.71 18.49
CA ASP A 385 -53.35 -11.12 19.88
C ASP A 385 -52.36 -10.35 20.75
N PHE A 386 -51.30 -9.77 20.16
CA PHE A 386 -50.41 -8.86 20.88
C PHE A 386 -49.74 -9.52 22.08
N GLU A 387 -49.31 -10.76 21.92
CA GLU A 387 -48.56 -11.45 22.95
C GLU A 387 -47.10 -11.61 22.53
N LEU A 388 -46.23 -11.82 23.52
CA LEU A 388 -44.79 -11.93 23.26
C LEU A 388 -44.41 -13.32 22.75
N ASP A 389 -45.02 -14.38 23.29
CA ASP A 389 -44.86 -15.70 22.69
C ASP A 389 -45.28 -15.67 21.23
N ILE A 390 -44.48 -16.30 20.36
CA ILE A 390 -44.95 -16.50 19.00
C ILE A 390 -46.22 -17.37 19.02
N ASP A 391 -47.01 -17.26 17.96
CA ASP A 391 -48.31 -17.94 17.89
C ASP A 391 -48.11 -19.32 17.28
N TYR A 392 -47.74 -20.28 18.14
CA TYR A 392 -47.42 -21.61 17.67
C TYR A 392 -47.70 -22.64 18.75
N PHE A 393 -48.28 -23.77 18.34
CA PHE A 393 -48.59 -24.84 19.29
C PHE A 393 -47.73 -26.06 19.03
N PRO A 394 -46.68 -26.30 19.83
CA PRO A 394 -45.84 -27.49 19.73
C PRO A 394 -46.48 -28.71 20.37
N ASP A 403 -30.79 -41.49 16.26
CA ASP A 403 -29.98 -42.27 15.32
C ASP A 403 -29.09 -41.38 14.46
N SER A 404 -29.74 -40.54 13.64
CA SER A 404 -28.99 -39.59 12.82
C SER A 404 -28.13 -38.69 13.68
N ILE A 405 -28.70 -38.18 14.77
CA ILE A 405 -28.00 -37.22 15.60
C ILE A 405 -26.91 -37.90 16.42
N GLN A 406 -27.16 -39.13 16.87
CA GLN A 406 -26.12 -39.92 17.54
C GLN A 406 -24.91 -40.12 16.63
N LYS A 407 -25.13 -40.38 15.35
CA LYS A 407 -23.99 -40.57 14.44
C LYS A 407 -23.23 -39.27 14.24
N HIS A 408 -23.95 -38.14 14.12
CA HIS A 408 -23.27 -36.85 14.05
C HIS A 408 -22.47 -36.56 15.32
N HIS A 409 -23.01 -36.91 16.49
CA HIS A 409 -22.26 -36.67 17.73
C HIS A 409 -20.96 -37.48 17.76
N ARG A 410 -21.00 -38.74 17.34
CA ARG A 410 -19.76 -39.52 17.31
C ARG A 410 -18.78 -38.93 16.28
N ARG A 411 -19.28 -38.51 15.12
CA ARG A 411 -18.40 -37.89 14.12
C ARG A 411 -17.79 -36.60 14.65
N ILE A 412 -18.60 -35.75 15.30
CA ILE A 412 -18.11 -34.45 15.76
C ILE A 412 -17.11 -34.61 16.90
N LEU A 413 -17.38 -35.59 17.79
CA LEU A 413 -16.47 -35.87 18.89
C LEU A 413 -15.10 -36.33 18.38
N GLU A 414 -15.08 -37.18 17.36
CA GLU A 414 -13.81 -37.59 16.76
C GLU A 414 -13.10 -36.43 16.10
N GLN A 415 -13.84 -35.55 15.40
CA GLN A 415 -13.22 -34.37 14.80
C GLN A 415 -12.62 -33.45 15.86
N LEU A 416 -13.32 -33.28 16.99
CA LEU A 416 -12.79 -32.45 18.06
C LEU A 416 -11.52 -33.05 18.64
N ARG A 417 -11.50 -34.38 18.81
CA ARG A 417 -10.26 -35.04 19.24
C ARG A 417 -9.15 -34.82 18.22
N ASN A 418 -9.49 -34.91 16.92
CA ASN A 418 -8.46 -34.67 15.90
C ASN A 418 -7.99 -33.21 15.93
N TYR A 419 -8.92 -32.27 16.13
CA TYR A 419 -8.51 -30.88 16.26
C TYR A 419 -7.56 -30.70 17.44
N ALA A 420 -7.92 -31.25 18.60
CA ALA A 420 -7.08 -31.11 19.79
C ALA A 420 -5.69 -31.71 19.57
N ASP A 421 -5.62 -32.90 18.95
CA ASP A 421 -4.33 -33.53 18.69
C ASP A 421 -3.48 -32.68 17.74
N LEU A 422 -4.08 -32.22 16.65
CA LEU A 422 -3.34 -31.45 15.67
C LEU A 422 -2.78 -30.16 16.27
N ASN A 423 -3.52 -29.56 17.21
CA ASN A 423 -3.19 -28.25 17.75
C ASN A 423 -2.58 -28.30 19.16
N LYS A 424 -2.11 -29.47 19.60
CA LYS A 424 -1.42 -29.64 20.89
C LYS A 424 -2.26 -29.18 22.08
N LEU A 425 -3.57 -29.35 22.01
CA LEU A 425 -4.45 -28.97 23.11
C LEU A 425 -4.67 -30.16 24.03
N ILE A 426 -4.72 -29.89 25.34
CA ILE A 426 -4.85 -30.93 26.35
C ILE A 426 -6.21 -30.80 27.02
N TYR A 427 -6.82 -31.95 27.34
CA TYR A 427 -8.16 -32.05 27.88
C TYR A 427 -8.43 -33.52 28.18
N ASP A 428 -9.26 -33.81 29.18
CA ASP A 428 -9.58 -35.21 29.46
C ASP A 428 -10.67 -35.68 28.50
N TYR A 429 -10.32 -36.68 27.68
CA TYR A 429 -11.25 -37.19 26.67
C TYR A 429 -12.55 -37.67 27.30
N ASP A 430 -12.51 -38.18 28.52
CA ASP A 430 -13.68 -38.83 29.10
C ASP A 430 -14.63 -37.88 29.81
N GLN A 431 -14.14 -36.74 30.30
CA GLN A 431 -15.07 -35.68 30.69
C GLN A 431 -15.82 -35.14 29.48
N VAL A 432 -15.17 -35.10 28.32
CA VAL A 432 -15.82 -34.62 27.11
C VAL A 432 -16.78 -35.67 26.57
N TYR A 433 -16.32 -36.92 26.49
CA TYR A 433 -17.19 -38.01 26.04
C TYR A 433 -18.42 -38.14 26.92
N GLN A 434 -18.27 -37.91 28.24
CA GLN A 434 -19.39 -38.02 29.16
C GLN A 434 -20.51 -37.04 28.82
N LEU A 435 -20.16 -35.87 28.26
CA LEU A 435 -21.18 -34.89 27.90
C LEU A 435 -22.22 -35.47 26.95
N TYR A 436 -21.78 -36.30 26.01
CA TYR A 436 -22.69 -36.93 25.05
C TYR A 436 -23.29 -38.20 25.65
N SER B 3 -12.68 47.71 15.34
CA SER B 3 -12.11 46.98 16.46
C SER B 3 -12.21 45.48 16.21
N VAL B 4 -11.07 44.79 16.16
CA VAL B 4 -11.04 43.34 16.04
C VAL B 4 -10.76 42.75 17.41
N GLY B 5 -11.69 41.94 17.91
CA GLY B 5 -11.52 41.29 19.21
C GLY B 5 -10.92 39.90 19.06
N ILE B 6 -10.24 39.45 20.12
CA ILE B 6 -9.80 38.07 20.21
C ILE B 6 -9.94 37.60 21.65
N VAL B 7 -10.49 36.40 21.83
CA VAL B 7 -10.76 35.85 23.16
C VAL B 7 -9.49 35.23 23.72
N TYR B 8 -9.07 35.70 24.90
CA TYR B 8 -7.90 35.14 25.58
CA TYR B 8 -7.95 35.07 25.59
C TYR B 8 -7.94 35.51 27.05
N GLY B 9 -7.23 34.71 27.84
CA GLY B 9 -7.01 34.98 29.26
C GLY B 9 -6.10 33.91 29.81
N ASP B 10 -5.51 34.20 30.98
CA ASP B 10 -4.57 33.24 31.59
C ASP B 10 -5.26 31.92 31.93
N GLN B 11 -6.37 31.98 32.66
CA GLN B 11 -7.06 30.75 33.02
C GLN B 11 -7.73 30.13 31.79
N TYR B 12 -8.23 30.96 30.87
CA TYR B 12 -8.79 30.44 29.63
C TYR B 12 -7.77 29.60 28.87
N ARG B 13 -6.54 30.11 28.73
CA ARG B 13 -5.50 29.34 28.08
C ARG B 13 -5.26 28.00 28.77
N GLN B 14 -5.19 28.00 30.10
CA GLN B 14 -4.95 26.76 30.82
C GLN B 14 -6.06 25.75 30.54
N LEU B 15 -7.31 26.19 30.59
CA LEU B 15 -8.41 25.25 30.38
C LEU B 15 -8.45 24.76 28.94
N CYS B 16 -8.28 25.68 27.98
CA CYS B 16 -8.27 25.27 26.58
C CYS B 16 -7.14 24.30 26.24
N CYS B 17 -6.08 24.25 27.07
CA CYS B 17 -4.97 23.33 26.85
C CYS B 17 -5.02 22.09 27.74
N SER B 18 -6.15 21.83 28.39
CA SER B 18 -6.21 20.76 29.38
C SER B 18 -6.82 19.46 28.85
N SER B 19 -7.17 19.39 27.54
CA SER B 19 -7.82 18.17 27.05
C SER B 19 -6.81 17.19 26.45
N PRO B 20 -7.07 15.89 26.57
CA PRO B 20 -6.15 14.91 25.95
C PRO B 20 -6.10 14.99 24.43
N LYS B 21 -7.21 15.34 23.78
CA LYS B 21 -7.23 15.33 22.32
C LYS B 21 -6.52 16.54 21.72
N PHE B 22 -6.78 17.73 22.23
CA PHE B 22 -6.21 18.92 21.60
C PHE B 22 -4.98 19.46 22.34
N GLY B 23 -4.57 18.84 23.43
CA GLY B 23 -3.30 19.18 24.09
C GLY B 23 -3.05 20.68 24.16
N ASP B 24 -1.86 21.12 23.73
CA ASP B 24 -1.50 22.54 23.82
C ASP B 24 -1.75 23.31 22.53
N ARG B 25 -2.66 22.84 21.66
CA ARG B 25 -2.85 23.52 20.36
C ARG B 25 -3.17 25.00 20.56
N TYR B 26 -4.07 25.32 21.50
CA TYR B 26 -4.50 26.70 21.70
C TYR B 26 -3.32 27.60 22.07
N ALA B 27 -2.40 27.07 22.88
CA ALA B 27 -1.21 27.81 23.26
C ALA B 27 -0.32 28.11 22.04
N LEU B 28 -0.10 27.11 21.18
CA LEU B 28 0.69 27.38 19.98
C LEU B 28 0.04 28.46 19.13
N VAL B 29 -1.29 28.37 18.93
CA VAL B 29 -1.99 29.35 18.11
C VAL B 29 -1.79 30.75 18.69
N MET B 30 -2.12 30.93 19.96
CA MET B 30 -2.08 32.28 20.52
C MET B 30 -0.64 32.79 20.63
N ASP B 31 0.32 31.89 20.91
CA ASP B 31 1.71 32.33 21.02
C ASP B 31 2.32 32.66 19.66
N LEU B 32 1.84 32.03 18.58
CA LEU B 32 2.34 32.43 17.26
C LEU B 32 1.76 33.77 16.87
N ILE B 33 0.49 33.99 17.20
CA ILE B 33 -0.12 35.30 16.99
C ILE B 33 0.65 36.37 17.77
N ASN B 34 1.02 36.05 19.01
CA ASN B 34 1.81 36.97 19.84
C ASN B 34 3.22 37.17 19.26
N ALA B 35 3.84 36.09 18.77
CA ALA B 35 5.21 36.21 18.28
C ALA B 35 5.28 37.08 17.04
N TYR B 36 4.23 37.10 16.22
CA TYR B 36 4.15 37.96 15.06
C TYR B 36 3.70 39.39 15.40
N LYS B 37 3.64 39.73 16.69
CA LYS B 37 3.33 41.08 17.17
C LYS B 37 1.91 41.50 16.78
N LEU B 38 1.00 40.55 16.67
CA LEU B 38 -0.38 40.89 16.33
C LEU B 38 -1.22 41.26 17.55
N ILE B 39 -0.82 40.82 18.75
CA ILE B 39 -1.65 41.02 19.94
C ILE B 39 -1.91 42.50 20.21
N PRO B 40 -0.93 43.42 20.06
CA PRO B 40 -1.24 44.85 20.28
C PRO B 40 -2.24 45.44 19.29
N GLU B 41 -2.52 44.77 18.18
CA GLU B 41 -3.53 45.25 17.24
C GLU B 41 -4.95 44.83 17.63
N LEU B 42 -5.10 43.92 18.58
CA LEU B 42 -6.38 43.27 18.87
C LEU B 42 -6.88 43.67 20.25
N SER B 43 -8.20 43.65 20.39
CA SER B 43 -8.88 43.97 21.64
C SER B 43 -9.14 42.66 22.37
N ARG B 44 -8.54 42.49 23.55
CA ARG B 44 -8.76 41.25 24.31
C ARG B 44 -10.21 41.20 24.77
N VAL B 45 -10.90 40.12 24.43
CA VAL B 45 -12.27 39.90 24.87
C VAL B 45 -12.24 38.86 25.99
N PRO B 46 -12.54 39.22 27.23
CA PRO B 46 -12.43 38.25 28.32
C PRO B 46 -13.56 37.24 28.27
N PRO B 47 -13.30 35.98 28.56
CA PRO B 47 -14.40 35.01 28.61
C PRO B 47 -15.45 35.40 29.65
N LEU B 48 -16.71 35.08 29.33
CA LEU B 48 -17.82 35.38 30.23
C LEU B 48 -17.73 34.56 31.51
N GLN B 49 -17.90 35.23 32.66
CA GLN B 49 -18.07 34.53 33.92
C GLN B 49 -19.40 34.94 34.54
N TRP B 50 -19.91 34.08 35.42
CA TRP B 50 -21.28 34.25 35.91
C TRP B 50 -21.28 34.58 37.40
N ASP B 51 -22.43 35.09 37.84
CA ASP B 51 -22.65 35.48 39.23
C ASP B 51 -23.00 34.31 40.15
N SER B 52 -23.33 33.14 39.61
CA SER B 52 -23.76 32.02 40.42
C SER B 52 -23.75 30.76 39.57
N PRO B 53 -23.65 29.58 40.20
CA PRO B 53 -23.89 28.34 39.46
C PRO B 53 -25.22 28.32 38.71
N SER B 54 -26.28 28.88 39.28
CA SER B 54 -27.57 28.86 38.61
C SER B 54 -27.54 29.71 37.34
N ARG B 55 -26.86 30.85 37.35
CA ARG B 55 -26.73 31.65 36.13
C ARG B 55 -25.93 30.90 35.06
N MET B 56 -24.87 30.22 35.46
CA MET B 56 -24.12 29.43 34.49
C MET B 56 -25.00 28.32 33.91
N TYR B 57 -25.73 27.62 34.78
CA TYR B 57 -26.56 26.51 34.33
C TYR B 57 -27.65 27.01 33.39
N GLU B 58 -28.25 28.15 33.71
CA GLU B 58 -29.28 28.73 32.85
C GLU B 58 -28.72 29.03 31.46
N ALA B 59 -27.48 29.52 31.40
CA ALA B 59 -26.87 29.86 30.12
C ALA B 59 -26.61 28.62 29.27
N VAL B 60 -26.06 27.57 29.88
CA VAL B 60 -25.73 26.36 29.13
C VAL B 60 -27.00 25.62 28.70
N THR B 61 -28.04 25.63 29.55
CA THR B 61 -29.28 24.92 29.24
C THR B 61 -30.23 25.72 28.39
N ALA B 62 -29.80 26.86 27.86
CA ALA B 62 -30.50 27.45 26.72
C ALA B 62 -30.50 26.52 25.51
N PHE B 63 -29.52 25.60 25.43
CA PHE B 63 -29.46 24.57 24.41
C PHE B 63 -29.41 23.16 24.97
N HIS B 64 -28.46 22.88 25.87
CA HIS B 64 -28.27 21.52 26.35
C HIS B 64 -29.31 21.15 27.40
N SER B 65 -29.62 19.86 27.47
CA SER B 65 -30.59 19.41 28.47
C SER B 65 -29.98 19.43 29.86
N THR B 66 -30.85 19.60 30.85
CA THR B 66 -30.41 19.56 32.24
C THR B 66 -29.73 18.24 32.57
N GLU B 67 -30.28 17.13 32.07
CA GLU B 67 -29.72 15.83 32.44
C GLU B 67 -28.36 15.61 31.79
N TYR B 68 -28.14 16.16 30.59
CA TYR B 68 -26.81 16.06 29.97
C TYR B 68 -25.80 16.93 30.71
N VAL B 69 -26.16 18.18 31.00
CA VAL B 69 -25.22 19.04 31.73
C VAL B 69 -24.88 18.42 33.08
N ASP B 70 -25.88 17.83 33.74
CA ASP B 70 -25.64 17.19 35.03
C ASP B 70 -24.62 16.07 34.93
N ALA B 71 -24.77 15.21 33.91
CA ALA B 71 -23.87 14.07 33.76
C ALA B 71 -22.46 14.54 33.42
N LEU B 72 -22.35 15.58 32.59
CA LEU B 72 -21.03 16.12 32.25
C LEU B 72 -20.33 16.68 33.48
N LYS B 73 -21.08 17.36 34.35
CA LYS B 73 -20.48 17.79 35.61
C LYS B 73 -20.06 16.61 36.46
N LYS B 74 -20.91 15.58 36.53
CA LYS B 74 -20.59 14.40 37.33
C LYS B 74 -19.38 13.67 36.77
N LEU B 75 -19.26 13.59 35.44
CA LEU B 75 -18.11 12.94 34.84
C LEU B 75 -16.80 13.60 35.27
N GLN B 76 -16.80 14.94 35.34
CA GLN B 76 -15.59 15.63 35.79
C GLN B 76 -15.30 15.31 37.25
N MET B 77 -16.33 15.30 38.10
CA MET B 77 -16.11 14.97 39.50
C MET B 77 -15.55 13.56 39.64
N LEU B 78 -16.11 12.60 38.88
CA LEU B 78 -15.64 11.22 38.98
C LEU B 78 -14.18 11.10 38.57
N HIS B 79 -13.77 11.81 37.54
CA HIS B 79 -12.39 11.72 37.09
C HIS B 79 -11.43 12.47 38.00
N CYS B 80 -11.92 13.32 38.89
CA CYS B 80 -11.06 13.99 39.85
C CYS B 80 -10.89 13.21 41.16
N GLU B 81 -11.45 12.01 41.29
CA GLU B 81 -11.08 11.14 42.40
C GLU B 81 -10.09 10.08 41.94
N GLU B 84 -12.53 4.43 39.90
CA GLU B 84 -13.35 3.61 39.03
C GLU B 84 -14.84 3.91 39.21
N LEU B 85 -15.56 3.99 38.09
CA LEU B 85 -16.99 4.28 38.12
C LEU B 85 -17.78 3.03 38.54
N THR B 86 -18.97 3.28 39.09
CA THR B 86 -19.90 2.18 39.31
C THR B 86 -20.55 1.78 37.99
N ALA B 87 -21.16 0.59 37.99
CA ALA B 87 -21.81 0.12 36.77
C ALA B 87 -22.96 1.03 36.36
N ASP B 88 -23.69 1.58 37.33
CA ASP B 88 -24.75 2.53 37.01
C ASP B 88 -24.18 3.85 36.45
N ASP B 89 -23.01 4.29 36.97
CA ASP B 89 -22.40 5.50 36.45
C ASP B 89 -21.89 5.32 35.02
N GLU B 90 -21.30 4.14 34.74
CA GLU B 90 -20.90 3.83 33.37
C GLU B 90 -22.10 3.85 32.43
N LEU B 91 -23.22 3.22 32.84
CA LEU B 91 -24.42 3.25 32.01
C LEU B 91 -24.90 4.67 31.78
N LEU B 92 -24.84 5.52 32.81
CA LEU B 92 -25.29 6.90 32.66
C LEU B 92 -24.45 7.67 31.64
N MET B 93 -23.12 7.59 31.80
CA MET B 93 -22.23 8.27 30.86
C MET B 93 -22.41 7.73 29.43
N ASP B 94 -22.55 6.42 29.28
CA ASP B 94 -22.79 5.86 27.95
C ASP B 94 -24.08 6.40 27.33
N SER B 95 -25.12 6.65 28.13
CA SER B 95 -26.36 7.15 27.57
C SER B 95 -26.24 8.56 27.00
N PHE B 96 -25.16 9.28 27.31
CA PHE B 96 -24.91 10.60 26.74
C PHE B 96 -23.72 10.60 25.79
N SER B 97 -23.24 9.41 25.41
CA SER B 97 -22.08 9.25 24.54
C SER B 97 -20.82 9.84 25.16
N LEU B 98 -20.78 9.88 26.50
CA LEU B 98 -19.59 10.37 27.21
C LEU B 98 -18.63 9.19 27.40
N ASN B 99 -18.11 8.73 26.26
CA ASN B 99 -17.23 7.57 26.19
C ASN B 99 -16.54 7.61 24.82
N TYR B 100 -15.73 6.58 24.56
CA TYR B 100 -15.01 6.41 23.31
C TYR B 100 -14.31 7.69 22.89
N ASP B 101 -14.76 8.36 21.83
CA ASP B 101 -14.05 9.55 21.35
C ASP B 101 -14.37 10.81 22.16
N CYS B 102 -15.32 10.73 23.09
CA CYS B 102 -15.61 11.85 23.99
C CYS B 102 -15.47 11.36 25.44
N PRO B 103 -14.27 10.91 25.82
CA PRO B 103 -14.10 10.35 27.15
C PRO B 103 -14.08 11.42 28.22
N GLY B 104 -14.17 10.98 29.45
CA GLY B 104 -13.94 11.87 30.56
C GLY B 104 -12.46 12.10 30.81
N PHE B 105 -12.19 13.17 31.53
CA PHE B 105 -10.87 13.52 32.03
C PHE B 105 -11.05 14.57 33.11
N PRO B 106 -10.04 14.81 33.95
CA PRO B 106 -10.29 15.60 35.17
C PRO B 106 -10.84 17.00 34.93
N SER B 107 -10.62 17.59 33.76
CA SER B 107 -11.12 18.93 33.52
C SER B 107 -12.20 18.98 32.46
N VAL B 108 -12.91 17.87 32.20
CA VAL B 108 -13.75 17.81 31.00
C VAL B 108 -14.85 18.87 31.04
N PHE B 109 -15.46 19.11 32.21
CA PHE B 109 -16.51 20.13 32.26
C PHE B 109 -15.92 21.54 32.15
N ASP B 110 -14.86 21.83 32.91
CA ASP B 110 -14.25 23.16 32.82
C ASP B 110 -13.73 23.45 31.40
N TYR B 111 -13.11 22.44 30.77
CA TYR B 111 -12.63 22.57 29.39
C TYR B 111 -13.79 22.92 28.45
N SER B 112 -14.88 22.14 28.51
CA SER B 112 -16.03 22.35 27.63
C SER B 112 -16.71 23.68 27.90
N LEU B 113 -16.88 24.04 29.17
CA LEU B 113 -17.52 25.29 29.49
C LEU B 113 -16.68 26.48 29.06
N ALA B 114 -15.34 26.36 29.11
CA ALA B 114 -14.50 27.50 28.72
C ALA B 114 -14.81 27.96 27.31
N ALA B 115 -14.95 27.02 26.35
CA ALA B 115 -15.29 27.43 24.98
C ALA B 115 -16.61 28.18 24.94
N VAL B 116 -17.59 27.75 25.74
CA VAL B 116 -18.85 28.48 25.83
C VAL B 116 -18.63 29.89 26.37
N GLN B 117 -17.86 30.00 27.46
CA GLN B 117 -17.55 31.31 28.03
C GLN B 117 -16.94 32.24 27.00
N GLY B 118 -16.03 31.71 26.17
CA GLY B 118 -15.38 32.56 25.19
C GLY B 118 -16.31 32.99 24.09
N SER B 119 -17.11 32.06 23.57
CA SER B 119 -17.94 32.40 22.44
C SER B 119 -19.14 33.26 22.84
N LEU B 120 -19.68 33.07 24.05
CA LEU B 120 -20.72 33.98 24.54
C LEU B 120 -20.17 35.39 24.74
N ALA B 121 -18.97 35.51 25.29
CA ALA B 121 -18.39 36.84 25.44
C ALA B 121 -18.15 37.48 24.08
N ALA B 122 -17.67 36.70 23.11
CA ALA B 122 -17.49 37.21 21.75
C ALA B 122 -18.80 37.73 21.19
N ALA B 123 -19.89 36.95 21.33
CA ALA B 123 -21.17 37.43 20.83
C ALA B 123 -21.55 38.75 21.49
N SER B 124 -21.35 38.87 22.81
CA SER B 124 -21.75 40.10 23.52
C SER B 124 -20.97 41.31 23.03
N ALA B 125 -19.68 41.11 22.70
CA ALA B 125 -18.88 42.21 22.20
C ALA B 125 -19.36 42.69 20.83
N LEU B 126 -19.89 41.79 19.99
CA LEU B 126 -20.47 42.21 18.72
C LEU B 126 -21.79 42.93 18.94
N ILE B 127 -22.63 42.42 19.85
CA ILE B 127 -23.95 43.00 20.08
C ILE B 127 -23.84 44.44 20.53
N CYS B 128 -22.95 44.73 21.48
CA CYS B 128 -22.80 46.09 21.98
C CYS B 128 -21.90 46.95 21.12
N ARG B 129 -21.43 46.43 19.98
CA ARG B 129 -20.66 47.17 18.99
C ARG B 129 -19.27 47.57 19.50
N HIS B 130 -18.79 46.90 20.55
CA HIS B 130 -17.39 47.13 20.97
C HIS B 130 -16.42 46.63 19.91
N CYS B 131 -16.75 45.51 19.25
CA CYS B 131 -15.94 44.93 18.20
C CYS B 131 -16.77 44.72 16.95
N GLU B 132 -16.12 44.90 15.79
CA GLU B 132 -16.77 44.58 14.53
C GLU B 132 -16.56 43.14 14.13
N VAL B 133 -15.47 42.54 14.59
CA VAL B 133 -15.17 41.13 14.41
C VAL B 133 -14.57 40.62 15.72
N VAL B 134 -14.92 39.40 16.12
CA VAL B 134 -14.28 38.75 17.26
C VAL B 134 -13.85 37.35 16.87
N ILE B 135 -12.62 37.00 17.24
CA ILE B 135 -12.02 35.70 16.97
C ILE B 135 -11.98 34.92 18.27
N ASN B 136 -12.42 33.65 18.24
CA ASN B 136 -12.21 32.75 19.38
C ASN B 136 -11.59 31.45 18.90
N TRP B 137 -10.27 31.34 18.97
CA TRP B 137 -9.63 30.10 18.54
C TRP B 137 -9.77 28.97 19.55
N GLY B 138 -10.43 29.21 20.69
CA GLY B 138 -10.69 28.12 21.60
C GLY B 138 -12.09 27.58 21.48
N GLY B 139 -12.87 28.11 20.55
CA GLY B 139 -14.23 27.65 20.31
C GLY B 139 -14.36 26.99 18.94
N GLY B 140 -15.61 26.67 18.59
CA GLY B 140 -15.96 26.09 17.30
C GLY B 140 -16.41 24.64 17.36
N TRP B 141 -17.01 24.20 18.47
CA TRP B 141 -17.24 22.77 18.70
C TRP B 141 -18.61 22.37 18.18
N HIS B 142 -18.66 22.22 16.85
CA HIS B 142 -19.93 22.18 16.12
C HIS B 142 -20.67 20.85 16.21
N HIS B 143 -20.05 19.77 16.70
CA HIS B 143 -20.73 18.47 16.70
C HIS B 143 -21.60 18.21 17.93
N ALA B 144 -21.40 18.95 19.04
CA ALA B 144 -22.11 18.61 20.27
C ALA B 144 -23.61 18.81 20.09
N LYS B 145 -24.40 17.87 20.61
CA LYS B 145 -25.85 17.90 20.50
C LYS B 145 -26.49 18.27 21.83
N ARG B 146 -27.81 18.46 21.80
CA ARG B 146 -28.56 18.86 22.99
C ARG B 146 -28.25 17.97 24.19
N SER B 147 -28.27 16.64 24.01
CA SER B 147 -28.05 15.68 25.08
C SER B 147 -27.01 14.64 24.70
N GLU B 148 -25.97 15.02 23.95
CA GLU B 148 -25.03 14.03 23.46
C GLU B 148 -23.70 14.70 23.10
N ALA B 149 -22.61 14.17 23.63
CA ALA B 149 -21.28 14.52 23.17
C ALA B 149 -20.99 13.84 21.84
N SER B 150 -20.22 14.50 20.98
CA SER B 150 -19.92 13.91 19.68
C SER B 150 -18.65 14.54 19.14
N GLY B 151 -17.77 13.70 18.58
CA GLY B 151 -16.61 14.20 17.86
C GLY B 151 -15.70 15.12 18.66
N PHE B 152 -15.35 14.68 19.87
N PHE B 152 -15.37 14.73 19.88
CA PHE B 152 -14.68 15.45 20.94
CA PHE B 152 -14.56 15.51 20.80
C PHE B 152 -15.25 16.85 21.13
C PHE B 152 -15.25 16.82 21.20
N CYS B 153 -16.54 16.99 20.90
CA CYS B 153 -17.29 18.21 21.22
C CYS B 153 -18.25 17.87 22.35
N TYR B 154 -18.10 18.54 23.49
CA TYR B 154 -18.95 18.24 24.66
C TYR B 154 -20.05 19.27 24.87
N LEU B 155 -19.77 20.56 24.66
CA LEU B 155 -20.78 21.61 24.70
C LEU B 155 -20.69 22.44 23.44
N ASN B 156 -21.84 22.83 22.91
CA ASN B 156 -21.85 23.51 21.61
C ASN B 156 -21.79 25.01 21.83
N ASP B 157 -20.57 25.53 21.89
CA ASP B 157 -20.39 26.97 22.08
C ASP B 157 -20.98 27.75 20.93
N ILE B 158 -21.02 27.17 19.72
CA ILE B 158 -21.52 27.87 18.53
C ILE B 158 -23.02 28.10 18.65
N VAL B 159 -23.76 27.05 18.98
CA VAL B 159 -25.21 27.18 19.12
C VAL B 159 -25.54 28.23 20.17
N LEU B 160 -24.81 28.22 21.28
CA LEU B 160 -25.10 29.17 22.36
C LEU B 160 -24.77 30.60 21.94
N ALA B 161 -23.65 30.81 21.24
CA ALA B 161 -23.32 32.14 20.73
C ALA B 161 -24.34 32.63 19.73
N ILE B 162 -24.76 31.76 18.80
CA ILE B 162 -25.75 32.13 17.78
C ILE B 162 -27.06 32.50 18.45
N HIS B 163 -27.49 31.71 19.44
CA HIS B 163 -28.73 32.01 20.15
C HIS B 163 -28.65 33.37 20.83
N ARG B 164 -27.49 33.72 21.40
CA ARG B 164 -27.36 35.04 21.98
C ARG B 164 -27.49 36.13 20.90
N LEU B 165 -26.86 35.93 19.74
CA LEU B 165 -26.91 36.91 18.67
C LEU B 165 -28.32 37.07 18.14
N VAL B 166 -28.98 35.95 17.83
CA VAL B 166 -30.26 36.02 17.13
C VAL B 166 -31.36 36.53 18.03
N SER B 167 -31.18 36.48 19.36
CA SER B 167 -32.18 36.96 20.29
C SER B 167 -31.92 38.39 20.77
N SER B 168 -30.98 39.09 20.13
CA SER B 168 -30.67 40.49 20.44
C SER B 168 -31.42 41.44 19.50
N THR B 169 -31.35 42.72 19.84
CA THR B 169 -31.85 43.79 18.96
C THR B 169 -31.00 45.06 19.11
N GLN B 178 -36.66 39.69 12.27
CA GLN B 178 -35.86 40.61 11.47
C GLN B 178 -34.35 40.41 11.68
N THR B 179 -33.92 40.08 12.90
CA THR B 179 -32.51 39.73 13.11
C THR B 179 -32.27 38.32 12.58
N ARG B 180 -31.33 38.20 11.64
CA ARG B 180 -30.98 36.91 11.07
CA ARG B 180 -30.98 36.90 11.05
C ARG B 180 -29.48 36.68 11.20
N VAL B 181 -29.09 35.43 11.45
CA VAL B 181 -27.68 35.04 11.55
C VAL B 181 -27.37 34.07 10.41
N LEU B 182 -26.26 34.30 9.71
CA LEU B 182 -25.73 33.36 8.74
C LEU B 182 -24.55 32.60 9.36
N TYR B 183 -24.67 31.28 9.45
CA TYR B 183 -23.61 30.41 9.97
C TYR B 183 -22.89 29.74 8.82
N VAL B 184 -21.56 29.86 8.78
CA VAL B 184 -20.75 29.31 7.72
C VAL B 184 -19.73 28.37 8.35
N ASP B 185 -19.75 27.11 7.94
CA ASP B 185 -18.95 26.06 8.57
C ASP B 185 -17.92 25.56 7.56
N LEU B 186 -16.64 25.93 7.76
CA LEU B 186 -15.60 25.62 6.79
C LEU B 186 -14.77 24.39 7.15
N ASP B 187 -15.07 23.76 8.30
CA ASP B 187 -14.41 22.54 8.74
C ASP B 187 -14.49 21.45 7.68
N LEU B 188 -13.48 20.56 7.68
CA LEU B 188 -13.56 19.34 6.86
C LEU B 188 -14.85 18.54 7.08
N HIS B 189 -15.39 18.57 8.30
CA HIS B 189 -16.57 17.77 8.66
C HIS B 189 -17.86 18.58 8.65
N HIS B 190 -18.96 17.88 8.39
CA HIS B 190 -20.28 18.49 8.40
C HIS B 190 -20.61 19.07 9.78
N GLY B 191 -21.09 20.31 9.79
CA GLY B 191 -21.50 20.97 11.03
C GLY B 191 -22.86 20.50 11.53
N ASP B 192 -22.94 19.22 11.92
CA ASP B 192 -24.24 18.60 12.17
C ASP B 192 -24.93 19.15 13.41
N GLY B 193 -24.18 19.43 14.49
CA GLY B 193 -24.83 19.85 15.72
C GLY B 193 -25.47 21.23 15.59
N VAL B 194 -24.79 22.16 14.90
CA VAL B 194 -25.35 23.48 14.69
C VAL B 194 -26.53 23.40 13.74
N GLU B 195 -26.38 22.66 12.65
CA GLU B 195 -27.50 22.47 11.72
C GLU B 195 -28.74 21.94 12.43
N GLU B 196 -28.55 20.93 13.28
CA GLU B 196 -29.69 20.28 13.94
C GLU B 196 -30.35 21.22 14.94
N ALA B 197 -29.55 21.98 15.69
CA ALA B 197 -30.09 22.92 16.66
C ALA B 197 -31.05 23.92 16.03
N PHE B 198 -30.79 24.34 14.80
CA PHE B 198 -31.61 25.38 14.15
C PHE B 198 -32.45 24.83 13.00
N TRP B 199 -32.66 23.51 12.97
CA TRP B 199 -33.39 22.84 11.88
C TRP B 199 -34.76 23.45 11.65
N TYR B 200 -35.42 23.91 12.72
CA TYR B 200 -36.78 24.41 12.64
C TYR B 200 -36.86 25.94 12.66
N SER B 201 -35.71 26.61 12.58
CA SER B 201 -35.63 28.05 12.76
CA SER B 201 -35.60 28.06 12.77
C SER B 201 -35.20 28.74 11.47
N PRO B 202 -36.01 29.64 10.92
CA PRO B 202 -35.60 30.35 9.71
C PRO B 202 -34.60 31.45 9.96
N ARG B 203 -34.48 31.93 11.20
CA ARG B 203 -33.68 33.11 11.45
C ARG B 203 -32.20 32.79 11.59
N VAL B 204 -31.83 31.52 11.68
CA VAL B 204 -30.43 31.09 11.63
C VAL B 204 -30.28 30.23 10.38
N VAL B 205 -29.62 30.76 9.35
CA VAL B 205 -29.37 29.99 8.14
C VAL B 205 -28.01 29.34 8.27
N THR B 206 -27.94 28.03 8.11
CA THR B 206 -26.67 27.31 8.26
C THR B 206 -26.17 26.86 6.88
N PHE B 207 -24.87 26.99 6.67
CA PHE B 207 -24.24 26.53 5.44
C PHE B 207 -22.94 25.82 5.78
N SER B 208 -22.84 24.54 5.46
CA SER B 208 -21.63 23.76 5.73
C SER B 208 -21.07 23.23 4.41
N VAL B 209 -19.77 23.44 4.20
CA VAL B 209 -19.01 22.81 3.13
C VAL B 209 -18.07 21.81 3.80
N HIS B 210 -17.98 20.58 3.24
CA HIS B 210 -17.33 19.51 3.98
C HIS B 210 -17.07 18.35 3.04
N HIS B 211 -16.24 17.41 3.48
CA HIS B 211 -16.21 16.12 2.82
C HIS B 211 -17.34 15.24 3.34
N ALA B 212 -17.94 14.46 2.44
CA ALA B 212 -18.81 13.37 2.86
C ALA B 212 -18.56 12.17 1.98
N SER B 213 -18.55 10.97 2.58
CA SER B 213 -18.38 9.71 1.89
C SER B 213 -18.78 8.57 2.84
N PRO B 214 -19.03 7.37 2.33
CA PRO B 214 -19.56 6.30 3.20
C PRO B 214 -18.60 5.95 4.33
N GLY B 215 -19.13 6.00 5.56
CA GLY B 215 -18.35 5.73 6.74
C GLY B 215 -17.55 6.91 7.28
N PHE B 216 -17.54 8.04 6.58
CA PHE B 216 -16.80 9.22 7.05
C PHE B 216 -17.64 10.02 8.04
N PHE B 217 -17.04 10.37 9.17
CA PHE B 217 -17.75 11.08 10.25
C PHE B 217 -18.22 12.48 9.80
N PRO B 218 -19.42 12.91 10.24
CA PRO B 218 -20.37 12.18 11.07
C PRO B 218 -21.46 11.49 10.23
N GLY B 219 -21.40 11.64 8.91
CA GLY B 219 -22.25 10.91 8.00
C GLY B 219 -23.34 11.73 7.35
N THR B 220 -23.67 12.91 7.89
CA THR B 220 -24.76 13.74 7.41
C THR B 220 -24.23 14.82 6.46
N GLY B 221 -25.12 15.76 6.07
CA GLY B 221 -24.74 16.83 5.16
C GLY B 221 -24.61 16.37 3.72
N THR B 222 -25.35 15.34 3.32
CA THR B 222 -25.26 14.83 1.96
C THR B 222 -26.59 14.22 1.58
N TRP B 223 -26.62 13.57 0.42
CA TRP B 223 -27.86 13.01 -0.11
C TRP B 223 -28.48 12.03 0.87
N ASN B 224 -29.80 12.07 0.95
CA ASN B 224 -30.61 11.11 1.67
C ASN B 224 -31.31 10.22 0.63
N MET B 225 -30.87 8.96 0.54
CA MET B 225 -31.30 7.94 -0.44
C MET B 225 -32.52 8.25 -1.31
N LEU B 231 -35.15 8.70 -6.25
CA LEU B 231 -33.94 9.51 -6.32
C LEU B 231 -33.62 10.15 -4.97
N PRO B 232 -32.34 10.12 -4.58
CA PRO B 232 -31.96 10.75 -3.31
C PRO B 232 -32.19 12.25 -3.32
N ILE B 233 -32.42 12.79 -2.13
CA ILE B 233 -32.73 14.20 -1.94
C ILE B 233 -31.89 14.75 -0.80
N PHE B 234 -31.72 16.08 -0.81
CA PHE B 234 -31.12 16.80 0.31
C PHE B 234 -32.22 17.28 1.24
N LEU B 235 -32.18 16.83 2.49
CA LEU B 235 -33.00 17.48 3.50
C LEU B 235 -32.39 18.84 3.79
N ASN B 236 -33.24 19.80 4.15
CA ASN B 236 -32.77 21.19 4.23
C ASN B 236 -33.49 21.99 5.32
N GLY B 237 -34.00 21.34 6.35
CA GLY B 237 -34.75 22.00 7.41
C GLY B 237 -36.21 21.59 7.35
N ALA B 238 -36.94 22.01 8.38
CA ALA B 238 -38.33 21.55 8.48
C ALA B 238 -39.20 22.61 9.13
N GLY B 239 -40.52 22.50 8.87
CA GLY B 239 -41.43 23.48 9.44
C GLY B 239 -41.12 24.88 8.93
N ARG B 240 -41.13 25.84 9.86
CA ARG B 240 -40.73 27.20 9.52
C ARG B 240 -39.29 27.27 9.07
N GLY B 241 -38.50 26.25 9.37
CA GLY B 241 -37.11 26.14 8.97
C GLY B 241 -36.86 25.47 7.64
N ARG B 242 -37.90 25.11 6.90
CA ARG B 242 -37.65 24.52 5.59
C ARG B 242 -36.80 25.44 4.73
N PHE B 243 -35.84 24.85 4.02
CA PHE B 243 -34.91 25.49 3.07
C PHE B 243 -33.82 26.29 3.77
N SER B 244 -33.73 26.24 5.09
CA SER B 244 -32.80 27.10 5.81
C SER B 244 -31.49 26.41 6.17
N ALA B 245 -31.34 25.11 5.89
CA ALA B 245 -30.08 24.40 6.15
C ALA B 245 -29.44 24.03 4.81
N PHE B 246 -28.27 24.60 4.52
CA PHE B 246 -27.56 24.42 3.26
C PHE B 246 -26.33 23.53 3.45
N ASN B 247 -26.04 22.71 2.46
CA ASN B 247 -24.89 21.81 2.52
C ASN B 247 -24.23 21.64 1.16
N LEU B 248 -22.90 21.63 1.16
CA LEU B 248 -22.13 21.35 -0.05
C LEU B 248 -21.12 20.26 0.28
N PRO B 249 -21.43 19.00 -0.02
CA PRO B 249 -20.45 17.94 0.19
C PRO B 249 -19.54 17.83 -1.02
N LEU B 250 -18.25 17.71 -0.76
CA LEU B 250 -17.23 17.68 -1.80
C LEU B 250 -16.41 16.41 -1.73
N GLU B 251 -15.97 15.92 -2.89
CA GLU B 251 -15.11 14.74 -2.93
C GLU B 251 -13.70 15.07 -2.44
N GLU B 252 -12.95 14.03 -2.08
CA GLU B 252 -11.61 14.25 -1.54
C GLU B 252 -10.67 14.77 -2.62
N GLY B 253 -9.64 15.50 -2.19
CA GLY B 253 -8.61 15.99 -3.09
C GLY B 253 -8.68 17.45 -3.50
N ILE B 254 -9.71 18.19 -3.09
CA ILE B 254 -9.94 19.52 -3.67
C ILE B 254 -8.87 20.49 -3.19
N ASN B 255 -8.44 21.39 -4.09
CA ASN B 255 -7.39 22.36 -3.81
C ASN B 255 -7.96 23.74 -3.48
N ASP B 256 -7.06 24.69 -3.20
CA ASP B 256 -7.43 26.04 -2.79
C ASP B 256 -8.37 26.70 -3.81
N LEU B 257 -8.01 26.62 -5.08
CA LEU B 257 -8.72 27.37 -6.11
C LEU B 257 -10.12 26.81 -6.32
N ASP B 258 -10.22 25.48 -6.44
CA ASP B 258 -11.51 24.87 -6.71
C ASP B 258 -12.44 24.99 -5.52
N TRP B 259 -11.90 24.89 -4.29
CA TRP B 259 -12.71 25.10 -3.10
C TRP B 259 -13.20 26.55 -3.00
N SER B 260 -12.31 27.50 -3.32
CA SER B 260 -12.70 28.91 -3.38
C SER B 260 -13.78 29.15 -4.41
N ASN B 261 -13.60 28.63 -5.62
CA ASN B 261 -14.62 28.81 -6.65
C ASN B 261 -15.92 28.09 -6.30
N ALA B 262 -15.84 27.03 -5.50
CA ALA B 262 -17.04 26.31 -5.12
C ALA B 262 -17.89 27.12 -4.15
N ILE B 263 -17.28 27.70 -3.11
CA ILE B 263 -18.10 28.34 -2.09
C ILE B 263 -18.23 29.85 -2.26
N GLY B 264 -17.34 30.49 -3.01
CA GLY B 264 -17.39 31.93 -3.19
C GLY B 264 -18.73 32.49 -3.64
N PRO B 265 -19.25 32.00 -4.76
CA PRO B 265 -20.54 32.53 -5.25
C PRO B 265 -21.69 32.18 -4.34
N ILE B 266 -21.63 31.03 -3.68
CA ILE B 266 -22.69 30.63 -2.75
C ILE B 266 -22.69 31.57 -1.55
N LEU B 267 -21.51 31.87 -0.99
CA LEU B 267 -21.44 32.81 0.11
C LEU B 267 -22.01 34.17 -0.26
N ASP B 268 -21.58 34.73 -1.40
CA ASP B 268 -22.06 36.05 -1.81
C ASP B 268 -23.58 36.05 -2.01
N SER B 269 -24.12 34.99 -2.62
CA SER B 269 -25.57 34.91 -2.80
C SER B 269 -26.30 34.82 -1.47
N LEU B 270 -25.79 34.01 -0.54
CA LEU B 270 -26.40 33.92 0.78
C LEU B 270 -26.44 35.30 1.44
N ASN B 271 -25.36 36.08 1.31
CA ASN B 271 -25.37 37.41 1.90
C ASN B 271 -26.41 38.31 1.22
N ILE B 272 -26.50 38.24 -0.11
CA ILE B 272 -27.41 39.12 -0.85
C ILE B 272 -28.85 38.86 -0.43
N VAL B 273 -29.23 37.58 -0.36
CA VAL B 273 -30.64 37.23 -0.14
C VAL B 273 -30.99 37.27 1.34
N ILE B 274 -30.12 36.73 2.20
CA ILE B 274 -30.48 36.64 3.62
C ILE B 274 -30.28 37.98 4.33
N GLN B 275 -29.37 38.82 3.88
CA GLN B 275 -29.04 40.07 4.53
C GLN B 275 -28.84 39.87 6.03
N PRO B 276 -27.90 39.01 6.43
CA PRO B 276 -27.72 38.69 7.85
C PRO B 276 -27.29 39.91 8.66
N SER B 277 -27.75 39.94 9.91
CA SER B 277 -27.28 40.93 10.88
C SER B 277 -25.94 40.55 11.48
N TYR B 278 -25.64 39.27 11.53
CA TYR B 278 -24.39 38.73 12.02
C TYR B 278 -24.00 37.52 11.18
N VAL B 279 -22.69 37.32 11.04
CA VAL B 279 -22.17 36.10 10.44
C VAL B 279 -21.34 35.38 11.51
N VAL B 280 -21.50 34.06 11.58
CA VAL B 280 -20.67 33.22 12.45
C VAL B 280 -19.94 32.21 11.56
N VAL B 281 -18.61 32.20 11.63
CA VAL B 281 -17.78 31.38 10.77
C VAL B 281 -17.02 30.39 11.62
N GLN B 282 -17.22 29.10 11.36
CA GLN B 282 -16.37 28.07 11.96
C GLN B 282 -15.22 27.81 10.99
N CYS B 283 -13.97 27.93 11.47
CA CYS B 283 -12.82 27.89 10.58
CA CYS B 283 -12.79 27.90 10.62
C CYS B 283 -11.91 26.70 10.90
N GLY B 284 -12.51 25.53 11.10
CA GLY B 284 -11.78 24.30 11.37
C GLY B 284 -10.67 24.10 10.36
N ALA B 285 -9.45 23.81 10.83
CA ALA B 285 -8.24 23.77 10.01
C ALA B 285 -7.95 22.40 9.43
N ASP B 286 -8.88 21.45 9.51
CA ASP B 286 -8.56 20.10 9.06
C ASP B 286 -8.74 19.89 7.55
N CYS B 287 -9.05 20.95 6.78
CA CYS B 287 -8.98 20.87 5.32
C CYS B 287 -7.59 21.08 4.78
N LEU B 288 -6.63 21.46 5.63
CA LEU B 288 -5.27 21.68 5.14
C LEU B 288 -4.70 20.38 4.57
N ALA B 289 -3.91 20.52 3.51
CA ALA B 289 -3.29 19.37 2.87
C ALA B 289 -2.44 18.55 3.85
N THR B 290 -1.90 19.19 4.90
CA THR B 290 -1.04 18.53 5.86
C THR B 290 -1.76 18.06 7.11
N ASP B 291 -3.09 18.21 7.17
CA ASP B 291 -3.83 17.61 8.27
C ASP B 291 -3.73 16.09 8.18
N PRO B 292 -3.61 15.39 9.31
CA PRO B 292 -3.53 13.91 9.25
C PRO B 292 -4.77 13.26 8.64
N HIS B 293 -5.94 13.93 8.57
CA HIS B 293 -7.05 13.33 7.84
C HIS B 293 -6.68 13.11 6.38
N ARG B 294 -5.89 14.04 5.80
CA ARG B 294 -5.40 13.91 4.43
C ARG B 294 -6.54 13.77 3.42
N ILE B 295 -7.50 14.68 3.48
CA ILE B 295 -8.69 14.62 2.60
C ILE B 295 -8.70 15.75 1.57
N PHE B 296 -8.73 16.99 2.04
CA PHE B 296 -8.62 18.13 1.14
C PHE B 296 -7.16 18.59 1.06
N ARG B 297 -6.89 19.50 0.13
CA ARG B 297 -5.53 19.97 -0.11
C ARG B 297 -5.44 21.49 -0.04
N LEU B 298 -6.15 22.10 0.92
CA LEU B 298 -6.05 23.55 1.11
C LEU B 298 -4.69 23.91 1.74
N THR B 299 -4.32 25.18 1.62
CA THR B 299 -3.07 25.67 2.20
C THR B 299 -3.35 26.88 3.07
N ASN B 300 -2.28 27.48 3.62
CA ASN B 300 -2.34 28.82 4.22
C ASN B 300 -1.58 29.85 3.37
N PHE B 301 -1.39 29.60 2.08
CA PHE B 301 -0.52 30.46 1.28
C PHE B 301 -1.17 31.83 1.06
N TYR B 302 -0.35 32.87 1.06
CA TYR B 302 -0.82 34.24 0.85
C TYR B 302 0.15 34.94 -0.10
N PRO B 303 -0.07 34.83 -1.42
CA PRO B 303 0.87 35.35 -2.42
C PRO B 303 1.06 36.86 -2.32
N SER B 316 -3.85 30.68 -6.22
CA SER B 316 -2.89 30.13 -5.27
C SER B 316 -3.08 30.73 -3.87
N LEU B 317 -4.11 31.56 -3.71
CA LEU B 317 -4.46 32.06 -2.40
C LEU B 317 -5.16 30.97 -1.61
N SER B 318 -4.74 30.77 -0.36
CA SER B 318 -5.44 29.87 0.56
C SER B 318 -6.95 29.97 0.44
N GLY B 319 -7.59 28.81 0.27
CA GLY B 319 -9.04 28.78 0.28
C GLY B 319 -9.64 29.45 1.50
N TYR B 320 -9.07 29.16 2.67
CA TYR B 320 -9.54 29.78 3.90
C TYR B 320 -9.44 31.30 3.84
N LEU B 321 -8.27 31.81 3.43
CA LEU B 321 -8.09 33.26 3.40
C LEU B 321 -9.02 33.90 2.38
N TYR B 322 -9.22 33.22 1.24
CA TYR B 322 -10.17 33.72 0.25
C TYR B 322 -11.57 33.87 0.84
N ALA B 323 -12.04 32.84 1.54
CA ALA B 323 -13.39 32.86 2.10
C ALA B 323 -13.51 33.89 3.23
N ILE B 324 -12.52 33.97 4.12
CA ILE B 324 -12.61 34.96 5.19
C ILE B 324 -12.59 36.38 4.62
N LYS B 325 -11.72 36.63 3.64
CA LYS B 325 -11.67 37.96 3.05
C LYS B 325 -13.01 38.31 2.41
N LYS B 326 -13.64 37.34 1.73
CA LYS B 326 -14.94 37.59 1.13
C LYS B 326 -16.00 37.90 2.18
N ILE B 327 -16.07 37.07 3.23
CA ILE B 327 -17.06 37.31 4.28
C ILE B 327 -16.84 38.67 4.92
N LEU B 328 -15.59 39.03 5.20
CA LEU B 328 -15.33 40.32 5.83
C LEU B 328 -15.68 41.49 4.93
N SER B 329 -15.66 41.29 3.62
CA SER B 329 -15.95 42.36 2.69
C SER B 329 -17.40 42.83 2.80
N TRP B 330 -18.28 42.00 3.35
CA TRP B 330 -19.68 42.37 3.52
C TRP B 330 -19.88 43.42 4.61
N LYS B 331 -18.90 43.62 5.49
CA LYS B 331 -18.99 44.58 6.60
C LYS B 331 -20.19 44.27 7.51
N VAL B 332 -20.41 42.99 7.77
CA VAL B 332 -21.42 42.51 8.71
C VAL B 332 -20.70 42.05 9.97
N PRO B 333 -21.15 42.43 11.17
CA PRO B 333 -20.46 41.97 12.40
C PRO B 333 -20.30 40.46 12.39
N THR B 334 -19.07 40.00 12.68
CA THR B 334 -18.71 38.61 12.40
C THR B 334 -17.98 37.98 13.57
N LEU B 335 -18.32 36.72 13.84
CA LEU B 335 -17.64 35.91 14.82
C LEU B 335 -16.85 34.85 14.06
N ILE B 336 -15.54 34.76 14.34
CA ILE B 336 -14.66 33.77 13.71
C ILE B 336 -14.23 32.77 14.78
N LEU B 337 -14.58 31.50 14.59
CA LEU B 337 -14.29 30.44 15.55
C LEU B 337 -13.31 29.43 14.97
N GLY B 338 -12.67 28.66 15.86
CA GLY B 338 -11.80 27.57 15.47
C GLY B 338 -12.57 26.30 15.18
N GLY B 339 -12.08 25.16 15.66
CA GLY B 339 -12.69 23.87 15.39
C GLY B 339 -11.66 22.78 15.21
N GLY B 340 -11.87 21.89 14.24
CA GLY B 340 -10.94 20.79 14.01
C GLY B 340 -9.58 21.30 13.58
N GLY B 341 -8.63 20.38 13.53
CA GLY B 341 -7.25 20.72 13.18
C GLY B 341 -6.26 19.96 14.03
N TYR B 342 -5.74 18.86 13.51
CA TYR B 342 -4.97 17.92 14.30
C TYR B 342 -3.49 17.97 13.99
N ASN B 343 -3.08 18.83 13.07
CA ASN B 343 -1.67 19.21 12.89
C ASN B 343 -1.53 20.55 13.60
N PHE B 344 -1.04 20.53 14.87
CA PHE B 344 -1.10 21.74 15.69
C PHE B 344 -0.25 22.86 15.11
N PRO B 345 1.01 22.63 14.73
CA PRO B 345 1.79 23.73 14.12
C PRO B 345 1.14 24.30 12.86
N ASP B 346 0.61 23.45 11.98
CA ASP B 346 0.03 23.98 10.75
C ASP B 346 -1.31 24.66 11.01
N THR B 347 -2.04 24.21 12.02
CA THR B 347 -3.24 24.93 12.47
C THR B 347 -2.89 26.34 12.95
N ALA B 348 -1.85 26.45 13.78
CA ALA B 348 -1.41 27.78 14.20
C ALA B 348 -0.95 28.63 13.02
N ARG B 349 -0.21 28.04 12.07
CA ARG B 349 0.21 28.78 10.87
C ARG B 349 -0.99 29.34 10.12
N LEU B 350 -2.06 28.54 9.98
CA LEU B 350 -3.23 29.02 9.25
C LEU B 350 -3.96 30.11 10.02
N TRP B 351 -4.23 29.85 11.32
CA TRP B 351 -5.05 30.78 12.09
C TRP B 351 -4.32 32.08 12.36
N THR B 352 -2.99 32.06 12.39
CA THR B 352 -2.23 33.30 12.49
C THR B 352 -2.43 34.16 11.24
N ARG B 353 -2.40 33.53 10.05
CA ARG B 353 -2.66 34.29 8.82
C ARG B 353 -4.10 34.78 8.77
N VAL B 354 -5.06 33.96 9.22
CA VAL B 354 -6.45 34.44 9.29
C VAL B 354 -6.55 35.66 10.19
N THR B 355 -5.85 35.63 11.34
CA THR B 355 -5.90 36.76 12.26
C THR B 355 -5.30 38.01 11.64
N ALA B 356 -4.14 37.87 10.98
CA ALA B 356 -3.53 39.02 10.33
C ALA B 356 -4.44 39.58 9.24
N LEU B 357 -5.07 38.70 8.46
CA LEU B 357 -5.94 39.15 7.39
C LEU B 357 -7.14 39.91 7.96
N THR B 358 -7.69 39.42 9.08
CA THR B 358 -8.84 40.08 9.68
C THR B 358 -8.48 41.49 10.12
N ILE B 359 -7.29 41.66 10.73
CA ILE B 359 -6.82 42.99 11.09
C ILE B 359 -6.75 43.87 9.84
N GLU B 360 -6.11 43.37 8.77
CA GLU B 360 -5.97 44.17 7.55
C GLU B 360 -7.32 44.59 7.00
N GLU B 361 -8.27 43.65 6.91
CA GLU B 361 -9.54 43.93 6.26
C GLU B 361 -10.41 44.86 7.10
N VAL B 362 -10.37 44.71 8.42
CA VAL B 362 -11.25 45.51 9.27
C VAL B 362 -10.65 46.88 9.55
N LYS B 363 -9.37 46.93 9.93
CA LYS B 363 -8.71 48.19 10.28
C LYS B 363 -8.06 48.89 9.08
N GLY B 364 -8.09 48.27 7.88
CA GLY B 364 -7.44 48.88 6.73
C GLY B 364 -5.96 49.09 6.93
N LYS B 365 -5.32 48.20 7.68
CA LYS B 365 -3.99 48.41 8.24
C LYS B 365 -3.10 47.26 7.80
N LYS B 366 -2.06 47.56 7.03
CA LYS B 366 -1.25 46.52 6.43
C LYS B 366 -0.53 45.69 7.50
N MET B 367 -0.67 44.37 7.40
CA MET B 367 0.00 43.44 8.30
C MET B 367 0.97 42.62 7.47
N THR B 368 2.26 42.79 7.72
CA THR B 368 3.29 42.05 6.99
C THR B 368 3.88 41.00 7.91
N ILE B 369 3.75 39.75 7.51
CA ILE B 369 4.20 38.63 8.31
C ILE B 369 5.47 38.08 7.68
N SER B 370 6.55 38.02 8.47
CA SER B 370 7.79 37.46 7.97
C SER B 370 7.61 35.98 7.61
N PRO B 371 8.21 35.52 6.51
CA PRO B 371 8.13 34.08 6.19
C PRO B 371 8.86 33.20 7.19
N GLU B 372 9.83 33.73 7.94
CA GLU B 372 10.45 32.97 9.02
C GLU B 372 9.62 33.07 10.29
N ILE B 373 9.39 31.94 10.93
CA ILE B 373 8.73 31.89 12.25
C ILE B 373 9.56 32.70 13.24
N PRO B 374 8.97 33.61 14.00
CA PRO B 374 9.74 34.40 14.97
C PRO B 374 10.12 33.59 16.21
N GLU B 375 11.16 34.09 16.88
CA GLU B 375 11.56 33.55 18.17
C GLU B 375 10.39 33.57 19.15
N HIS B 376 10.16 32.44 19.81
CA HIS B 376 9.20 32.30 20.91
C HIS B 376 9.34 30.89 21.47
N SER B 377 8.70 30.64 22.61
CA SER B 377 9.03 29.40 23.30
C SER B 377 8.48 28.15 22.61
N TYR B 378 7.63 28.28 21.60
CA TYR B 378 7.24 27.13 20.80
C TYR B 378 7.94 27.09 19.43
N PHE B 379 9.01 27.88 19.24
CA PHE B 379 9.70 27.91 17.94
C PHE B 379 10.06 26.51 17.44
N SER B 380 10.52 25.63 18.33
CA SER B 380 10.97 24.29 17.93
C SER B 380 9.84 23.42 17.38
N ARG B 381 8.59 23.81 17.57
CA ARG B 381 7.48 23.01 17.04
C ARG B 381 7.28 23.23 15.54
N TYR B 382 8.00 24.17 14.94
CA TYR B 382 7.79 24.54 13.55
C TYR B 382 8.88 23.98 12.63
N GLY B 383 9.61 22.96 13.07
CA GLY B 383 10.65 22.36 12.26
C GLY B 383 10.09 21.49 11.15
N PRO B 384 10.94 21.08 10.20
CA PRO B 384 12.38 21.37 10.15
C PRO B 384 12.69 22.66 9.38
N ASP B 385 11.66 23.29 8.86
CA ASP B 385 11.78 24.45 7.99
C ASP B 385 11.68 25.78 8.74
N PHE B 386 10.90 25.83 9.83
CA PHE B 386 10.66 27.05 10.60
C PHE B 386 10.17 28.19 9.73
N GLU B 387 9.32 27.86 8.76
CA GLU B 387 8.69 28.84 7.89
C GLU B 387 7.19 28.88 8.14
N LEU B 388 6.57 30.00 7.76
CA LEU B 388 5.15 30.17 8.05
C LEU B 388 4.25 29.42 7.05
N ASP B 389 4.64 29.35 5.77
CA ASP B 389 3.87 28.57 4.80
C ASP B 389 3.93 27.11 5.21
N ILE B 390 2.79 26.40 5.08
CA ILE B 390 2.84 24.97 5.37
C ILE B 390 3.73 24.25 4.34
N ASP B 391 4.26 23.11 4.76
CA ASP B 391 5.22 22.35 3.95
C ASP B 391 4.46 21.41 3.02
N TYR B 392 3.96 22.00 1.94
CA TYR B 392 3.14 21.29 0.97
C TYR B 392 3.41 21.89 -0.41
N PHE B 393 3.48 21.04 -1.41
CA PHE B 393 3.73 21.48 -2.78
C PHE B 393 2.52 21.16 -3.65
N PRO B 394 1.65 22.14 -3.91
CA PRO B 394 0.43 21.86 -4.67
C PRO B 394 0.76 21.41 -6.08
N HIS B 395 -0.08 20.52 -6.61
CA HIS B 395 0.17 19.91 -7.90
C HIS B 395 -1.16 19.43 -8.46
N GLU B 396 -1.13 19.02 -9.73
CA GLU B 396 -2.31 18.48 -10.40
C GLU B 396 -1.92 17.32 -11.32
N THR B 401 -12.37 18.28 -15.46
CA THR B 401 -13.56 18.57 -16.24
C THR B 401 -14.82 18.02 -15.60
N LEU B 402 -14.75 16.75 -15.17
CA LEU B 402 -15.88 16.01 -14.65
C LEU B 402 -16.07 16.17 -13.15
N ASP B 403 -15.12 16.78 -12.44
CA ASP B 403 -15.21 16.96 -11.00
C ASP B 403 -15.94 18.25 -10.61
N SER B 404 -16.65 18.88 -11.54
CA SER B 404 -17.28 20.16 -11.25
C SER B 404 -18.54 19.94 -10.40
N ILE B 405 -19.08 21.04 -9.88
CA ILE B 405 -20.23 20.96 -8.98
C ILE B 405 -21.33 21.94 -9.40
N GLN B 406 -21.46 22.18 -10.72
CA GLN B 406 -22.44 23.16 -11.19
C GLN B 406 -23.88 22.74 -10.87
N LYS B 407 -24.18 21.44 -10.82
CA LYS B 407 -25.52 21.03 -10.41
C LYS B 407 -25.75 21.29 -8.92
N HIS B 408 -24.68 21.32 -8.10
CA HIS B 408 -24.85 21.74 -6.71
C HIS B 408 -25.14 23.23 -6.60
N HIS B 409 -24.44 24.05 -7.39
CA HIS B 409 -24.79 25.46 -7.44
C HIS B 409 -26.26 25.66 -7.80
N ARG B 410 -26.74 24.95 -8.83
CA ARG B 410 -28.12 25.10 -9.25
C ARG B 410 -29.07 24.69 -8.13
N ARG B 411 -28.79 23.55 -7.48
CA ARG B 411 -29.62 23.07 -6.38
C ARG B 411 -29.65 24.05 -5.22
N ILE B 412 -28.48 24.58 -4.85
CA ILE B 412 -28.40 25.47 -3.71
C ILE B 412 -29.11 26.80 -4.00
N LEU B 413 -28.95 27.32 -5.22
CA LEU B 413 -29.63 28.56 -5.57
C LEU B 413 -31.15 28.37 -5.61
N GLU B 414 -31.62 27.22 -6.10
CA GLU B 414 -33.04 26.93 -6.03
C GLU B 414 -33.52 26.92 -4.59
N GLN B 415 -32.76 26.27 -3.71
CA GLN B 415 -33.09 26.27 -2.29
C GLN B 415 -33.13 27.70 -1.72
N LEU B 416 -32.15 28.53 -2.08
CA LEU B 416 -32.14 29.92 -1.62
C LEU B 416 -33.37 30.68 -2.10
N ARG B 417 -33.77 30.44 -3.36
CA ARG B 417 -35.00 31.03 -3.89
C ARG B 417 -36.21 30.57 -3.07
N ASN B 418 -36.28 29.26 -2.77
CA ASN B 418 -37.38 28.73 -1.96
C ASN B 418 -37.37 29.32 -0.56
N TYR B 419 -36.18 29.52 0.02
CA TYR B 419 -36.10 30.13 1.35
C TYR B 419 -36.64 31.55 1.32
N ALA B 420 -36.22 32.35 0.34
CA ALA B 420 -36.70 33.73 0.26
C ALA B 420 -38.22 33.79 0.09
N ASP B 421 -38.78 32.87 -0.72
CA ASP B 421 -40.22 32.86 -0.93
C ASP B 421 -40.95 32.51 0.36
N LEU B 422 -40.51 31.45 1.04
CA LEU B 422 -41.18 31.04 2.27
C LEU B 422 -41.17 32.15 3.30
N ASN B 423 -40.08 32.90 3.36
CA ASN B 423 -39.88 33.89 4.40
C ASN B 423 -40.20 35.30 3.95
N LYS B 424 -40.79 35.45 2.76
CA LYS B 424 -41.26 36.75 2.26
C LYS B 424 -40.11 37.74 2.17
N LEU B 425 -38.97 37.29 1.66
CA LEU B 425 -37.80 38.14 1.48
C LEU B 425 -37.61 38.45 0.01
N ILE B 426 -37.12 39.67 -0.27
CA ILE B 426 -36.77 40.02 -1.64
C ILE B 426 -35.71 39.06 -2.16
N TYR B 427 -35.96 38.52 -3.35
CA TYR B 427 -34.98 37.72 -4.07
C TYR B 427 -34.52 38.55 -5.26
N ASP B 428 -33.33 39.13 -5.14
CA ASP B 428 -32.80 40.06 -6.15
C ASP B 428 -32.11 39.26 -7.25
N TYR B 429 -32.93 38.76 -8.19
CA TYR B 429 -32.43 37.92 -9.26
C TYR B 429 -31.31 38.59 -10.04
N ASP B 430 -31.46 39.89 -10.33
CA ASP B 430 -30.46 40.58 -11.14
C ASP B 430 -29.09 40.55 -10.48
N GLN B 431 -29.04 40.80 -9.17
CA GLN B 431 -27.76 40.82 -8.47
C GLN B 431 -27.15 39.42 -8.38
N VAL B 432 -27.96 38.40 -8.09
CA VAL B 432 -27.43 37.04 -8.05
C VAL B 432 -26.97 36.62 -9.45
N TYR B 433 -27.77 36.96 -10.46
CA TYR B 433 -27.39 36.63 -11.83
C TYR B 433 -26.03 37.24 -12.18
N GLN B 434 -25.85 38.52 -11.89
CA GLN B 434 -24.60 39.20 -12.26
C GLN B 434 -23.42 38.59 -11.52
N LEU B 435 -23.63 38.19 -10.27
CA LEU B 435 -22.59 37.53 -9.49
C LEU B 435 -22.11 36.26 -10.19
N TYR B 436 -23.05 35.40 -10.61
CA TYR B 436 -22.68 34.15 -11.24
C TYR B 436 -22.20 34.36 -12.67
N ASN B 437 -22.67 35.42 -13.34
CA ASN B 437 -22.21 35.64 -14.69
C ASN B 437 -20.78 36.16 -14.75
N LEU B 438 -20.23 36.64 -13.63
CA LEU B 438 -18.82 36.98 -13.61
C LEU B 438 -17.95 35.80 -14.01
N THR B 439 -18.43 34.57 -13.77
CA THR B 439 -17.76 33.37 -14.22
C THR B 439 -18.47 32.69 -15.37
N GLY B 440 -19.42 33.37 -16.01
CA GLY B 440 -20.18 32.76 -17.09
C GLY B 440 -21.15 31.68 -16.65
N MET B 441 -21.64 31.73 -15.41
CA MET B 441 -22.55 30.73 -14.90
C MET B 441 -23.90 31.32 -14.50
N GLY B 442 -24.26 32.48 -15.05
CA GLY B 442 -25.54 33.08 -14.72
C GLY B 442 -26.74 32.21 -15.07
N SER B 443 -26.57 31.29 -16.02
CA SER B 443 -27.67 30.40 -16.41
C SER B 443 -28.07 29.46 -15.30
N LEU B 444 -27.22 29.29 -14.27
CA LEU B 444 -27.54 28.47 -13.12
C LEU B 444 -28.50 29.12 -12.15
N VAL B 445 -28.74 30.43 -12.30
CA VAL B 445 -29.50 31.20 -11.32
C VAL B 445 -30.98 31.10 -11.67
N PRO B 446 -31.83 30.59 -10.78
CA PRO B 446 -33.26 30.55 -11.06
C PRO B 446 -33.89 31.92 -10.89
N ARG B 447 -34.97 32.16 -11.63
CA ARG B 447 -35.68 33.44 -11.55
C ARG B 447 -36.42 33.62 -10.23
N SER C 3 26.39 -43.82 5.82
CA SER C 3 27.08 -42.73 6.49
C SER C 3 26.64 -41.40 5.90
N VAL C 4 25.98 -40.55 6.70
CA VAL C 4 25.61 -39.20 6.30
C VAL C 4 26.63 -38.25 6.91
N GLY C 5 27.36 -37.54 6.07
CA GLY C 5 28.38 -36.62 6.51
C GLY C 5 27.83 -35.19 6.58
N ILE C 6 28.47 -34.38 7.43
CA ILE C 6 28.14 -32.96 7.49
C ILE C 6 29.44 -32.19 7.75
N VAL C 7 29.60 -31.08 7.04
CA VAL C 7 30.83 -30.29 7.13
C VAL C 7 30.72 -29.34 8.29
N TYR C 8 31.70 -29.41 9.22
CA TYR C 8 31.79 -28.42 10.28
CA TYR C 8 31.76 -28.49 10.35
C TYR C 8 33.17 -28.51 10.93
N GLY C 9 33.48 -27.47 11.68
CA GLY C 9 34.77 -27.34 12.36
C GLY C 9 34.75 -26.02 13.10
N ASP C 10 35.63 -25.91 14.09
CA ASP C 10 35.61 -24.70 14.90
C ASP C 10 36.01 -23.47 14.08
N GLN C 11 37.14 -23.54 13.36
CA GLN C 11 37.51 -22.42 12.52
C GLN C 11 36.54 -22.22 11.38
N TYR C 12 36.05 -23.33 10.81
CA TYR C 12 35.05 -23.24 9.74
C TYR C 12 33.84 -22.44 10.19
N ARG C 13 33.35 -22.73 11.40
CA ARG C 13 32.20 -22.01 11.93
C ARG C 13 32.48 -20.51 12.06
N GLN C 14 33.65 -20.13 12.62
CA GLN C 14 33.95 -18.72 12.78
C GLN C 14 33.98 -18.02 11.42
N LEU C 15 34.59 -18.66 10.41
CA LEU C 15 34.70 -18.03 9.09
C LEU C 15 33.35 -17.92 8.40
N CYS C 16 32.51 -18.96 8.51
CA CYS C 16 31.18 -18.92 7.91
C CYS C 16 30.27 -17.91 8.62
N CYS C 17 30.60 -17.49 9.83
CA CYS C 17 29.87 -16.46 10.55
C CYS C 17 30.51 -15.08 10.47
N SER C 18 31.49 -14.86 9.58
CA SER C 18 32.25 -13.61 9.60
C SER C 18 31.79 -12.60 8.56
N SER C 19 30.70 -12.88 7.82
CA SER C 19 30.33 -11.96 6.77
C SER C 19 29.20 -11.03 7.21
N PRO C 20 29.19 -9.81 6.69
CA PRO C 20 28.13 -8.86 7.05
C PRO C 20 26.74 -9.30 6.63
N LYS C 21 26.60 -9.96 5.49
CA LYS C 21 25.26 -10.30 5.00
C LYS C 21 24.67 -11.48 5.75
N PHE C 22 25.45 -12.54 5.96
CA PHE C 22 24.84 -13.74 6.55
C PHE C 22 25.11 -13.89 8.02
N GLY C 23 25.81 -12.94 8.65
CA GLY C 23 25.97 -12.91 10.10
C GLY C 23 26.21 -14.29 10.71
N ASP C 24 25.44 -14.64 11.74
CA ASP C 24 25.63 -15.88 12.47
C ASP C 24 24.68 -16.98 12.02
N ARG C 25 24.19 -16.92 10.78
CA ARG C 25 23.20 -17.89 10.33
C ARG C 25 23.73 -19.32 10.45
N TYR C 26 24.96 -19.55 9.99
CA TYR C 26 25.53 -20.88 10.04
C TYR C 26 25.57 -21.41 11.47
N ALA C 27 25.87 -20.56 12.46
CA ALA C 27 25.88 -21.01 13.83
C ALA C 27 24.49 -21.40 14.32
N LEU C 28 23.48 -20.61 13.97
CA LEU C 28 22.12 -21.00 14.33
C LEU C 28 21.77 -22.36 13.73
N VAL C 29 22.11 -22.58 12.44
CA VAL C 29 21.78 -23.83 11.78
C VAL C 29 22.46 -25.01 12.49
N MET C 30 23.78 -24.94 12.63
CA MET C 30 24.47 -26.07 13.23
C MET C 30 24.08 -26.28 14.69
N ASP C 31 23.78 -25.21 15.44
CA ASP C 31 23.46 -25.39 16.86
C ASP C 31 22.05 -25.92 17.05
N LEU C 32 21.15 -25.64 16.11
CA LEU C 32 19.82 -26.23 16.17
C LEU C 32 19.90 -27.73 15.86
N ILE C 33 20.69 -28.09 14.85
CA ILE C 33 20.96 -29.49 14.54
C ILE C 33 21.57 -30.18 15.76
N ASN C 34 22.51 -29.51 16.43
CA ASN C 34 23.11 -30.08 17.63
C ASN C 34 22.07 -30.22 18.75
N ALA C 35 21.21 -29.21 18.92
CA ALA C 35 20.26 -29.21 20.03
C ALA C 35 19.24 -30.33 19.90
N TYR C 36 18.89 -30.71 18.66
CA TYR C 36 17.98 -31.82 18.41
C TYR C 36 18.70 -33.16 18.46
N LYS C 37 19.96 -33.17 18.91
CA LYS C 37 20.75 -34.39 19.14
C LYS C 37 21.01 -35.16 17.85
N LEU C 38 21.13 -34.44 16.74
CA LEU C 38 21.41 -35.06 15.46
C LEU C 38 22.90 -35.24 15.19
N ILE C 39 23.75 -34.47 15.87
CA ILE C 39 25.20 -34.51 15.58
C ILE C 39 25.78 -35.89 15.80
N PRO C 40 25.41 -36.64 16.85
CA PRO C 40 25.95 -38.02 16.99
C PRO C 40 25.56 -38.97 15.86
N GLU C 41 24.54 -38.65 15.06
CA GLU C 41 24.15 -39.51 13.95
C GLU C 41 25.00 -39.28 12.71
N LEU C 42 25.81 -38.23 12.70
CA LEU C 42 26.43 -37.73 11.48
C LEU C 42 27.94 -37.84 11.60
N SER C 43 28.56 -38.06 10.45
CA SER C 43 30.00 -38.13 10.32
C SER C 43 30.53 -36.73 10.03
N ARG C 44 31.35 -36.18 10.92
CA ARG C 44 31.93 -34.87 10.62
C ARG C 44 32.91 -34.98 9.47
N VAL C 45 32.73 -34.12 8.47
CA VAL C 45 33.59 -33.99 7.31
C VAL C 45 34.41 -32.71 7.47
N PRO C 46 35.73 -32.80 7.70
CA PRO C 46 36.53 -31.61 7.93
C PRO C 46 36.78 -30.87 6.63
N PRO C 47 36.71 -29.55 6.66
CA PRO C 47 37.03 -28.77 5.46
C PRO C 47 38.42 -29.10 4.95
N LEU C 48 38.56 -29.10 3.63
CA LEU C 48 39.85 -29.35 3.00
C LEU C 48 40.82 -28.22 3.30
N GLN C 49 42.07 -28.59 3.63
CA GLN C 49 43.17 -27.64 3.71
C GLN C 49 44.28 -28.10 2.78
N TRP C 50 45.18 -27.17 2.44
CA TRP C 50 46.18 -27.42 1.43
C TRP C 50 47.60 -27.37 1.99
N ASP C 51 48.53 -27.93 1.21
CA ASP C 51 49.94 -28.01 1.54
C ASP C 51 50.69 -26.72 1.31
N SER C 52 50.10 -25.77 0.58
CA SER C 52 50.84 -24.58 0.17
C SER C 52 49.87 -23.60 -0.47
N PRO C 53 50.23 -22.31 -0.51
CA PRO C 53 49.45 -21.36 -1.29
C PRO C 53 49.28 -21.76 -2.76
N SER C 54 50.32 -22.33 -3.38
CA SER C 54 50.20 -22.74 -4.78
C SER C 54 49.17 -23.85 -4.96
N ARG C 55 49.10 -24.80 -4.03
CA ARG C 55 48.07 -25.84 -4.14
C ARG C 55 46.67 -25.25 -3.96
N MET C 56 46.50 -24.31 -3.03
CA MET C 56 45.19 -23.65 -2.90
C MET C 56 44.82 -22.90 -4.19
N TYR C 57 45.75 -22.14 -4.76
CA TYR C 57 45.46 -21.41 -5.99
C TYR C 57 45.10 -22.35 -7.13
N GLU C 58 45.84 -23.45 -7.25
CA GLU C 58 45.54 -24.48 -8.23
C GLU C 58 44.10 -24.95 -8.10
N ALA C 59 43.66 -25.20 -6.87
CA ALA C 59 42.29 -25.68 -6.66
C ALA C 59 41.27 -24.63 -7.06
N VAL C 60 41.43 -23.39 -6.59
CA VAL C 60 40.41 -22.38 -6.83
C VAL C 60 40.40 -21.96 -8.30
N THR C 61 41.58 -21.90 -8.94
CA THR C 61 41.60 -21.50 -10.35
C THR C 61 41.28 -22.65 -11.30
N ALA C 62 40.87 -23.83 -10.79
CA ALA C 62 40.21 -24.81 -11.65
C ALA C 62 38.99 -24.19 -12.32
N PHE C 63 38.34 -23.23 -11.68
CA PHE C 63 37.24 -22.48 -12.26
C PHE C 63 37.54 -20.99 -12.39
N HIS C 64 37.98 -20.35 -11.31
CA HIS C 64 38.12 -18.89 -11.32
C HIS C 64 39.43 -18.48 -11.97
N SER C 65 39.44 -17.28 -12.54
CA SER C 65 40.68 -16.79 -13.14
C SER C 65 41.68 -16.43 -12.05
N THR C 66 42.98 -16.48 -12.40
CA THR C 66 44.00 -16.11 -11.43
C THR C 66 43.88 -14.64 -11.04
N GLU C 67 43.55 -13.78 -12.01
CA GLU C 67 43.49 -12.35 -11.71
C GLU C 67 42.31 -12.03 -10.79
N TYR C 68 41.19 -12.74 -10.92
CA TYR C 68 40.09 -12.56 -9.96
C TYR C 68 40.49 -13.03 -8.57
N VAL C 69 41.09 -14.21 -8.45
CA VAL C 69 41.51 -14.67 -7.13
C VAL C 69 42.53 -13.70 -6.54
N ASP C 70 43.42 -13.18 -7.38
CA ASP C 70 44.37 -12.17 -6.92
C ASP C 70 43.66 -10.97 -6.34
N ALA C 71 42.65 -10.45 -7.05
CA ALA C 71 41.95 -9.24 -6.62
C ALA C 71 41.19 -9.49 -5.31
N LEU C 72 40.56 -10.68 -5.20
CA LEU C 72 39.81 -11.01 -3.99
C LEU C 72 40.74 -11.11 -2.79
N LYS C 73 41.92 -11.69 -2.97
CA LYS C 73 42.90 -11.72 -1.87
C LYS C 73 43.34 -10.31 -1.51
N LYS C 74 43.57 -9.47 -2.52
CA LYS C 74 43.98 -8.09 -2.27
C LYS C 74 42.88 -7.30 -1.55
N LEU C 75 41.61 -7.55 -1.91
CA LEU C 75 40.51 -6.88 -1.25
C LEU C 75 40.49 -7.17 0.25
N GLN C 76 40.74 -8.42 0.62
CA GLN C 76 40.80 -8.76 2.04
C GLN C 76 41.94 -8.03 2.72
N MET C 77 43.10 -7.99 2.07
CA MET C 77 44.25 -7.34 2.68
C MET C 77 43.98 -5.85 2.89
N LEU C 78 43.40 -5.20 1.89
CA LEU C 78 43.11 -3.78 2.01
C LEU C 78 42.11 -3.52 3.14
N HIS C 79 41.12 -4.40 3.29
CA HIS C 79 40.15 -4.17 4.35
C HIS C 79 40.70 -4.49 5.73
N CYS C 80 41.82 -5.20 5.82
CA CYS C 80 42.45 -5.46 7.10
C CYS C 80 43.40 -4.34 7.52
N GLU C 81 43.49 -3.28 6.73
CA GLU C 81 44.24 -2.08 7.11
C GLU C 81 43.30 -0.88 7.11
N GLU C 82 43.81 0.26 7.55
CA GLU C 82 42.99 1.46 7.61
C GLU C 82 43.36 2.43 6.50
N GLU C 84 42.25 3.54 3.25
CA GLU C 84 41.33 3.64 2.12
C GLU C 84 42.01 3.21 0.83
N LEU C 85 41.19 2.77 -0.13
CA LEU C 85 41.71 2.32 -1.41
C LEU C 85 42.18 3.50 -2.25
N THR C 86 43.14 3.25 -3.14
CA THR C 86 43.49 4.21 -4.17
C THR C 86 42.48 4.15 -5.31
N ALA C 87 42.58 5.14 -6.22
CA ALA C 87 41.68 5.18 -7.36
C ALA C 87 41.88 3.99 -8.28
N ASP C 88 43.13 3.57 -8.48
CA ASP C 88 43.36 2.39 -9.30
C ASP C 88 42.91 1.11 -8.59
N ASP C 89 42.99 1.07 -7.26
CA ASP C 89 42.48 -0.09 -6.54
C ASP C 89 40.96 -0.20 -6.68
N GLU C 90 40.26 0.93 -6.54
CA GLU C 90 38.80 0.91 -6.71
C GLU C 90 38.42 0.43 -8.10
N LEU C 91 39.13 0.92 -9.13
CA LEU C 91 38.86 0.48 -10.49
C LEU C 91 39.12 -1.01 -10.64
N LEU C 92 40.22 -1.50 -10.08
CA LEU C 92 40.50 -2.93 -10.13
C LEU C 92 39.34 -3.73 -9.51
N MET C 93 38.91 -3.34 -8.30
CA MET C 93 37.81 -4.06 -7.66
C MET C 93 36.53 -3.95 -8.46
N ASP C 94 36.23 -2.76 -9.02
CA ASP C 94 35.01 -2.62 -9.83
C ASP C 94 35.02 -3.54 -11.05
N SER C 95 36.21 -3.80 -11.62
CA SER C 95 36.29 -4.65 -12.81
C SER C 95 35.98 -6.11 -12.53
N PHE C 96 35.90 -6.51 -11.27
CA PHE C 96 35.50 -7.86 -10.87
C PHE C 96 34.17 -7.86 -10.13
N SER C 97 33.48 -6.72 -10.12
CA SER C 97 32.23 -6.52 -9.40
C SER C 97 32.39 -6.73 -7.89
N LEU C 98 33.57 -6.43 -7.36
CA LEU C 98 33.83 -6.52 -5.93
C LEU C 98 33.40 -5.22 -5.27
N ASN C 99 32.09 -4.98 -5.32
CA ASN C 99 31.51 -3.72 -4.88
C ASN C 99 30.03 -3.95 -4.65
N TYR C 100 29.34 -2.88 -4.25
CA TYR C 100 27.89 -2.86 -4.05
C TYR C 100 27.41 -4.05 -3.22
N ASP C 101 26.67 -4.99 -3.82
CA ASP C 101 26.17 -6.13 -3.05
C ASP C 101 27.22 -7.18 -2.77
N CYS C 102 28.42 -7.04 -3.33
CA CYS C 102 29.54 -7.93 -3.05
C CYS C 102 30.70 -7.13 -2.50
N PRO C 103 30.52 -6.44 -1.39
CA PRO C 103 31.55 -5.53 -0.88
C PRO C 103 32.69 -6.31 -0.23
N GLY C 104 33.79 -5.60 -0.04
CA GLY C 104 34.85 -6.15 0.77
C GLY C 104 34.55 -6.06 2.26
N PHE C 105 35.25 -6.90 3.01
CA PHE C 105 35.24 -6.88 4.47
C PHE C 105 36.47 -7.65 4.95
N PRO C 106 36.84 -7.52 6.22
CA PRO C 106 38.16 -8.03 6.63
C PRO C 106 38.38 -9.50 6.35
N SER C 107 37.33 -10.33 6.28
CA SER C 107 37.50 -11.76 6.08
C SER C 107 37.01 -12.23 4.72
N VAL C 108 36.86 -11.32 3.76
CA VAL C 108 36.10 -11.69 2.57
C VAL C 108 36.74 -12.87 1.83
N PHE C 109 38.08 -12.91 1.75
CA PHE C 109 38.71 -14.04 1.08
C PHE C 109 38.59 -15.31 1.90
N ASP C 110 38.90 -15.24 3.21
CA ASP C 110 38.84 -16.43 4.05
C ASP C 110 37.41 -16.99 4.12
N TYR C 111 36.43 -16.09 4.22
CA TYR C 111 35.03 -16.50 4.24
C TYR C 111 34.65 -17.25 2.96
N SER C 112 35.01 -16.68 1.81
CA SER C 112 34.67 -17.26 0.52
C SER C 112 35.37 -18.59 0.31
N LEU C 113 36.67 -18.62 0.60
CA LEU C 113 37.44 -19.85 0.47
C LEU C 113 36.89 -20.96 1.36
N ALA C 114 36.39 -20.60 2.56
CA ALA C 114 35.93 -21.61 3.51
C ALA C 114 34.83 -22.46 2.87
N ALA C 115 33.86 -21.82 2.20
CA ALA C 115 32.81 -22.59 1.53
C ALA C 115 33.41 -23.54 0.48
N VAL C 116 34.43 -23.09 -0.25
CA VAL C 116 35.11 -23.99 -1.19
C VAL C 116 35.77 -25.15 -0.45
N GLN C 117 36.44 -24.86 0.66
CA GLN C 117 37.09 -25.91 1.42
C GLN C 117 36.09 -26.96 1.89
N GLY C 118 34.91 -26.52 2.32
CA GLY C 118 33.91 -27.46 2.81
C GLY C 118 33.30 -28.28 1.69
N SER C 119 32.98 -27.64 0.57
CA SER C 119 32.32 -28.36 -0.51
C SER C 119 33.27 -29.31 -1.23
N LEU C 120 34.56 -28.93 -1.35
CA LEU C 120 35.54 -29.85 -1.93
C LEU C 120 35.75 -31.07 -1.04
N ALA C 121 35.83 -30.86 0.28
CA ALA C 121 35.94 -32.01 1.18
C ALA C 121 34.71 -32.90 1.09
N ALA C 122 33.52 -32.30 0.98
CA ALA C 122 32.29 -33.08 0.86
C ALA C 122 32.34 -33.94 -0.39
N ALA C 123 32.76 -33.36 -1.52
CA ALA C 123 32.90 -34.12 -2.76
C ALA C 123 33.86 -35.30 -2.57
N SER C 124 35.02 -35.06 -1.95
CA SER C 124 36.00 -36.11 -1.76
C SER C 124 35.44 -37.25 -0.90
N ALA C 125 34.63 -36.91 0.12
CA ALA C 125 34.03 -37.95 0.97
C ALA C 125 33.05 -38.82 0.19
N LEU C 126 32.35 -38.25 -0.80
CA LEU C 126 31.48 -39.07 -1.66
C LEU C 126 32.31 -39.96 -2.59
N ILE C 127 33.40 -39.43 -3.14
CA ILE C 127 34.16 -40.14 -4.16
C ILE C 127 34.80 -41.40 -3.58
N CYS C 128 35.40 -41.31 -2.39
CA CYS C 128 36.01 -42.45 -1.73
C CYS C 128 34.99 -43.33 -1.00
N ARG C 129 33.71 -43.01 -1.09
CA ARG C 129 32.61 -43.80 -0.53
C ARG C 129 32.59 -43.79 0.99
N HIS C 130 33.25 -42.83 1.63
CA HIS C 130 33.14 -42.74 3.07
C HIS C 130 31.73 -42.38 3.50
N CYS C 131 31.03 -41.57 2.70
CA CYS C 131 29.68 -41.11 2.99
C CYS C 131 28.79 -41.33 1.78
N GLU C 132 27.53 -41.72 2.04
CA GLU C 132 26.56 -41.81 0.94
C GLU C 132 25.99 -40.44 0.59
N VAL C 133 25.88 -39.57 1.58
CA VAL C 133 25.40 -38.21 1.42
C VAL C 133 26.27 -37.33 2.28
N VAL C 134 26.56 -36.11 1.82
CA VAL C 134 27.25 -35.12 2.63
C VAL C 134 26.50 -33.79 2.53
N ILE C 135 26.31 -33.16 3.69
CA ILE C 135 25.61 -31.88 3.81
C ILE C 135 26.64 -30.80 4.13
N ASN C 136 26.57 -29.67 3.42
CA ASN C 136 27.41 -28.51 3.75
C ASN C 136 26.53 -27.25 3.81
N TRP C 137 26.08 -26.91 5.02
CA TRP C 137 25.24 -25.73 5.18
C TRP C 137 26.02 -24.42 5.12
N GLY C 138 27.34 -24.50 5.02
CA GLY C 138 28.16 -23.33 4.73
C GLY C 138 28.44 -23.08 3.27
N GLY C 139 27.98 -23.95 2.36
CA GLY C 139 28.21 -23.78 0.94
C GLY C 139 26.91 -23.51 0.18
N GLY C 140 27.02 -23.52 -1.15
CA GLY C 140 25.86 -23.32 -2.01
C GLY C 140 25.85 -21.99 -2.77
N TRP C 141 27.02 -21.40 -3.04
CA TRP C 141 27.09 -20.02 -3.52
C TRP C 141 27.09 -19.97 -5.06
N HIS C 142 25.89 -20.14 -5.61
CA HIS C 142 25.71 -20.50 -7.01
C HIS C 142 25.85 -19.34 -8.00
N HIS C 143 25.93 -18.08 -7.55
CA HIS C 143 25.97 -16.95 -8.48
C HIS C 143 27.38 -16.57 -8.93
N ALA C 144 28.43 -16.96 -8.21
CA ALA C 144 29.76 -16.50 -8.55
C ALA C 144 30.21 -17.01 -9.92
N LYS C 145 30.85 -16.14 -10.70
CA LYS C 145 31.34 -16.44 -12.04
C LYS C 145 32.86 -16.55 -12.05
N ARG C 146 33.40 -17.00 -13.18
CA ARG C 146 34.85 -17.21 -13.30
C ARG C 146 35.64 -15.99 -12.83
N SER C 147 35.22 -14.79 -13.23
CA SER C 147 35.94 -13.57 -12.89
C SER C 147 35.00 -12.50 -12.38
N GLU C 148 33.97 -12.87 -11.63
CA GLU C 148 33.02 -11.86 -11.18
C GLU C 148 32.32 -12.36 -9.93
N ALA C 149 32.27 -11.52 -8.89
CA ALA C 149 31.39 -11.78 -7.75
C ALA C 149 29.96 -11.35 -8.11
N SER C 150 28.98 -12.02 -7.50
CA SER C 150 27.60 -11.71 -7.83
C SER C 150 26.70 -12.27 -6.73
N GLY C 151 25.71 -11.46 -6.31
CA GLY C 151 24.72 -11.91 -5.35
C GLY C 151 25.25 -12.45 -4.04
N PHE C 152 26.18 -11.69 -3.45
N PHE C 152 26.18 -11.74 -3.43
CA PHE C 152 26.99 -12.04 -2.27
CA PHE C 152 26.83 -12.14 -2.18
C PHE C 152 27.63 -13.43 -2.36
C PHE C 152 27.68 -13.39 -2.34
N CYS C 153 27.88 -13.88 -3.57
CA CYS C 153 28.70 -15.06 -3.84
C CYS C 153 30.04 -14.58 -4.42
N TYR C 154 31.13 -14.95 -3.79
CA TYR C 154 32.47 -14.54 -4.23
C TYR C 154 33.24 -15.65 -4.90
N LEU C 155 33.12 -16.87 -4.40
CA LEU C 155 33.75 -18.05 -5.00
C LEU C 155 32.70 -19.12 -5.16
N ASN C 156 32.71 -19.81 -6.29
CA ASN C 156 31.64 -20.76 -6.58
C ASN C 156 32.06 -22.15 -6.08
N ASP C 157 31.71 -22.43 -4.83
CA ASP C 157 32.06 -23.72 -4.25
C ASP C 157 31.34 -24.85 -4.96
N ILE C 158 30.14 -24.58 -5.50
CA ILE C 158 29.40 -25.62 -6.19
C ILE C 158 30.13 -26.06 -7.45
N VAL C 159 30.56 -25.11 -8.27
CA VAL C 159 31.24 -25.45 -9.51
C VAL C 159 32.49 -26.26 -9.21
N LEU C 160 33.25 -25.85 -8.20
CA LEU C 160 34.50 -26.55 -7.89
C LEU C 160 34.21 -27.94 -7.34
N ALA C 161 33.14 -28.10 -6.55
CA ALA C 161 32.79 -29.42 -6.06
C ALA C 161 32.33 -30.33 -7.20
N ILE C 162 31.52 -29.80 -8.11
CA ILE C 162 31.04 -30.60 -9.25
C ILE C 162 32.21 -31.02 -10.13
N HIS C 163 33.15 -30.09 -10.39
CA HIS C 163 34.32 -30.44 -11.19
C HIS C 163 35.09 -31.59 -10.55
N ARG C 164 35.25 -31.56 -9.22
CA ARG C 164 35.94 -32.68 -8.59
C ARG C 164 35.18 -33.99 -8.78
N LEU C 165 33.85 -33.94 -8.63
CA LEU C 165 33.03 -35.16 -8.81
C LEU C 165 33.12 -35.67 -10.24
N VAL C 166 32.92 -34.80 -11.22
CA VAL C 166 32.83 -35.27 -12.60
C VAL C 166 34.19 -35.73 -13.12
N SER C 167 35.29 -35.28 -12.52
CA SER C 167 36.63 -35.67 -12.94
CA SER C 167 36.62 -35.67 -12.95
C SER C 167 37.13 -36.92 -12.24
N SER C 168 36.31 -37.56 -11.43
CA SER C 168 36.66 -38.80 -10.76
C SER C 168 36.08 -39.98 -11.53
N THR C 169 36.50 -41.18 -11.13
CA THR C 169 35.91 -42.40 -11.69
C THR C 169 36.11 -43.59 -10.74
N GLN C 178 32.13 -41.56 -18.50
CA GLN C 178 30.77 -42.05 -18.24
C GLN C 178 30.22 -41.46 -16.95
N THR C 179 31.07 -40.79 -16.17
CA THR C 179 30.62 -40.12 -14.95
C THR C 179 29.79 -38.89 -15.32
N ARG C 180 28.54 -38.85 -14.85
CA ARG C 180 27.69 -37.70 -15.02
C ARG C 180 27.18 -37.21 -13.67
N VAL C 181 27.02 -35.90 -13.55
CA VAL C 181 26.50 -35.26 -12.34
C VAL C 181 25.19 -34.56 -12.71
N LEU C 182 24.16 -34.75 -11.88
CA LEU C 182 22.94 -33.94 -11.98
C LEU C 182 22.97 -32.89 -10.88
N TYR C 183 22.87 -31.62 -11.28
CA TYR C 183 22.80 -30.49 -10.37
C TYR C 183 21.37 -29.99 -10.29
N VAL C 184 20.84 -29.90 -9.08
CA VAL C 184 19.45 -29.49 -8.82
C VAL C 184 19.51 -28.26 -7.93
N ASP C 185 18.92 -27.17 -8.39
CA ASP C 185 19.04 -25.88 -7.69
C ASP C 185 17.66 -25.47 -7.21
N LEU C 186 17.42 -25.56 -5.90
CA LEU C 186 16.10 -25.32 -5.32
C LEU C 186 15.92 -23.89 -4.78
N ASP C 187 16.98 -23.08 -4.83
CA ASP C 187 16.93 -21.69 -4.39
C ASP C 187 15.82 -20.91 -5.09
N LEU C 188 15.32 -19.87 -4.41
CA LEU C 188 14.37 -18.95 -5.03
C LEU C 188 14.94 -18.33 -6.32
N HIS C 189 16.26 -18.19 -6.42
CA HIS C 189 16.92 -17.53 -7.53
C HIS C 189 17.53 -18.52 -8.52
N HIS C 190 17.58 -18.10 -9.78
CA HIS C 190 18.19 -18.90 -10.83
C HIS C 190 19.66 -19.20 -10.52
N GLY C 191 20.04 -20.46 -10.65
CA GLY C 191 21.43 -20.83 -10.43
C GLY C 191 22.34 -20.48 -11.60
N ASP C 192 22.52 -19.18 -11.88
CA ASP C 192 23.16 -18.76 -13.12
C ASP C 192 24.65 -19.10 -13.18
N GLY C 193 25.39 -18.97 -12.07
CA GLY C 193 26.83 -19.19 -12.13
C GLY C 193 27.18 -20.64 -12.43
N VAL C 194 26.44 -21.58 -11.83
CA VAL C 194 26.65 -23.00 -12.08
C VAL C 194 26.22 -23.35 -13.50
N GLU C 195 25.03 -22.91 -13.90
CA GLU C 195 24.59 -23.12 -15.28
C GLU C 195 25.64 -22.65 -16.27
N GLU C 196 26.18 -21.45 -16.06
CA GLU C 196 27.11 -20.88 -17.04
C GLU C 196 28.41 -21.67 -17.09
N ALA C 197 28.91 -22.10 -15.93
CA ALA C 197 30.16 -22.84 -15.88
C ALA C 197 30.08 -24.12 -16.69
N PHE C 198 28.90 -24.76 -16.76
CA PHE C 198 28.74 -26.04 -17.44
C PHE C 198 27.89 -25.91 -18.71
N TRP C 199 27.76 -24.70 -19.25
CA TRP C 199 26.90 -24.46 -20.41
C TRP C 199 27.29 -25.31 -21.61
N TYR C 200 28.58 -25.64 -21.75
CA TYR C 200 29.05 -26.43 -22.89
C TYR C 200 29.35 -27.89 -22.51
N SER C 201 28.93 -28.35 -21.34
CA SER C 201 29.34 -29.66 -20.84
CA SER C 201 29.33 -29.66 -20.85
C SER C 201 28.14 -30.60 -20.73
N PRO C 202 28.09 -31.66 -21.53
CA PRO C 202 26.98 -32.62 -21.39
C PRO C 202 27.05 -33.47 -20.14
N ARG C 203 28.23 -33.62 -19.53
CA ARG C 203 28.37 -34.53 -18.40
C ARG C 203 27.90 -33.91 -17.08
N VAL C 204 27.63 -32.62 -17.03
CA VAL C 204 27.02 -31.95 -15.89
C VAL C 204 25.70 -31.38 -16.38
N VAL C 205 24.60 -32.01 -16.02
CA VAL C 205 23.27 -31.51 -16.36
C VAL C 205 22.77 -30.63 -15.23
N THR C 206 22.40 -29.39 -15.54
CA THR C 206 21.92 -28.47 -14.51
C THR C 206 20.41 -28.30 -14.62
N PHE C 207 19.74 -28.20 -13.47
CA PHE C 207 18.29 -27.99 -13.41
C PHE C 207 18.00 -27.02 -12.29
N SER C 208 17.45 -25.86 -12.63
CA SER C 208 17.11 -24.85 -11.64
C SER C 208 15.62 -24.58 -11.71
N VAL C 209 14.96 -24.59 -10.55
CA VAL C 209 13.61 -24.08 -10.39
C VAL C 209 13.72 -22.80 -9.58
N HIS C 210 12.97 -21.77 -9.96
CA HIS C 210 13.21 -20.45 -9.39
C HIS C 210 12.07 -19.54 -9.79
N HIS C 211 11.97 -18.40 -9.11
CA HIS C 211 11.14 -17.31 -9.60
C HIS C 211 11.91 -16.52 -10.64
N ALA C 212 11.20 -16.10 -11.70
CA ALA C 212 11.73 -15.11 -12.63
C ALA C 212 10.63 -14.13 -13.00
N SER C 213 11.00 -12.85 -13.12
CA SER C 213 10.09 -11.78 -13.51
C SER C 213 10.94 -10.55 -13.83
N PRO C 214 10.37 -9.56 -14.53
CA PRO C 214 11.18 -8.41 -14.96
C PRO C 214 11.80 -7.67 -13.78
N GLY C 215 13.11 -7.49 -13.85
CA GLY C 215 13.84 -6.80 -12.82
C GLY C 215 14.27 -7.68 -11.66
N PHE C 216 13.84 -8.94 -11.61
CA PHE C 216 14.13 -9.80 -10.47
C PHE C 216 15.49 -10.48 -10.67
N PHE C 217 16.36 -10.36 -9.67
CA PHE C 217 17.73 -10.88 -9.75
C PHE C 217 17.74 -12.41 -9.92
N PRO C 218 18.62 -12.94 -10.77
CA PRO C 218 19.64 -12.27 -11.59
C PRO C 218 19.20 -12.06 -13.02
N GLY C 219 17.98 -12.45 -13.37
CA GLY C 219 17.39 -12.10 -14.65
C GLY C 219 17.36 -13.22 -15.67
N THR C 220 18.09 -14.31 -15.43
CA THR C 220 18.25 -15.39 -16.37
C THR C 220 17.36 -16.57 -15.93
N GLY C 221 17.46 -17.68 -16.67
CA GLY C 221 16.68 -18.86 -16.39
C GLY C 221 15.25 -18.78 -16.88
N THR C 222 14.99 -17.97 -17.90
CA THR C 222 13.63 -17.81 -18.40
C THR C 222 13.70 -17.53 -19.90
N TRP C 223 12.58 -17.14 -20.48
CA TRP C 223 12.50 -16.97 -21.93
C TRP C 223 13.44 -15.87 -22.40
N ASN C 224 14.03 -16.09 -23.57
CA ASN C 224 14.83 -15.09 -24.27
C ASN C 224 13.96 -14.52 -25.39
N MET C 225 13.78 -13.20 -25.37
CA MET C 225 12.78 -12.54 -26.20
C MET C 225 13.35 -11.35 -26.97
N VAL C 226 14.67 -11.34 -27.20
CA VAL C 226 15.28 -10.18 -27.82
C VAL C 226 14.88 -10.06 -29.30
N ASP C 227 14.58 -11.18 -29.94
CA ASP C 227 14.20 -11.19 -31.35
C ASP C 227 12.82 -10.55 -31.52
N ASN C 228 12.73 -9.54 -32.41
CA ASN C 228 11.50 -8.80 -32.60
C ASN C 228 10.45 -9.55 -33.43
N ASP C 229 10.86 -10.50 -34.25
CA ASP C 229 9.95 -11.14 -35.21
C ASP C 229 9.58 -12.57 -34.84
N LYS C 230 10.27 -13.19 -33.89
CA LYS C 230 10.04 -14.57 -33.52
C LYS C 230 9.53 -14.65 -32.08
N LEU C 231 8.82 -15.74 -31.79
CA LEU C 231 8.38 -15.97 -30.44
C LEU C 231 9.57 -16.32 -29.54
N PRO C 232 9.45 -16.07 -28.23
CA PRO C 232 10.60 -16.29 -27.34
C PRO C 232 11.03 -17.75 -27.32
N ILE C 233 12.32 -17.95 -27.03
CA ILE C 233 12.92 -19.28 -26.96
C ILE C 233 13.59 -19.43 -25.60
N PHE C 234 13.74 -20.69 -25.18
CA PHE C 234 14.52 -21.04 -24.00
C PHE C 234 15.90 -21.50 -24.44
N LEU C 235 16.95 -20.77 -24.06
CA LEU C 235 18.30 -21.27 -24.26
C LEU C 235 18.54 -22.41 -23.28
N ASN C 236 19.30 -23.42 -23.72
CA ASN C 236 19.42 -24.62 -22.89
C ASN C 236 20.80 -25.28 -23.01
N GLY C 237 21.84 -24.49 -23.27
CA GLY C 237 23.18 -25.00 -23.45
C GLY C 237 23.62 -24.84 -24.90
N ALA C 238 24.93 -24.98 -25.11
CA ALA C 238 25.46 -24.77 -26.45
C ALA C 238 26.57 -25.77 -26.74
N GLY C 239 26.89 -25.91 -28.03
CA GLY C 239 27.94 -26.83 -28.43
C GLY C 239 27.62 -28.23 -28.00
N ARG C 240 28.62 -28.91 -27.42
CA ARG C 240 28.38 -30.25 -26.90
C ARG C 240 27.42 -30.24 -25.71
N GLY C 241 27.20 -29.07 -25.11
CA GLY C 241 26.29 -28.90 -24.00
C GLY C 241 24.86 -28.55 -24.38
N ARG C 242 24.51 -28.59 -25.65
CA ARG C 242 23.13 -28.29 -26.03
C ARG C 242 22.17 -29.26 -25.36
N PHE C 243 21.04 -28.72 -24.90
CA PHE C 243 19.96 -29.42 -24.19
C PHE C 243 20.32 -29.85 -22.76
N SER C 244 21.50 -29.47 -22.25
CA SER C 244 21.94 -29.96 -20.95
C SER C 244 21.72 -28.98 -19.81
N ALA C 245 21.09 -27.82 -20.07
CA ALA C 245 20.79 -26.85 -19.02
C ALA C 245 19.28 -26.66 -18.95
N PHE C 246 18.67 -27.04 -17.83
CA PHE C 246 17.22 -27.08 -17.67
C PHE C 246 16.78 -25.98 -16.71
N ASN C 247 15.62 -25.38 -16.99
CA ASN C 247 15.13 -24.28 -16.17
C ASN C 247 13.62 -24.34 -16.08
N LEU C 248 13.11 -24.15 -14.88
CA LEU C 248 11.67 -24.05 -14.66
C LEU C 248 11.39 -22.75 -13.91
N PRO C 249 11.03 -21.67 -14.61
CA PRO C 249 10.66 -20.44 -13.92
C PRO C 249 9.19 -20.46 -13.50
N LEU C 250 8.94 -19.99 -12.29
CA LEU C 250 7.59 -20.06 -11.70
C LEU C 250 7.13 -18.67 -11.25
N GLU C 251 5.83 -18.42 -11.35
CA GLU C 251 5.26 -17.17 -10.88
C GLU C 251 5.23 -17.12 -9.35
N GLU C 252 5.13 -15.91 -8.81
CA GLU C 252 5.14 -15.79 -7.36
C GLU C 252 3.87 -16.40 -6.74
N GLY C 253 4.00 -16.77 -5.47
CA GLY C 253 2.89 -17.27 -4.67
C GLY C 253 2.77 -18.78 -4.55
N ILE C 254 3.68 -19.57 -5.13
CA ILE C 254 3.48 -21.01 -5.21
C ILE C 254 3.62 -21.67 -3.85
N ASN C 255 2.77 -22.66 -3.57
CA ASN C 255 2.74 -23.35 -2.28
C ASN C 255 3.47 -24.70 -2.34
N ASP C 256 3.52 -25.40 -1.19
CA ASP C 256 4.27 -26.65 -1.11
C ASP C 256 3.79 -27.67 -2.14
N LEU C 257 2.47 -27.87 -2.24
CA LEU C 257 1.97 -28.96 -3.09
C LEU C 257 2.22 -28.67 -4.57
N ASP C 258 1.97 -27.43 -5.00
CA ASP C 258 2.13 -27.10 -6.41
C ASP C 258 3.59 -27.09 -6.82
N TRP C 259 4.49 -26.64 -5.92
CA TRP C 259 5.93 -26.70 -6.21
C TRP C 259 6.40 -28.15 -6.26
N SER C 260 5.87 -28.99 -5.35
CA SER C 260 6.20 -30.41 -5.35
C SER C 260 5.75 -31.08 -6.64
N ASN C 261 4.50 -30.86 -7.03
CA ASN C 261 3.97 -31.45 -8.25
C ASN C 261 4.65 -30.88 -9.49
N ALA C 262 5.19 -29.67 -9.40
CA ALA C 262 5.92 -29.09 -10.53
C ALA C 262 7.24 -29.80 -10.78
N ILE C 263 8.06 -29.98 -9.73
CA ILE C 263 9.40 -30.49 -9.96
C ILE C 263 9.53 -32.00 -9.79
N GLY C 264 8.58 -32.65 -9.10
CA GLY C 264 8.66 -34.07 -8.84
C GLY C 264 8.88 -34.93 -10.06
N PRO C 265 7.97 -34.84 -11.03
CA PRO C 265 8.11 -35.66 -12.24
C PRO C 265 9.33 -35.28 -13.07
N ILE C 266 9.71 -33.99 -13.08
CA ILE C 266 10.91 -33.60 -13.79
C ILE C 266 12.13 -34.25 -13.16
N LEU C 267 12.25 -34.19 -11.83
CA LEU C 267 13.39 -34.80 -11.16
C LEU C 267 13.50 -36.29 -11.46
N ASP C 268 12.38 -37.02 -11.33
CA ASP C 268 12.42 -38.46 -11.60
C ASP C 268 12.79 -38.75 -13.05
N SER C 269 12.30 -37.92 -13.99
CA SER C 269 12.64 -38.13 -15.40
C SER C 269 14.12 -37.87 -15.66
N LEU C 270 14.67 -36.81 -15.06
CA LEU C 270 16.10 -36.56 -15.20
C LEU C 270 16.92 -37.74 -14.67
N ASN C 271 16.51 -38.30 -13.52
CA ASN C 271 17.26 -39.42 -12.97
C ASN C 271 17.18 -40.65 -13.90
N ILE C 272 15.99 -40.92 -14.43
CA ILE C 272 15.80 -42.08 -15.31
C ILE C 272 16.70 -41.98 -16.54
N VAL C 273 16.73 -40.79 -17.17
CA VAL C 273 17.41 -40.64 -18.46
C VAL C 273 18.89 -40.37 -18.30
N ILE C 274 19.27 -39.46 -17.39
CA ILE C 274 20.68 -39.13 -17.24
C ILE C 274 21.45 -40.22 -16.50
N GLN C 275 20.80 -40.97 -15.61
CA GLN C 275 21.46 -41.97 -14.79
C GLN C 275 22.71 -41.39 -14.11
N PRO C 276 22.57 -40.32 -13.33
CA PRO C 276 23.76 -39.66 -12.78
C PRO C 276 24.52 -40.55 -11.81
N SER C 277 25.84 -40.34 -11.77
CA SER C 277 26.71 -40.95 -10.78
C SER C 277 26.73 -40.19 -9.47
N TYR C 278 26.42 -38.89 -9.52
CA TYR C 278 26.34 -38.04 -8.35
C TYR C 278 25.23 -37.03 -8.57
N VAL C 279 24.56 -36.65 -7.47
CA VAL C 279 23.59 -35.56 -7.49
C VAL C 279 24.10 -34.47 -6.55
N VAL C 280 24.05 -33.21 -7.02
CA VAL C 280 24.40 -32.08 -6.17
C VAL C 280 23.16 -31.18 -6.07
N VAL C 281 22.72 -30.92 -4.83
CA VAL C 281 21.48 -30.20 -4.58
C VAL C 281 21.80 -28.91 -3.84
N GLN C 282 21.42 -27.79 -4.43
CA GLN C 282 21.49 -26.50 -3.73
C GLN C 282 20.13 -26.28 -3.07
N CYS C 283 20.11 -26.09 -1.76
CA CYS C 283 18.86 -26.11 -1.00
C CYS C 283 18.63 -24.75 -0.32
N GLY C 284 18.87 -23.68 -1.06
CA GLY C 284 18.62 -22.32 -0.60
C GLY C 284 17.22 -22.18 -0.02
N ALA C 285 17.11 -21.58 1.17
CA ALA C 285 15.87 -21.56 1.96
C ALA C 285 15.00 -20.33 1.69
N ASP C 286 15.28 -19.56 0.63
CA ASP C 286 14.56 -18.31 0.43
C ASP C 286 13.23 -18.49 -0.28
N CYS C 287 12.82 -19.74 -0.53
CA CYS C 287 11.46 -20.02 -0.99
C CYS C 287 10.47 -20.16 0.14
N LEU C 288 10.94 -20.17 1.38
CA LEU C 288 10.04 -20.20 2.52
C LEU C 288 9.09 -19.01 2.52
N ALA C 289 7.86 -19.26 2.95
CA ALA C 289 6.85 -18.19 2.99
C ALA C 289 7.27 -17.04 3.88
N THR C 290 8.14 -17.30 4.85
CA THR C 290 8.56 -16.31 5.81
C THR C 290 9.90 -15.67 5.47
N ASP C 291 10.48 -16.01 4.32
CA ASP C 291 11.65 -15.30 3.86
C ASP C 291 11.28 -13.86 3.55
N PRO C 292 12.15 -12.88 3.84
CA PRO C 292 11.79 -11.48 3.56
C PRO C 292 11.62 -11.17 2.05
N HIS C 293 12.11 -12.03 1.14
CA HIS C 293 11.76 -11.86 -0.28
C HIS C 293 10.24 -11.94 -0.46
N ARG C 294 9.58 -12.83 0.28
CA ARG C 294 8.14 -12.98 0.28
C ARG C 294 7.63 -13.27 -1.13
N ILE C 295 8.23 -14.26 -1.79
CA ILE C 295 7.88 -14.61 -3.17
C ILE C 295 7.12 -15.93 -3.26
N PHE C 296 7.74 -17.03 -2.85
CA PHE C 296 7.08 -18.33 -2.77
C PHE C 296 6.53 -18.56 -1.36
N ARG C 297 5.72 -19.61 -1.23
CA ARG C 297 5.10 -19.87 0.06
C ARG C 297 5.39 -21.30 0.53
N LEU C 298 6.64 -21.74 0.41
CA LEU C 298 7.00 -23.06 0.88
C LEU C 298 7.09 -23.04 2.41
N THR C 299 7.00 -24.22 3.03
CA THR C 299 7.14 -24.35 4.47
C THR C 299 8.22 -25.37 4.80
N ASN C 300 8.41 -25.62 6.10
CA ASN C 300 9.18 -26.76 6.58
C ASN C 300 8.30 -27.82 7.23
N PHE C 301 7.01 -27.85 6.90
CA PHE C 301 6.11 -28.73 7.64
C PHE C 301 6.35 -30.20 7.28
N TYR C 302 6.14 -31.07 8.27
CA TYR C 302 6.37 -32.50 8.10
C TYR C 302 5.26 -33.25 8.83
N PRO C 303 4.19 -33.63 8.12
CA PRO C 303 3.02 -34.29 8.72
C PRO C 303 3.35 -35.63 9.35
N SER C 316 -0.03 -31.09 4.51
CA SER C 316 0.81 -31.09 3.32
C SER C 316 2.32 -30.99 3.66
N LEU C 317 3.13 -31.71 2.89
CA LEU C 317 4.54 -31.83 3.16
C LEU C 317 5.32 -30.65 2.57
N SER C 318 6.27 -30.14 3.34
CA SER C 318 7.24 -29.17 2.82
C SER C 318 7.70 -29.57 1.42
N GLY C 319 7.59 -28.63 0.48
CA GLY C 319 8.15 -28.85 -0.85
C GLY C 319 9.61 -29.24 -0.82
N TYR C 320 10.40 -28.54 0.01
CA TYR C 320 11.80 -28.92 0.17
C TYR C 320 11.95 -30.37 0.62
N LEU C 321 11.20 -30.77 1.65
CA LEU C 321 11.35 -32.13 2.17
C LEU C 321 10.86 -33.15 1.14
N TYR C 322 9.82 -32.82 0.39
CA TYR C 322 9.37 -33.71 -0.67
C TYR C 322 10.47 -33.95 -1.70
N ALA C 323 11.13 -32.87 -2.12
CA ALA C 323 12.15 -32.96 -3.16
C ALA C 323 13.38 -33.70 -2.66
N ILE C 324 13.83 -33.41 -1.43
CA ILE C 324 15.00 -34.09 -0.90
C ILE C 324 14.71 -35.57 -0.70
N LYS C 325 13.51 -35.92 -0.22
CA LYS C 325 13.17 -37.34 -0.06
C LYS C 325 13.17 -38.04 -1.42
N LYS C 326 12.63 -37.39 -2.45
CA LYS C 326 12.63 -38.01 -3.78
C LYS C 326 14.04 -38.23 -4.29
N ILE C 327 14.88 -37.21 -4.23
CA ILE C 327 16.26 -37.34 -4.70
C ILE C 327 16.99 -38.46 -3.95
N LEU C 328 16.81 -38.51 -2.61
CA LEU C 328 17.50 -39.53 -1.82
C LEU C 328 16.97 -40.94 -2.11
N SER C 329 15.73 -41.06 -2.58
CA SER C 329 15.16 -42.35 -2.91
C SER C 329 15.88 -43.02 -4.08
N TRP C 330 16.60 -42.25 -4.91
CA TRP C 330 17.34 -42.81 -6.03
C TRP C 330 18.57 -43.59 -5.61
N LYS C 331 19.06 -43.40 -4.38
CA LYS C 331 20.26 -44.08 -3.86
C LYS C 331 21.50 -43.79 -4.71
N VAL C 332 21.63 -42.52 -5.13
CA VAL C 332 22.82 -42.01 -5.82
C VAL C 332 23.59 -41.16 -4.81
N PRO C 333 24.92 -41.27 -4.72
CA PRO C 333 25.66 -40.40 -3.80
C PRO C 333 25.33 -38.94 -4.03
N THR C 334 25.08 -38.20 -2.96
CA THR C 334 24.45 -36.89 -3.06
C THR C 334 25.14 -35.87 -2.17
N LEU C 335 25.35 -34.66 -2.72
CA LEU C 335 25.84 -33.51 -1.97
C LEU C 335 24.65 -32.57 -1.77
N ILE C 336 24.36 -32.22 -0.52
CA ILE C 336 23.31 -31.26 -0.18
C ILE C 336 23.98 -29.98 0.33
N LEU C 337 23.73 -28.87 -0.35
CA LEU C 337 24.33 -27.59 0.00
C LEU C 337 23.27 -26.58 0.41
N GLY C 338 23.72 -25.56 1.15
CA GLY C 338 22.90 -24.42 1.54
C GLY C 338 22.70 -23.44 0.40
N GLY C 339 22.67 -22.16 0.75
CA GLY C 339 22.45 -21.13 -0.26
C GLY C 339 21.77 -19.92 0.37
N GLY C 340 20.80 -19.38 -0.37
CA GLY C 340 20.05 -18.24 0.11
C GLY C 340 19.23 -18.57 1.35
N GLY C 341 18.69 -17.52 1.95
CA GLY C 341 17.86 -17.69 3.14
C GLY C 341 18.16 -16.60 4.16
N TYR C 342 17.29 -15.60 4.23
CA TYR C 342 17.59 -14.38 4.96
C TYR C 342 16.77 -14.24 6.23
N ASN C 343 15.87 -15.18 6.50
CA ASN C 343 15.25 -15.36 7.80
C ASN C 343 16.07 -16.44 8.50
N PHE C 344 17.03 -16.03 9.36
CA PHE C 344 17.97 -17.03 9.87
C PHE C 344 17.29 -18.10 10.72
N PRO C 345 16.43 -17.77 11.69
CA PRO C 345 15.77 -18.84 12.46
C PRO C 345 14.98 -19.81 11.58
N ASP C 346 14.25 -19.29 10.59
CA ASP C 346 13.43 -20.19 9.78
C ASP C 346 14.28 -21.01 8.83
N THR C 347 15.41 -20.45 8.37
CA THR C 347 16.38 -21.24 7.63
C THR C 347 16.93 -22.39 8.47
N ALA C 348 17.34 -22.10 9.71
CA ALA C 348 17.73 -23.18 10.61
C ALA C 348 16.59 -24.20 10.82
N ARG C 349 15.35 -23.72 10.97
CA ARG C 349 14.23 -24.66 11.13
C ARG C 349 14.10 -25.59 9.93
N LEU C 350 14.22 -25.04 8.72
CA LEU C 350 14.12 -25.86 7.52
C LEU C 350 15.30 -26.84 7.43
N TRP C 351 16.52 -26.33 7.55
CA TRP C 351 17.67 -27.18 7.29
C TRP C 351 17.85 -28.24 8.37
N THR C 352 17.37 -27.98 9.59
CA THR C 352 17.40 -29.03 10.60
C THR C 352 16.49 -30.20 10.21
N ARG C 353 15.28 -29.91 9.69
CA ARG C 353 14.42 -30.98 9.21
C ARG C 353 15.01 -31.68 7.98
N VAL C 354 15.67 -30.94 7.09
CA VAL C 354 16.33 -31.60 5.96
C VAL C 354 17.39 -32.57 6.47
N THR C 355 18.16 -32.15 7.47
CA THR C 355 19.20 -33.02 8.02
C THR C 355 18.60 -34.27 8.67
N ALA C 356 17.51 -34.11 9.43
CA ALA C 356 16.87 -35.25 10.06
C ALA C 356 16.30 -36.20 9.01
N LEU C 357 15.68 -35.65 7.96
CA LEU C 357 15.13 -36.48 6.89
C LEU C 357 16.23 -37.27 6.19
N THR C 358 17.38 -36.63 5.96
CA THR C 358 18.49 -37.30 5.30
C THR C 358 18.98 -38.47 6.14
N ILE C 359 19.08 -38.28 7.46
CA ILE C 359 19.44 -39.39 8.34
C ILE C 359 18.43 -40.52 8.20
N GLU C 360 17.13 -40.20 8.24
CA GLU C 360 16.10 -41.23 8.17
C GLU C 360 16.18 -42.02 6.88
N GLU C 361 16.31 -41.32 5.74
CA GLU C 361 16.25 -41.99 4.45
C GLU C 361 17.50 -42.82 4.19
N VAL C 362 18.66 -42.31 4.57
CA VAL C 362 19.90 -43.01 4.28
C VAL C 362 20.11 -44.19 5.22
N LYS C 363 19.95 -43.95 6.52
CA LYS C 363 20.25 -44.95 7.53
C LYS C 363 19.06 -45.84 7.90
N GLY C 364 17.85 -45.50 7.43
CA GLY C 364 16.68 -46.27 7.82
C GLY C 364 16.30 -46.12 9.28
N LYS C 365 16.63 -45.00 9.88
CA LYS C 365 16.58 -44.82 11.32
C LYS C 365 15.65 -43.66 11.65
N LYS C 366 14.58 -43.92 12.40
CA LYS C 366 13.59 -42.89 12.67
C LYS C 366 14.18 -41.75 13.47
N MET C 367 13.98 -40.51 12.98
CA MET C 367 14.42 -39.31 13.68
C MET C 367 13.17 -38.53 14.08
N THR C 368 12.90 -38.47 15.37
CA THR C 368 11.70 -37.81 15.88
C THR C 368 12.12 -36.48 16.50
N ILE C 369 11.55 -35.40 15.99
CA ILE C 369 11.95 -34.05 16.36
C ILE C 369 10.81 -33.42 17.15
N SER C 370 11.09 -33.02 18.38
CA SER C 370 10.08 -32.38 19.21
C SER C 370 9.59 -31.09 18.54
N PRO C 371 8.30 -30.79 18.62
CA PRO C 371 7.81 -29.51 18.08
C PRO C 371 8.29 -28.30 18.86
N GLU C 372 8.71 -28.47 20.11
CA GLU C 372 9.30 -27.38 20.87
C GLU C 372 10.79 -27.31 20.58
N ILE C 373 11.29 -26.10 20.30
CA ILE C 373 12.72 -25.89 20.12
C ILE C 373 13.46 -26.28 21.40
N PRO C 374 14.53 -27.07 21.34
CA PRO C 374 15.21 -27.47 22.58
C PRO C 374 16.05 -26.35 23.17
N GLU C 375 16.33 -26.50 24.46
CA GLU C 375 17.28 -25.63 25.14
C GLU C 375 18.61 -25.60 24.40
N HIS C 376 19.13 -24.41 24.13
CA HIS C 376 20.48 -24.19 23.61
C HIS C 376 20.68 -22.68 23.57
N SER C 377 21.92 -22.25 23.31
CA SER C 377 22.21 -20.84 23.55
C SER C 377 21.61 -19.89 22.53
N TYR C 378 21.04 -20.39 21.43
CA TYR C 378 20.29 -19.51 20.54
C TYR C 378 18.79 -19.69 20.68
N PHE C 379 18.33 -20.35 21.75
CA PHE C 379 16.88 -20.57 21.96
C PHE C 379 16.07 -19.29 21.74
N SER C 380 16.54 -18.16 22.29
CA SER C 380 15.76 -16.92 22.26
C SER C 380 15.54 -16.39 20.84
N ARG C 381 16.27 -16.88 19.84
CA ARG C 381 16.07 -16.42 18.47
C ARG C 381 14.85 -17.04 17.84
N TYR C 382 14.20 -18.00 18.50
CA TYR C 382 13.09 -18.74 17.93
C TYR C 382 11.75 -18.25 18.44
N GLY C 383 11.71 -17.03 18.99
CA GLY C 383 10.50 -16.46 19.51
C GLY C 383 9.60 -15.95 18.39
N PRO C 384 8.33 -15.65 18.71
CA PRO C 384 7.74 -15.69 20.05
C PRO C 384 7.17 -17.06 20.42
N ASP C 385 7.16 -17.99 19.47
CA ASP C 385 6.49 -19.28 19.63
C ASP C 385 7.43 -20.39 20.10
N PHE C 386 8.72 -20.30 19.76
CA PHE C 386 9.72 -21.33 20.10
C PHE C 386 9.29 -22.73 19.63
N GLU C 387 8.67 -22.79 18.45
CA GLU C 387 8.29 -24.04 17.82
C GLU C 387 9.11 -24.29 16.56
N LEU C 388 9.15 -25.57 16.15
CA LEU C 388 9.96 -25.92 14.99
C LEU C 388 9.27 -25.57 13.66
N ASP C 389 7.96 -25.74 13.57
CA ASP C 389 7.26 -25.32 12.36
C ASP C 389 7.39 -23.81 12.18
N ILE C 390 7.58 -23.36 10.94
CA ILE C 390 7.60 -21.90 10.73
C ILE C 390 6.21 -21.34 11.03
N ASP C 391 6.18 -20.05 11.37
CA ASP C 391 4.97 -19.36 11.81
C ASP C 391 4.25 -18.80 10.59
N TYR C 392 3.55 -19.69 9.91
CA TYR C 392 2.88 -19.36 8.67
C TYR C 392 1.68 -20.26 8.53
N PHE C 393 0.61 -19.73 7.94
CA PHE C 393 -0.64 -20.47 7.78
C PHE C 393 -1.02 -20.58 6.31
N PRO C 394 -0.73 -21.71 5.67
CA PRO C 394 -0.99 -21.84 4.22
C PRO C 394 -2.46 -21.71 3.90
N HIS C 395 -2.76 -20.94 2.87
CA HIS C 395 -4.15 -20.66 2.51
C HIS C 395 -4.27 -20.57 1.00
N GLU C 396 -5.49 -20.75 0.51
CA GLU C 396 -5.81 -20.69 -0.92
C GLU C 396 -6.91 -19.67 -1.19
N LEU C 402 -5.58 -22.40 -14.31
CA LEU C 402 -4.97 -21.36 -15.15
C LEU C 402 -3.52 -21.05 -14.78
N ASP C 403 -3.10 -21.47 -13.59
CA ASP C 403 -1.73 -21.28 -13.14
C ASP C 403 -0.86 -22.52 -13.37
N SER C 404 -1.31 -23.44 -14.21
CA SER C 404 -0.60 -24.69 -14.38
C SER C 404 0.60 -24.49 -15.30
N ILE C 405 1.44 -25.51 -15.36
CA ILE C 405 2.69 -25.42 -16.11
C ILE C 405 2.88 -26.66 -16.98
N GLN C 406 1.79 -27.20 -17.52
CA GLN C 406 1.94 -28.41 -18.31
C GLN C 406 2.73 -28.17 -19.60
N LYS C 407 2.65 -26.97 -20.19
CA LYS C 407 3.51 -26.70 -21.34
C LYS C 407 4.99 -26.65 -20.97
N HIS C 408 5.32 -26.28 -19.73
CA HIS C 408 6.69 -26.38 -19.28
C HIS C 408 7.13 -27.84 -19.17
N HIS C 409 6.29 -28.69 -18.59
CA HIS C 409 6.59 -30.13 -18.56
C HIS C 409 6.86 -30.65 -19.96
N ARG C 410 5.97 -30.33 -20.91
CA ARG C 410 6.16 -30.78 -22.28
C ARG C 410 7.47 -30.27 -22.87
N ARG C 411 7.77 -29.00 -22.65
CA ARG C 411 9.00 -28.41 -23.17
C ARG C 411 10.23 -29.09 -22.56
N ILE C 412 10.20 -29.28 -21.24
CA ILE C 412 11.35 -29.88 -20.56
C ILE C 412 11.54 -31.34 -20.99
N LEU C 413 10.45 -32.08 -21.14
CA LEU C 413 10.58 -33.47 -21.60
C LEU C 413 11.07 -33.54 -23.04
N GLU C 414 10.64 -32.62 -23.91
CA GLU C 414 11.21 -32.57 -25.25
C GLU C 414 12.69 -32.28 -25.20
N GLN C 415 13.10 -31.37 -24.32
CA GLN C 415 14.53 -31.07 -24.20
C GLN C 415 15.30 -32.29 -23.69
N LEU C 416 14.71 -33.05 -22.75
CA LEU C 416 15.38 -34.25 -22.22
C LEU C 416 15.55 -35.30 -23.31
N ARG C 417 14.53 -35.46 -24.16
CA ARG C 417 14.67 -36.38 -25.29
C ARG C 417 15.77 -35.93 -26.24
N ASN C 418 15.85 -34.61 -26.49
CA ASN C 418 16.89 -34.06 -27.35
C ASN C 418 18.27 -34.27 -26.73
N TYR C 419 18.38 -34.09 -25.41
CA TYR C 419 19.62 -34.37 -24.72
C TYR C 419 20.03 -35.83 -24.89
N ALA C 420 19.07 -36.75 -24.69
CA ALA C 420 19.35 -38.18 -24.79
C ALA C 420 19.80 -38.56 -26.21
N ASP C 421 19.17 -37.97 -27.23
CA ASP C 421 19.54 -38.28 -28.61
C ASP C 421 20.93 -37.78 -28.94
N LEU C 422 21.20 -36.50 -28.60
CA LEU C 422 22.51 -35.93 -28.91
C LEU C 422 23.64 -36.71 -28.27
N ASN C 423 23.42 -37.25 -27.07
CA ASN C 423 24.47 -37.89 -26.29
C ASN C 423 24.42 -39.41 -26.37
N LYS C 424 23.60 -39.98 -27.26
CA LYS C 424 23.50 -41.42 -27.47
C LYS C 424 23.18 -42.15 -26.18
N LEU C 425 22.21 -41.62 -25.43
CA LEU C 425 21.72 -42.27 -24.22
C LEU C 425 20.40 -42.96 -24.50
N ILE C 426 20.16 -44.05 -23.78
CA ILE C 426 18.88 -44.74 -23.87
C ILE C 426 17.79 -43.83 -23.32
N TYR C 427 16.73 -43.66 -24.09
CA TYR C 427 15.57 -42.88 -23.67
C TYR C 427 14.42 -43.86 -23.45
N ASP C 428 14.17 -44.19 -22.18
CA ASP C 428 13.14 -45.16 -21.80
C ASP C 428 11.78 -44.46 -21.79
N TYR C 429 11.17 -44.37 -22.98
CA TYR C 429 9.85 -43.77 -23.09
C TYR C 429 8.84 -44.42 -22.14
N ASP C 430 8.84 -45.75 -22.08
CA ASP C 430 7.85 -46.45 -21.28
C ASP C 430 7.93 -46.05 -19.81
N GLN C 431 9.14 -45.94 -19.28
CA GLN C 431 9.28 -45.57 -17.88
C GLN C 431 8.88 -44.11 -17.65
N VAL C 432 9.32 -43.19 -18.51
CA VAL C 432 8.93 -41.80 -18.35
C VAL C 432 7.42 -41.65 -18.53
N TYR C 433 6.85 -42.37 -19.50
CA TYR C 433 5.42 -42.30 -19.71
C TYR C 433 4.66 -42.74 -18.47
N GLN C 434 5.05 -43.88 -17.90
CA GLN C 434 4.35 -44.41 -16.74
C GLN C 434 4.46 -43.45 -15.56
N LEU C 435 5.59 -42.79 -15.43
CA LEU C 435 5.80 -41.80 -14.37
C LEU C 435 4.79 -40.66 -14.48
N TYR C 436 4.64 -40.10 -15.68
CA TYR C 436 3.72 -38.98 -15.86
C TYR C 436 2.28 -39.44 -15.86
N ASN C 437 2.03 -40.68 -16.28
CA ASN C 437 0.68 -41.22 -16.28
C ASN C 437 0.13 -41.38 -14.87
N LEU C 438 0.98 -41.42 -13.85
CA LEU C 438 0.49 -41.48 -12.47
C LEU C 438 -0.44 -40.32 -12.15
N THR C 439 -0.26 -39.18 -12.84
CA THR C 439 -1.11 -38.02 -12.67
C THR C 439 -1.92 -37.71 -13.93
N GLY C 440 -2.12 -38.69 -14.81
CA GLY C 440 -2.89 -38.46 -16.01
C GLY C 440 -2.24 -37.51 -17.00
N MET C 441 -0.91 -37.40 -16.97
CA MET C 441 -0.18 -36.50 -17.86
C MET C 441 0.78 -37.26 -18.78
N GLY C 442 0.54 -38.54 -19.01
CA GLY C 442 1.42 -39.30 -19.89
C GLY C 442 1.48 -38.75 -21.31
N SER C 443 0.43 -38.04 -21.74
CA SER C 443 0.40 -37.46 -23.08
C SER C 443 1.44 -36.38 -23.30
N LEU C 444 2.01 -35.84 -22.23
CA LEU C 444 3.07 -34.83 -22.35
C LEU C 444 4.42 -35.44 -22.72
N VAL C 445 4.56 -36.76 -22.61
CA VAL C 445 5.86 -37.40 -22.80
C VAL C 445 6.08 -37.63 -24.29
N PRO C 446 7.18 -37.17 -24.87
CA PRO C 446 7.45 -37.42 -26.28
C PRO C 446 8.04 -38.80 -26.49
N ARG C 447 7.72 -39.39 -27.64
CA ARG C 447 8.24 -40.70 -28.02
C ARG C 447 9.73 -40.61 -28.27
N SER D 3 36.18 9.05 -9.69
CA SER D 3 35.91 7.88 -10.52
C SER D 3 34.77 8.19 -11.46
N VAL D 4 34.93 7.87 -12.74
CA VAL D 4 33.86 7.99 -13.72
C VAL D 4 33.23 6.62 -13.91
N GLY D 5 31.92 6.52 -13.64
CA GLY D 5 31.18 5.28 -13.79
C GLY D 5 30.48 5.22 -15.14
N ILE D 6 30.27 4.00 -15.62
CA ILE D 6 29.48 3.80 -16.85
C ILE D 6 28.62 2.56 -16.69
N VAL D 7 27.36 2.67 -17.11
CA VAL D 7 26.41 1.56 -16.93
C VAL D 7 26.56 0.58 -18.07
N TYR D 8 26.84 -0.68 -17.75
CA TYR D 8 26.80 -1.75 -18.73
CA TYR D 8 26.92 -1.75 -18.73
C TYR D 8 26.78 -3.08 -18.01
N GLY D 9 26.54 -4.14 -18.80
CA GLY D 9 26.42 -5.51 -18.33
C GLY D 9 26.00 -6.35 -19.51
N ASP D 10 26.20 -7.67 -19.47
CA ASP D 10 25.87 -8.48 -20.64
C ASP D 10 24.36 -8.53 -20.89
N GLN D 11 23.57 -8.73 -19.83
CA GLN D 11 22.12 -8.75 -20.01
C GLN D 11 21.59 -7.36 -20.36
N TYR D 12 22.18 -6.33 -19.75
CA TYR D 12 21.80 -4.95 -20.08
C TYR D 12 22.01 -4.66 -21.56
N ARG D 13 23.17 -5.08 -22.10
CA ARG D 13 23.44 -4.87 -23.52
C ARG D 13 22.39 -5.56 -24.40
N GLN D 14 22.07 -6.82 -24.08
CA GLN D 14 21.08 -7.56 -24.86
C GLN D 14 19.73 -6.85 -24.84
N LEU D 15 19.29 -6.38 -23.68
CA LEU D 15 18.00 -5.70 -23.60
C LEU D 15 18.03 -4.35 -24.30
N CYS D 16 19.09 -3.54 -24.09
CA CYS D 16 19.17 -2.25 -24.76
C CYS D 16 19.26 -2.39 -26.28
N CYS D 17 19.57 -3.57 -26.80
CA CYS D 17 19.63 -3.79 -28.24
C CYS D 17 18.41 -4.54 -28.76
N SER D 18 17.33 -4.61 -27.99
CA SER D 18 16.21 -5.46 -28.34
C SER D 18 15.04 -4.71 -28.93
N SER D 19 15.18 -3.38 -29.19
CA SER D 19 14.01 -2.64 -29.66
C SER D 19 14.05 -2.46 -31.18
N PRO D 20 12.88 -2.41 -31.82
CA PRO D 20 12.87 -2.21 -33.28
C PRO D 20 13.44 -0.86 -33.70
N LYS D 21 13.20 0.19 -32.91
CA LYS D 21 13.60 1.53 -33.31
C LYS D 21 15.11 1.75 -33.16
N PHE D 22 15.69 1.32 -32.06
CA PHE D 22 17.09 1.66 -31.81
C PHE D 22 18.06 0.52 -32.08
N GLY D 23 17.56 -0.65 -32.46
CA GLY D 23 18.39 -1.74 -32.94
C GLY D 23 19.61 -1.99 -32.08
N ASP D 24 20.77 -2.05 -32.73
CA ASP D 24 22.01 -2.35 -32.05
C ASP D 24 22.83 -1.10 -31.71
N ARG D 25 22.20 0.08 -31.69
CA ARG D 25 22.92 1.32 -31.44
C ARG D 25 23.75 1.26 -30.17
N TYR D 26 23.16 0.76 -29.08
CA TYR D 26 23.88 0.69 -27.81
C TYR D 26 25.14 -0.16 -27.93
N ALA D 27 25.08 -1.25 -28.70
CA ALA D 27 26.26 -2.09 -28.90
C ALA D 27 27.35 -1.36 -29.66
N LEU D 28 26.98 -0.56 -30.66
CA LEU D 28 27.99 0.25 -31.37
C LEU D 28 28.63 1.24 -30.43
N VAL D 29 27.82 1.92 -29.62
CA VAL D 29 28.33 2.92 -28.68
C VAL D 29 29.34 2.27 -27.73
N MET D 30 28.93 1.20 -27.06
CA MET D 30 29.82 0.60 -26.05
C MET D 30 31.02 -0.08 -26.69
N ASP D 31 30.86 -0.66 -27.88
CA ASP D 31 31.99 -1.29 -28.54
C ASP D 31 32.99 -0.26 -29.09
N LEU D 32 32.53 0.92 -29.49
CA LEU D 32 33.49 1.95 -29.91
C LEU D 32 34.27 2.50 -28.71
N ILE D 33 33.58 2.72 -27.59
CA ILE D 33 34.23 3.12 -26.34
C ILE D 33 35.28 2.08 -25.94
N ASN D 34 34.92 0.80 -26.06
CA ASN D 34 35.85 -0.29 -25.77
C ASN D 34 37.00 -0.31 -26.78
N ALA D 35 36.70 -0.11 -28.07
CA ALA D 35 37.75 -0.12 -29.08
C ALA D 35 38.77 0.98 -28.86
N TYR D 36 38.38 2.07 -28.20
CA TYR D 36 39.30 3.16 -27.90
C TYR D 36 39.98 3.00 -26.54
N LYS D 37 39.84 1.82 -25.93
CA LYS D 37 40.55 1.47 -24.69
C LYS D 37 40.14 2.34 -23.51
N LEU D 38 38.91 2.85 -23.53
CA LEU D 38 38.40 3.67 -22.42
C LEU D 38 37.82 2.85 -21.28
N ILE D 39 37.45 1.58 -21.52
CA ILE D 39 36.81 0.78 -20.48
C ILE D 39 37.68 0.64 -19.23
N PRO D 40 39.00 0.39 -19.32
CA PRO D 40 39.81 0.32 -18.09
C PRO D 40 39.82 1.60 -17.27
N GLU D 41 39.50 2.76 -17.87
CA GLU D 41 39.50 4.02 -17.13
C GLU D 41 38.19 4.22 -16.36
N LEU D 42 37.17 3.40 -16.61
CA LEU D 42 35.83 3.63 -16.13
C LEU D 42 35.40 2.56 -15.13
N SER D 43 34.58 2.96 -14.17
CA SER D 43 34.03 2.04 -13.17
C SER D 43 32.71 1.49 -13.69
N ARG D 44 32.63 0.18 -13.92
CA ARG D 44 31.35 -0.37 -14.37
C ARG D 44 30.30 -0.24 -13.27
N VAL D 45 29.16 0.34 -13.61
CA VAL D 45 28.04 0.47 -12.68
C VAL D 45 26.98 -0.54 -13.10
N PRO D 46 26.69 -1.55 -12.29
CA PRO D 46 25.73 -2.59 -12.70
C PRO D 46 24.31 -2.08 -12.57
N PRO D 47 23.42 -2.45 -13.50
CA PRO D 47 22.02 -2.01 -13.39
C PRO D 47 21.39 -2.55 -12.12
N LEU D 48 20.47 -1.75 -11.56
CA LEU D 48 19.74 -2.14 -10.36
C LEU D 48 18.81 -3.31 -10.64
N GLN D 49 18.80 -4.29 -9.74
CA GLN D 49 17.81 -5.36 -9.73
C GLN D 49 17.13 -5.41 -8.37
N TRP D 50 15.94 -6.00 -8.34
CA TRP D 50 15.09 -5.92 -7.16
C TRP D 50 14.87 -7.29 -6.53
N ASP D 51 14.44 -7.25 -5.26
CA ASP D 51 14.22 -8.45 -4.45
C ASP D 51 12.88 -9.10 -4.72
N SER D 52 11.98 -8.44 -5.42
CA SER D 52 10.63 -8.95 -5.60
C SER D 52 9.91 -8.11 -6.66
N PRO D 53 8.88 -8.69 -7.29
CA PRO D 53 8.01 -7.88 -8.14
C PRO D 53 7.45 -6.64 -7.43
N SER D 54 7.06 -6.77 -6.16
CA SER D 54 6.51 -5.62 -5.44
C SER D 54 7.54 -4.51 -5.31
N ARG D 55 8.80 -4.86 -5.07
CA ARG D 55 9.84 -3.84 -4.96
C ARG D 55 10.08 -3.15 -6.30
N MET D 56 10.03 -3.91 -7.40
CA MET D 56 10.16 -3.29 -8.71
C MET D 56 9.01 -2.32 -8.95
N TYR D 57 7.77 -2.77 -8.68
CA TYR D 57 6.63 -1.91 -8.90
C TYR D 57 6.70 -0.65 -8.04
N GLU D 58 7.15 -0.79 -6.80
CA GLU D 58 7.29 0.38 -5.94
C GLU D 58 8.28 1.38 -6.53
N ALA D 59 9.35 0.89 -7.15
CA ALA D 59 10.34 1.79 -7.73
C ALA D 59 9.78 2.51 -8.96
N VAL D 60 9.14 1.78 -9.86
CA VAL D 60 8.66 2.37 -11.12
C VAL D 60 7.45 3.27 -10.86
N THR D 61 6.56 2.87 -9.96
CA THR D 61 5.38 3.69 -9.69
C THR D 61 5.67 4.86 -8.77
N ALA D 62 6.94 5.10 -8.42
CA ALA D 62 7.30 6.40 -7.86
C ALA D 62 6.94 7.54 -8.80
N PHE D 63 6.86 7.27 -10.10
CA PHE D 63 6.38 8.24 -11.08
C PHE D 63 5.21 7.72 -11.90
N HIS D 64 5.33 6.52 -12.48
CA HIS D 64 4.27 6.03 -13.37
C HIS D 64 3.10 5.45 -12.58
N SER D 65 1.92 5.45 -13.19
CA SER D 65 0.78 4.86 -12.53
C SER D 65 0.86 3.34 -12.58
N THR D 66 0.29 2.69 -11.56
CA THR D 66 0.24 1.23 -11.55
C THR D 66 -0.47 0.71 -12.80
N GLU D 67 -1.58 1.34 -13.19
CA GLU D 67 -2.32 0.83 -14.36
C GLU D 67 -1.51 0.93 -15.64
N TYR D 68 -0.71 1.99 -15.80
CA TYR D 68 0.18 2.08 -16.97
C TYR D 68 1.23 0.98 -16.94
N VAL D 69 1.88 0.79 -15.80
CA VAL D 69 2.87 -0.27 -15.68
C VAL D 69 2.24 -1.63 -15.96
N ASP D 70 1.05 -1.90 -15.40
CA ASP D 70 0.33 -3.13 -15.71
C ASP D 70 0.14 -3.30 -17.22
N ALA D 71 -0.27 -2.22 -17.90
CA ALA D 71 -0.55 -2.31 -19.33
C ALA D 71 0.72 -2.55 -20.13
N LEU D 72 1.84 -1.94 -19.72
CA LEU D 72 3.09 -2.16 -20.44
C LEU D 72 3.57 -3.59 -20.26
N LYS D 73 3.42 -4.15 -19.05
CA LYS D 73 3.74 -5.55 -18.85
C LYS D 73 2.84 -6.45 -19.68
N LYS D 74 1.55 -6.12 -19.73
CA LYS D 74 0.64 -6.95 -20.51
C LYS D 74 0.97 -6.88 -22.00
N LEU D 75 1.35 -5.70 -22.48
CA LEU D 75 1.74 -5.55 -23.89
C LEU D 75 2.89 -6.49 -24.24
N GLN D 76 3.92 -6.58 -23.39
CA GLN D 76 4.99 -7.53 -23.63
C GLN D 76 4.45 -8.95 -23.67
N MET D 77 3.62 -9.32 -22.67
CA MET D 77 3.05 -10.66 -22.64
C MET D 77 2.28 -10.97 -23.91
N LEU D 78 1.48 -10.01 -24.39
CA LEU D 78 0.69 -10.26 -25.57
C LEU D 78 1.57 -10.40 -26.80
N HIS D 79 2.69 -9.68 -26.84
CA HIS D 79 3.56 -9.76 -28.00
C HIS D 79 4.48 -10.97 -27.96
N CYS D 80 4.44 -11.76 -26.88
CA CYS D 80 5.20 -13.02 -26.83
C CYS D 80 4.35 -14.21 -27.22
N GLU D 81 3.10 -13.99 -27.61
CA GLU D 81 2.24 -15.00 -28.24
C GLU D 81 1.99 -14.63 -29.70
N GLU D 82 1.64 -15.64 -30.49
CA GLU D 82 1.48 -15.44 -31.92
C GLU D 82 0.15 -14.77 -32.29
N LYS D 83 -0.84 -14.83 -31.40
CA LYS D 83 -2.19 -14.42 -31.74
C LYS D 83 -2.35 -12.91 -31.68
N GLU D 84 -3.25 -12.40 -32.53
CA GLU D 84 -3.58 -10.97 -32.59
C GLU D 84 -4.13 -10.48 -31.24
N LEU D 85 -4.00 -9.17 -31.00
CA LEU D 85 -4.65 -8.56 -29.86
C LEU D 85 -6.16 -8.52 -30.06
N THR D 86 -6.91 -8.66 -28.97
CA THR D 86 -8.35 -8.45 -29.04
C THR D 86 -8.66 -6.97 -29.20
N ALA D 87 -9.88 -6.68 -29.64
CA ALA D 87 -10.33 -5.29 -29.71
C ALA D 87 -10.26 -4.62 -28.34
N ASP D 88 -10.70 -5.32 -27.28
CA ASP D 88 -10.59 -4.75 -25.95
C ASP D 88 -9.13 -4.45 -25.57
N ASP D 89 -8.20 -5.35 -25.88
CA ASP D 89 -6.81 -5.06 -25.54
C ASP D 89 -6.23 -3.94 -26.41
N GLU D 90 -6.64 -3.82 -27.68
CA GLU D 90 -6.19 -2.68 -28.47
C GLU D 90 -6.65 -1.36 -27.85
N LEU D 91 -7.89 -1.32 -27.38
CA LEU D 91 -8.44 -0.11 -26.78
C LEU D 91 -7.70 0.23 -25.48
N LEU D 92 -7.42 -0.79 -24.66
CA LEU D 92 -6.59 -0.58 -23.48
C LEU D 92 -5.24 0.04 -23.84
N MET D 93 -4.53 -0.56 -24.79
CA MET D 93 -3.20 -0.01 -25.12
C MET D 93 -3.33 1.41 -25.66
N ASP D 94 -4.35 1.66 -26.48
CA ASP D 94 -4.56 3.00 -27.01
C ASP D 94 -4.75 4.02 -25.90
N SER D 95 -5.38 3.63 -24.78
CA SER D 95 -5.62 4.59 -23.70
C SER D 95 -4.33 5.01 -22.99
N PHE D 96 -3.22 4.32 -23.25
CA PHE D 96 -1.90 4.67 -22.72
C PHE D 96 -0.93 5.09 -23.82
N SER D 97 -1.44 5.29 -25.04
CA SER D 97 -0.64 5.63 -26.22
C SER D 97 0.41 4.57 -26.52
N LEU D 98 0.10 3.32 -26.16
CA LEU D 98 1.00 2.19 -26.44
C LEU D 98 0.70 1.69 -27.85
N ASN D 99 0.99 2.56 -28.81
CA ASN D 99 0.64 2.34 -30.20
C ASN D 99 1.47 3.27 -31.08
N TYR D 100 1.25 3.17 -32.39
CA TYR D 100 1.89 4.01 -33.39
C TYR D 100 3.40 4.09 -33.17
N ASP D 101 3.94 5.23 -32.73
CA ASP D 101 5.38 5.31 -32.56
C ASP D 101 5.89 4.65 -31.29
N CYS D 102 5.01 4.19 -30.41
CA CYS D 102 5.36 3.42 -29.23
C CYS D 102 4.71 2.03 -29.28
N PRO D 103 5.06 1.23 -30.27
CA PRO D 103 4.38 -0.06 -30.44
C PRO D 103 4.88 -1.08 -29.43
N GLY D 104 4.15 -2.17 -29.35
CA GLY D 104 4.63 -3.31 -28.61
C GLY D 104 5.64 -4.11 -29.40
N PHE D 105 6.43 -4.89 -28.66
CA PHE D 105 7.33 -5.88 -29.23
C PHE D 105 7.68 -6.86 -28.12
N PRO D 106 8.26 -8.02 -28.46
CA PRO D 106 8.34 -9.10 -27.45
C PRO D 106 9.08 -8.74 -26.17
N SER D 107 10.01 -7.77 -26.21
CA SER D 107 10.74 -7.40 -25.02
C SER D 107 10.43 -5.99 -24.55
N VAL D 108 9.27 -5.43 -24.92
CA VAL D 108 9.04 -4.00 -24.71
C VAL D 108 9.13 -3.62 -23.22
N PHE D 109 8.63 -4.46 -22.32
CA PHE D 109 8.71 -4.10 -20.91
C PHE D 109 10.15 -4.28 -20.38
N ASP D 110 10.79 -5.40 -20.69
CA ASP D 110 12.16 -5.60 -20.22
C ASP D 110 13.10 -4.53 -20.77
N TYR D 111 12.90 -4.12 -22.03
CA TYR D 111 13.71 -3.07 -22.65
C TYR D 111 13.57 -1.74 -21.92
N SER D 112 12.31 -1.33 -21.69
CA SER D 112 12.03 -0.05 -21.02
CA SER D 112 12.11 -0.03 -21.05
C SER D 112 12.50 -0.07 -19.58
N LEU D 113 12.29 -1.20 -18.91
CA LEU D 113 12.68 -1.31 -17.51
C LEU D 113 14.20 -1.29 -17.41
N ALA D 114 14.90 -1.84 -18.41
CA ALA D 114 16.35 -1.87 -18.36
C ALA D 114 16.93 -0.46 -18.19
N ALA D 115 16.44 0.50 -18.97
CA ALA D 115 16.94 1.87 -18.88
C ALA D 115 16.71 2.42 -17.48
N VAL D 116 15.54 2.12 -16.89
CA VAL D 116 15.26 2.54 -15.53
C VAL D 116 16.27 1.92 -14.55
N GLN D 117 16.51 0.61 -14.71
CA GLN D 117 17.48 -0.06 -13.84
C GLN D 117 18.84 0.61 -13.96
N GLY D 118 19.23 0.99 -15.18
CA GLY D 118 20.55 1.60 -15.36
C GLY D 118 20.63 2.96 -14.72
N SER D 119 19.63 3.81 -14.96
CA SER D 119 19.73 5.18 -14.46
C SER D 119 19.50 5.27 -12.95
N LEU D 120 18.70 4.36 -12.37
CA LEU D 120 18.60 4.32 -10.91
C LEU D 120 19.92 3.89 -10.28
N ALA D 121 20.56 2.87 -10.84
CA ALA D 121 21.87 2.48 -10.32
C ALA D 121 22.87 3.62 -10.45
N ALA D 122 22.77 4.39 -11.54
CA ALA D 122 23.66 5.52 -11.75
C ALA D 122 23.46 6.60 -10.68
N ALA D 123 22.20 6.90 -10.35
CA ALA D 123 21.95 7.86 -9.28
C ALA D 123 22.50 7.37 -7.95
N SER D 124 22.33 6.07 -7.66
CA SER D 124 22.82 5.53 -6.39
C SER D 124 24.33 5.64 -6.28
N ALA D 125 25.05 5.39 -7.38
CA ALA D 125 26.50 5.50 -7.37
C ALA D 125 26.93 6.93 -7.08
N LEU D 126 26.17 7.91 -7.56
CA LEU D 126 26.48 9.30 -7.25
C LEU D 126 26.17 9.62 -5.79
N ILE D 127 25.03 9.15 -5.29
CA ILE D 127 24.61 9.47 -3.92
C ILE D 127 25.62 8.92 -2.91
N CYS D 128 26.04 7.67 -3.09
CA CYS D 128 27.01 7.10 -2.14
C CYS D 128 28.45 7.56 -2.42
N ARG D 129 28.64 8.48 -3.36
CA ARG D 129 29.94 9.05 -3.70
C ARG D 129 30.93 8.01 -4.24
N HIS D 130 30.46 6.85 -4.70
CA HIS D 130 31.37 5.93 -5.38
C HIS D 130 31.92 6.56 -6.65
N CYS D 131 31.08 7.31 -7.37
CA CYS D 131 31.47 7.99 -8.60
C CYS D 131 31.13 9.46 -8.51
N GLU D 132 31.96 10.28 -9.17
CA GLU D 132 31.68 11.71 -9.29
C GLU D 132 30.82 12.01 -10.52
N VAL D 133 30.95 11.20 -11.54
CA VAL D 133 30.11 11.25 -12.74
C VAL D 133 29.76 9.82 -13.13
N VAL D 134 28.53 9.60 -13.58
CA VAL D 134 28.11 8.31 -14.11
C VAL D 134 27.47 8.54 -15.47
N ILE D 135 27.81 7.69 -16.42
CA ILE D 135 27.32 7.75 -17.80
C ILE D 135 26.38 6.57 -18.00
N ASN D 136 25.20 6.81 -18.59
CA ASN D 136 24.34 5.72 -19.00
C ASN D 136 23.85 5.99 -20.43
N TRP D 137 24.54 5.39 -21.41
CA TRP D 137 24.12 5.54 -22.79
C TRP D 137 22.94 4.64 -23.16
N GLY D 138 22.44 3.83 -22.22
CA GLY D 138 21.19 3.13 -22.46
C GLY D 138 19.97 3.87 -21.95
N GLY D 139 20.15 5.05 -21.35
CA GLY D 139 19.08 5.82 -20.79
C GLY D 139 18.84 7.15 -21.50
N GLY D 140 17.97 7.95 -20.88
CA GLY D 140 17.69 9.30 -21.37
C GLY D 140 16.35 9.45 -22.05
N TRP D 141 15.34 8.69 -21.61
CA TRP D 141 14.07 8.61 -22.35
C TRP D 141 13.08 9.66 -21.82
N HIS D 142 13.31 10.91 -22.26
CA HIS D 142 12.73 12.09 -21.63
C HIS D 142 11.26 12.33 -21.96
N HIS D 143 10.66 11.60 -22.90
CA HIS D 143 9.30 11.93 -23.32
C HIS D 143 8.22 11.20 -22.53
N ALA D 144 8.56 10.10 -21.85
CA ALA D 144 7.51 9.28 -21.27
C ALA D 144 6.82 10.01 -20.11
N LYS D 145 5.51 9.86 -20.00
CA LYS D 145 4.71 10.56 -18.99
C LYS D 145 4.17 9.57 -17.97
N ARG D 146 3.55 10.10 -16.93
CA ARG D 146 3.07 9.26 -15.83
C ARG D 146 2.29 8.05 -16.35
N SER D 147 1.35 8.28 -17.27
CA SER D 147 0.49 7.21 -17.79
C SER D 147 0.46 7.19 -19.31
N GLU D 148 1.55 7.56 -19.98
CA GLU D 148 1.51 7.65 -21.43
C GLU D 148 2.91 7.42 -22.00
N ALA D 149 3.03 6.51 -22.97
CA ALA D 149 4.25 6.42 -23.77
C ALA D 149 4.26 7.53 -24.82
N SER D 150 5.46 7.98 -25.17
CA SER D 150 5.57 9.06 -26.15
C SER D 150 6.95 9.02 -26.77
N GLY D 151 7.03 9.19 -28.09
CA GLY D 151 8.33 9.35 -28.75
C GLY D 151 9.35 8.25 -28.52
N PHE D 152 8.91 7.01 -28.72
N PHE D 152 8.94 7.01 -28.66
CA PHE D 152 9.59 5.75 -28.37
CA PHE D 152 9.77 5.84 -28.44
C PHE D 152 10.23 5.78 -26.99
C PHE D 152 10.16 5.68 -26.97
N CYS D 153 9.58 6.48 -26.06
CA CYS D 153 9.93 6.45 -24.64
C CYS D 153 8.76 5.80 -23.90
N TYR D 154 9.04 4.70 -23.21
CA TYR D 154 7.97 3.98 -22.51
C TYR D 154 7.98 4.22 -21.01
N LEU D 155 9.15 4.29 -20.39
CA LEU D 155 9.32 4.55 -18.97
C LEU D 155 10.35 5.65 -18.82
N ASN D 156 10.09 6.60 -17.93
CA ASN D 156 10.97 7.77 -17.88
C ASN D 156 12.08 7.50 -16.86
N ASP D 157 13.18 6.94 -17.34
CA ASP D 157 14.31 6.65 -16.46
C ASP D 157 14.89 7.93 -15.85
N ILE D 158 14.78 9.05 -16.56
CA ILE D 158 15.35 10.30 -16.06
C ILE D 158 14.57 10.80 -14.85
N VAL D 159 13.25 10.85 -14.96
CA VAL D 159 12.43 11.28 -13.82
C VAL D 159 12.69 10.39 -12.61
N LEU D 160 12.74 9.08 -12.82
CA LEU D 160 12.98 8.18 -11.69
C LEU D 160 14.36 8.40 -11.06
N ALA D 161 15.37 8.63 -11.89
CA ALA D 161 16.70 8.93 -11.35
C ALA D 161 16.72 10.27 -10.61
N ILE D 162 16.09 11.31 -11.18
CA ILE D 162 16.08 12.61 -10.50
C ILE D 162 15.33 12.51 -9.18
N HIS D 163 14.20 11.80 -9.17
CA HIS D 163 13.46 11.61 -7.93
C HIS D 163 14.32 10.94 -6.86
N ARG D 164 15.11 9.95 -7.26
CA ARG D 164 16.04 9.33 -6.31
C ARG D 164 17.06 10.34 -5.80
N LEU D 165 17.56 11.20 -6.68
CA LEU D 165 18.55 12.20 -6.25
C LEU D 165 17.95 13.20 -5.27
N VAL D 166 16.77 13.78 -5.57
CA VAL D 166 16.23 14.82 -4.71
C VAL D 166 15.80 14.25 -3.36
N SER D 167 15.42 12.98 -3.33
CA SER D 167 14.93 12.38 -2.10
C SER D 167 16.03 11.82 -1.22
N SER D 168 17.29 12.17 -1.48
CA SER D 168 18.41 11.52 -0.78
C SER D 168 18.94 12.36 0.38
N GLN D 178 18.93 22.50 1.17
CA GLN D 178 18.19 21.36 0.64
C GLN D 178 18.84 20.83 -0.65
N THR D 179 18.50 19.61 -1.01
CA THR D 179 18.98 19.02 -2.26
C THR D 179 18.26 19.64 -3.44
N ARG D 180 19.02 20.15 -4.40
CA ARG D 180 18.47 20.71 -5.63
C ARG D 180 19.14 20.04 -6.81
N VAL D 181 18.37 19.77 -7.86
CA VAL D 181 18.87 19.14 -9.07
C VAL D 181 18.66 20.11 -10.23
N LEU D 182 19.72 20.31 -11.02
CA LEU D 182 19.59 20.98 -12.30
C LEU D 182 19.59 19.92 -13.40
N TYR D 183 18.55 19.92 -14.23
CA TYR D 183 18.42 19.00 -15.35
C TYR D 183 18.65 19.80 -16.64
N VAL D 184 19.55 19.31 -17.49
CA VAL D 184 19.91 19.97 -18.74
C VAL D 184 19.66 18.98 -19.88
N ASP D 185 18.83 19.37 -20.84
CA ASP D 185 18.35 18.48 -21.90
C ASP D 185 18.86 19.01 -23.25
N LEU D 186 19.90 18.37 -23.79
CA LEU D 186 20.55 18.81 -25.02
C LEU D 186 19.96 18.18 -26.28
N ASP D 187 18.96 17.32 -26.13
CA ASP D 187 18.33 16.66 -27.25
C ASP D 187 17.78 17.67 -28.26
N LEU D 188 17.69 17.26 -29.53
CA LEU D 188 17.01 18.07 -30.54
C LEU D 188 15.59 18.39 -30.13
N HIS D 189 14.95 17.50 -29.38
CA HIS D 189 13.55 17.65 -29.00
C HIS D 189 13.39 18.18 -27.59
N HIS D 190 12.27 18.88 -27.37
CA HIS D 190 11.94 19.40 -26.05
C HIS D 190 11.81 18.26 -25.04
N GLY D 191 12.44 18.42 -23.88
CA GLY D 191 12.31 17.42 -22.83
C GLY D 191 11.02 17.56 -22.04
N ASP D 192 9.87 17.22 -22.66
CA ASP D 192 8.57 17.56 -22.08
C ASP D 192 8.21 16.66 -20.91
N GLY D 193 8.52 15.36 -21.00
CA GLY D 193 8.15 14.44 -19.93
C GLY D 193 8.80 14.81 -18.61
N VAL D 194 10.10 15.12 -18.63
CA VAL D 194 10.78 15.53 -17.40
C VAL D 194 10.27 16.87 -16.92
N GLU D 195 10.12 17.84 -17.83
CA GLU D 195 9.62 19.14 -17.45
C GLU D 195 8.26 19.03 -16.76
N GLU D 196 7.36 18.22 -17.34
CA GLU D 196 6.04 18.05 -16.76
C GLU D 196 6.10 17.40 -15.38
N ALA D 197 6.96 16.37 -15.23
CA ALA D 197 7.04 15.65 -13.96
C ALA D 197 7.38 16.60 -12.82
N PHE D 198 8.18 17.63 -13.10
CA PHE D 198 8.66 18.51 -12.04
C PHE D 198 8.09 19.91 -12.17
N TRP D 199 6.98 20.05 -12.88
CA TRP D 199 6.36 21.34 -13.15
C TRP D 199 6.05 22.12 -11.88
N TYR D 200 5.68 21.43 -10.80
CA TYR D 200 5.32 22.06 -9.53
C TYR D 200 6.44 22.00 -8.50
N SER D 201 7.66 21.63 -8.90
CA SER D 201 8.75 21.35 -7.97
C SER D 201 9.86 22.38 -8.12
N PRO D 202 10.05 23.30 -7.15
CA PRO D 202 11.17 24.25 -7.28
C PRO D 202 12.53 23.60 -7.07
N ARG D 203 12.60 22.42 -6.45
CA ARG D 203 13.90 21.79 -6.17
C ARG D 203 14.53 21.15 -7.39
N VAL D 204 13.76 20.86 -8.44
CA VAL D 204 14.30 20.34 -9.69
C VAL D 204 14.08 21.39 -10.75
N VAL D 205 15.16 22.04 -11.19
CA VAL D 205 15.09 23.03 -12.25
C VAL D 205 15.42 22.34 -13.56
N THR D 206 14.52 22.43 -14.54
CA THR D 206 14.72 21.80 -15.82
C THR D 206 15.06 22.88 -16.85
N PHE D 207 15.98 22.56 -17.76
CA PHE D 207 16.36 23.47 -18.82
C PHE D 207 16.54 22.63 -20.08
N SER D 208 15.71 22.87 -21.08
CA SER D 208 15.82 22.20 -22.37
C SER D 208 16.12 23.23 -23.46
N VAL D 209 17.12 22.91 -24.28
CA VAL D 209 17.37 23.61 -25.54
C VAL D 209 17.03 22.64 -26.67
N HIS D 210 16.34 23.13 -27.69
CA HIS D 210 15.73 22.23 -28.68
C HIS D 210 15.30 23.03 -29.89
N HIS D 211 14.99 22.30 -30.97
CA HIS D 211 14.26 22.92 -32.07
C HIS D 211 12.77 22.92 -31.75
N ALA D 212 12.08 24.01 -32.09
CA ALA D 212 10.63 24.05 -32.08
C ALA D 212 10.15 24.80 -33.31
N SER D 213 9.09 24.29 -33.93
CA SER D 213 8.49 24.88 -35.11
C SER D 213 7.11 24.23 -35.30
N PRO D 214 6.23 24.83 -36.10
CA PRO D 214 4.87 24.30 -36.22
C PRO D 214 4.87 22.88 -36.76
N GLY D 215 4.20 21.98 -36.04
CA GLY D 215 4.11 20.59 -36.40
C GLY D 215 5.27 19.71 -35.94
N PHE D 216 6.31 20.30 -35.34
CA PHE D 216 7.51 19.56 -34.95
C PHE D 216 7.32 18.96 -33.57
N PHE D 217 7.62 17.67 -33.42
CA PHE D 217 7.43 16.94 -32.17
C PHE D 217 8.30 17.49 -31.05
N PRO D 218 7.78 17.56 -29.80
CA PRO D 218 6.43 17.25 -29.33
C PRO D 218 5.48 18.45 -29.34
N GLY D 219 6.00 19.62 -29.71
CA GLY D 219 5.19 20.83 -29.83
C GLY D 219 5.34 21.81 -28.69
N THR D 220 5.93 21.38 -27.58
CA THR D 220 6.05 22.21 -26.39
C THR D 220 7.44 22.83 -26.33
N GLY D 221 7.70 23.53 -25.22
CA GLY D 221 8.98 24.20 -25.03
C GLY D 221 9.12 25.51 -25.78
N THR D 222 8.01 26.19 -26.06
CA THR D 222 8.06 27.43 -26.83
C THR D 222 6.81 28.24 -26.49
N TRP D 223 6.64 29.38 -27.17
CA TRP D 223 5.46 30.20 -26.96
C TRP D 223 4.21 29.37 -27.14
N ASN D 224 3.30 29.44 -26.18
CA ASN D 224 2.11 28.61 -26.26
C ASN D 224 0.86 29.48 -26.19
N MET D 225 -0.19 29.00 -26.83
CA MET D 225 -1.34 29.81 -27.13
C MET D 225 -2.52 29.50 -26.21
N PRO D 232 0.56 34.92 -27.50
CA PRO D 232 0.98 33.77 -26.70
C PRO D 232 2.03 34.12 -25.64
N ILE D 233 2.25 33.21 -24.68
CA ILE D 233 3.14 33.43 -23.56
C ILE D 233 4.04 32.21 -23.38
N PHE D 234 5.10 32.39 -22.60
CA PHE D 234 6.00 31.31 -22.24
C PHE D 234 5.65 30.82 -20.85
N LEU D 235 5.04 29.63 -20.76
CA LEU D 235 4.83 29.00 -19.46
C LEU D 235 6.16 28.51 -18.91
N ASN D 236 6.25 28.45 -17.56
CA ASN D 236 7.55 28.15 -16.95
C ASN D 236 7.44 27.44 -15.60
N GLY D 237 6.37 26.73 -15.33
CA GLY D 237 6.14 26.11 -14.03
C GLY D 237 4.93 26.71 -13.33
N ALA D 238 4.46 26.00 -12.31
CA ALA D 238 3.25 26.41 -11.61
C ALA D 238 3.37 26.12 -10.12
N GLY D 239 2.46 26.74 -9.35
CA GLY D 239 2.48 26.59 -7.91
C GLY D 239 3.81 27.06 -7.36
N ARG D 240 4.39 26.27 -6.44
CA ARG D 240 5.70 26.64 -5.92
C ARG D 240 6.83 26.36 -6.91
N GLY D 241 6.52 25.70 -8.02
CA GLY D 241 7.44 25.52 -9.13
C GLY D 241 7.43 26.61 -10.18
N ARG D 242 6.71 27.71 -9.93
CA ARG D 242 6.73 28.80 -10.91
C ARG D 242 8.16 29.28 -11.15
N PHE D 243 8.48 29.54 -12.41
CA PHE D 243 9.77 30.01 -12.91
C PHE D 243 10.86 28.95 -12.89
N SER D 244 10.52 27.68 -12.59
CA SER D 244 11.51 26.64 -12.42
C SER D 244 11.70 25.76 -13.66
N ALA D 245 10.98 26.01 -14.74
CA ALA D 245 11.12 25.27 -15.99
C ALA D 245 11.60 26.22 -17.08
N PHE D 246 12.81 25.98 -17.60
CA PHE D 246 13.46 26.88 -18.56
C PHE D 246 13.52 26.21 -19.93
N ASN D 247 13.37 27.02 -20.98
CA ASN D 247 13.34 26.54 -22.35
C ASN D 247 14.00 27.52 -23.31
N LEU D 248 14.78 26.99 -24.24
CA LEU D 248 15.41 27.78 -25.30
C LEU D 248 15.12 27.12 -26.64
N PRO D 249 14.06 27.53 -27.32
CA PRO D 249 13.77 27.02 -28.66
C PRO D 249 14.59 27.76 -29.71
N LEU D 250 15.12 27.00 -30.67
CA LEU D 250 16.03 27.52 -31.68
C LEU D 250 15.58 27.12 -33.08
N GLU D 251 15.79 28.03 -34.03
CA GLU D 251 15.46 27.75 -35.42
C GLU D 251 16.46 26.77 -36.03
N GLU D 252 16.03 26.10 -37.11
CA GLU D 252 16.84 25.08 -37.74
C GLU D 252 18.11 25.68 -38.35
N GLY D 253 19.10 24.82 -38.50
CA GLY D 253 20.35 25.18 -39.15
C GLY D 253 21.45 25.70 -38.25
N ILE D 254 21.24 25.74 -36.92
CA ILE D 254 22.22 26.37 -36.04
C ILE D 254 23.48 25.51 -35.99
N ASN D 255 24.64 26.18 -35.92
CA ASN D 255 25.91 25.49 -35.94
C ASN D 255 26.50 25.42 -34.53
N ASP D 256 27.67 24.77 -34.43
CA ASP D 256 28.34 24.57 -33.14
C ASP D 256 28.54 25.87 -32.38
N LEU D 257 29.12 26.89 -33.03
CA LEU D 257 29.47 28.11 -32.32
C LEU D 257 28.24 28.85 -31.83
N ASP D 258 27.22 29.00 -32.68
CA ASP D 258 26.05 29.77 -32.30
C ASP D 258 25.24 29.03 -31.24
N TRP D 259 25.16 27.71 -31.31
CA TRP D 259 24.44 26.96 -30.29
C TRP D 259 25.20 27.03 -28.97
N SER D 260 26.54 26.98 -29.03
CA SER D 260 27.37 27.14 -27.83
C SER D 260 27.18 28.51 -27.20
N ASN D 261 27.22 29.57 -28.01
CA ASN D 261 27.04 30.92 -27.49
C ASN D 261 25.63 31.12 -26.94
N ALA D 262 24.65 30.42 -27.49
CA ALA D 262 23.29 30.55 -27.00
C ALA D 262 23.11 29.91 -25.63
N ILE D 263 23.69 28.73 -25.44
CA ILE D 263 23.43 27.97 -24.21
C ILE D 263 24.44 28.32 -23.12
N GLY D 264 25.64 28.72 -23.49
CA GLY D 264 26.73 28.90 -22.55
C GLY D 264 26.40 29.78 -21.36
N PRO D 265 25.99 31.03 -21.61
CA PRO D 265 25.66 31.93 -20.48
C PRO D 265 24.49 31.43 -19.65
N ILE D 266 23.50 30.78 -20.26
CA ILE D 266 22.38 30.26 -19.49
C ILE D 266 22.87 29.21 -18.50
N LEU D 267 23.71 28.27 -18.97
CA LEU D 267 24.20 27.21 -18.09
C LEU D 267 24.95 27.80 -16.91
N ASP D 268 25.86 28.73 -17.17
CA ASP D 268 26.64 29.35 -16.10
C ASP D 268 25.76 30.10 -15.12
N SER D 269 24.72 30.79 -15.61
CA SER D 269 23.85 31.53 -14.70
CA SER D 269 23.83 31.53 -14.71
C SER D 269 22.99 30.59 -13.86
N LEU D 270 22.53 29.47 -14.45
CA LEU D 270 21.77 28.49 -13.68
C LEU D 270 22.62 27.90 -12.57
N ASN D 271 23.87 27.56 -12.85
CA ASN D 271 24.72 26.98 -11.82
C ASN D 271 25.02 28.00 -10.72
N ILE D 272 25.30 29.24 -11.10
CA ILE D 272 25.58 30.29 -10.12
C ILE D 272 24.40 30.47 -9.16
N VAL D 273 23.18 30.54 -9.71
CA VAL D 273 22.03 30.91 -8.90
C VAL D 273 21.46 29.71 -8.17
N ILE D 274 21.35 28.57 -8.86
CA ILE D 274 20.71 27.41 -8.24
C ILE D 274 21.67 26.71 -7.27
N GLN D 275 22.96 26.69 -7.55
CA GLN D 275 23.94 25.93 -6.80
C GLN D 275 23.47 24.48 -6.62
N PRO D 276 23.32 23.74 -7.71
CA PRO D 276 22.72 22.41 -7.61
C PRO D 276 23.61 21.42 -6.85
N SER D 277 22.93 20.49 -6.16
CA SER D 277 23.59 19.34 -5.52
C SER D 277 23.97 18.28 -6.54
N TYR D 278 23.18 18.13 -7.61
CA TYR D 278 23.45 17.20 -8.70
C TYR D 278 23.07 17.87 -10.00
N VAL D 279 23.73 17.48 -11.09
CA VAL D 279 23.33 17.85 -12.44
C VAL D 279 23.03 16.58 -13.22
N VAL D 280 21.91 16.57 -13.93
CA VAL D 280 21.56 15.46 -14.81
C VAL D 280 21.48 16.01 -16.23
N VAL D 281 22.27 15.43 -17.14
CA VAL D 281 22.35 15.91 -18.52
C VAL D 281 21.81 14.83 -19.46
N GLN D 282 20.82 15.18 -20.26
CA GLN D 282 20.41 14.35 -21.38
C GLN D 282 21.16 14.81 -22.63
N CYS D 283 21.84 13.88 -23.29
CA CYS D 283 22.77 14.18 -24.36
CA CYS D 283 22.78 14.16 -24.36
C CYS D 283 22.34 13.53 -25.68
N GLY D 284 21.05 13.59 -25.98
CA GLY D 284 20.55 13.07 -27.24
C GLY D 284 21.34 13.63 -28.41
N ALA D 285 21.73 12.74 -29.32
CA ALA D 285 22.66 13.02 -30.40
C ALA D 285 22.00 13.49 -31.69
N ASP D 286 20.68 13.74 -31.65
CA ASP D 286 19.98 14.08 -32.89
C ASP D 286 20.16 15.54 -33.31
N CYS D 287 20.98 16.34 -32.61
CA CYS D 287 21.36 17.65 -33.11
C CYS D 287 22.52 17.59 -34.08
N LEU D 288 23.19 16.45 -34.22
CA LEU D 288 24.28 16.33 -35.17
C LEU D 288 23.82 16.68 -36.58
N ALA D 289 24.69 17.36 -37.34
CA ALA D 289 24.39 17.71 -38.72
C ALA D 289 24.05 16.48 -39.55
N THR D 290 24.54 15.30 -39.15
CA THR D 290 24.37 14.07 -39.91
C THR D 290 23.22 13.22 -39.41
N ASP D 291 22.49 13.67 -38.40
CA ASP D 291 21.27 12.98 -38.01
C ASP D 291 20.26 13.04 -39.15
N PRO D 292 19.49 11.98 -39.39
CA PRO D 292 18.47 12.03 -40.44
C PRO D 292 17.38 13.08 -40.22
N HIS D 293 17.18 13.56 -38.99
CA HIS D 293 16.28 14.71 -38.81
C HIS D 293 16.76 15.91 -39.63
N ARG D 294 18.07 16.12 -39.65
CA ARG D 294 18.71 17.16 -40.46
C ARG D 294 18.19 18.55 -40.11
N ILE D 295 18.27 18.89 -38.82
CA ILE D 295 17.74 20.15 -38.35
C ILE D 295 18.83 21.09 -37.83
N PHE D 296 19.60 20.64 -36.86
CA PHE D 296 20.75 21.41 -36.39
C PHE D 296 22.01 20.92 -37.11
N ARG D 297 23.09 21.69 -36.96
CA ARG D 297 24.38 21.39 -37.58
C ARG D 297 25.49 21.21 -36.55
N LEU D 298 25.18 20.56 -35.42
CA LEU D 298 26.25 20.31 -34.46
C LEU D 298 27.16 19.18 -34.94
N THR D 299 28.38 19.14 -34.39
CA THR D 299 29.35 18.11 -34.74
C THR D 299 29.84 17.42 -33.48
N ASN D 300 30.79 16.50 -33.66
CA ASN D 300 31.58 15.93 -32.58
C ASN D 300 33.04 16.39 -32.63
N PHE D 301 33.32 17.52 -33.28
CA PHE D 301 34.71 17.92 -33.50
C PHE D 301 35.36 18.38 -32.20
N TYR D 302 36.64 18.03 -32.03
CA TYR D 302 37.37 18.38 -30.83
C TYR D 302 38.77 18.82 -31.23
N PRO D 303 38.97 20.11 -31.42
CA PRO D 303 40.31 20.60 -31.81
C PRO D 303 41.36 20.30 -30.75
N ASN D 304 42.59 20.10 -31.21
CA ASN D 304 43.71 19.73 -30.35
C ASN D 304 44.35 20.95 -29.71
N SER D 316 35.97 24.42 -35.36
CA SER D 316 35.37 24.82 -34.08
C SER D 316 34.93 23.62 -33.24
N LEU D 317 34.65 23.88 -31.98
CA LEU D 317 34.40 22.85 -30.98
C LEU D 317 32.93 22.41 -31.02
N SER D 318 32.71 21.10 -30.99
CA SER D 318 31.37 20.54 -30.87
C SER D 318 30.57 21.24 -29.77
N GLY D 319 29.33 21.64 -30.12
CA GLY D 319 28.45 22.20 -29.11
C GLY D 319 28.28 21.27 -27.91
N TYR D 320 28.05 19.99 -28.19
CA TYR D 320 27.92 18.99 -27.12
C TYR D 320 29.14 18.97 -26.21
N LEU D 321 30.35 18.93 -26.79
CA LEU D 321 31.55 18.86 -25.97
C LEU D 321 31.79 20.16 -25.21
N TYR D 322 31.50 21.30 -25.85
CA TYR D 322 31.50 22.58 -25.15
C TYR D 322 30.60 22.55 -23.92
N ALA D 323 29.36 22.10 -24.09
CA ALA D 323 28.40 22.10 -22.98
C ALA D 323 28.82 21.16 -21.86
N ILE D 324 29.27 19.95 -22.21
CA ILE D 324 29.62 18.97 -21.19
C ILE D 324 30.87 19.43 -20.42
N LYS D 325 31.85 19.99 -21.13
CA LYS D 325 33.05 20.48 -20.45
C LYS D 325 32.69 21.59 -19.48
N LYS D 326 31.78 22.49 -19.87
CA LYS D 326 31.35 23.55 -18.99
C LYS D 326 30.66 22.99 -17.75
N ILE D 327 29.72 22.06 -17.95
CA ILE D 327 29.00 21.50 -16.82
C ILE D 327 29.96 20.78 -15.87
N LEU D 328 30.89 20.00 -16.43
CA LEU D 328 31.84 19.27 -15.58
C LEU D 328 32.79 20.22 -14.85
N SER D 329 33.04 21.41 -15.38
CA SER D 329 33.93 22.34 -14.69
C SER D 329 33.35 22.83 -13.37
N TRP D 330 32.04 22.68 -13.16
CA TRP D 330 31.42 23.08 -11.89
C TRP D 330 31.77 22.14 -10.74
N LYS D 331 32.24 20.94 -11.04
CA LYS D 331 32.58 19.93 -10.02
C LYS D 331 31.38 19.59 -9.15
N VAL D 332 30.22 19.40 -9.79
CA VAL D 332 29.01 18.94 -9.13
C VAL D 332 28.78 17.49 -9.59
N PRO D 333 28.39 16.58 -8.70
CA PRO D 333 28.12 15.20 -9.14
C PRO D 333 27.09 15.19 -10.26
N THR D 334 27.40 14.48 -11.33
CA THR D 334 26.66 14.62 -12.57
C THR D 334 26.33 13.26 -13.16
N LEU D 335 25.11 13.15 -13.67
CA LEU D 335 24.64 12.01 -14.44
C LEU D 335 24.58 12.44 -15.90
N ILE D 336 25.21 11.66 -16.80
CA ILE D 336 25.16 11.93 -18.24
C ILE D 336 24.40 10.78 -18.89
N LEU D 337 23.30 11.10 -19.58
CA LEU D 337 22.44 10.11 -20.20
C LEU D 337 22.42 10.27 -21.72
N GLY D 338 22.00 9.20 -22.40
CA GLY D 338 21.80 9.25 -23.84
C GLY D 338 20.47 9.87 -24.23
N GLY D 339 19.84 9.33 -25.26
CA GLY D 339 18.56 9.83 -25.73
C GLY D 339 18.44 9.57 -27.23
N GLY D 340 17.97 10.58 -27.94
CA GLY D 340 17.81 10.48 -29.38
C GLY D 340 19.13 10.32 -30.11
N GLY D 341 19.01 10.04 -31.40
CA GLY D 341 20.19 9.77 -32.21
C GLY D 341 19.92 8.60 -33.14
N TYR D 342 19.63 8.91 -34.39
CA TYR D 342 19.18 7.91 -35.33
C TYR D 342 20.22 7.59 -36.40
N ASN D 343 21.35 8.28 -36.39
CA ASN D 343 22.55 7.88 -37.13
C ASN D 343 23.41 7.15 -36.10
N PHE D 344 23.34 5.81 -36.10
CA PHE D 344 23.99 5.04 -35.03
C PHE D 344 25.50 5.20 -35.01
N PRO D 345 26.23 5.09 -36.13
CA PRO D 345 27.70 5.28 -36.03
C PRO D 345 28.07 6.68 -35.56
N ASP D 346 27.38 7.71 -36.05
CA ASP D 346 27.73 9.06 -35.64
C ASP D 346 27.32 9.34 -34.19
N THR D 347 26.27 8.67 -33.71
CA THR D 347 25.95 8.77 -32.28
C THR D 347 27.06 8.15 -31.44
N ALA D 348 27.53 6.97 -31.85
CA ALA D 348 28.70 6.36 -31.21
C ALA D 348 29.92 7.27 -31.27
N ARG D 349 30.19 7.87 -32.44
CA ARG D 349 31.31 8.80 -32.57
C ARG D 349 31.21 9.96 -31.56
N LEU D 350 30.01 10.53 -31.40
CA LEU D 350 29.85 11.62 -30.44
C LEU D 350 30.02 11.12 -29.01
N TRP D 351 29.29 10.07 -28.64
CA TRP D 351 29.27 9.65 -27.24
C TRP D 351 30.61 9.07 -26.81
N THR D 352 31.38 8.53 -27.76
CA THR D 352 32.76 8.14 -27.46
C THR D 352 33.60 9.36 -27.08
N ARG D 353 33.45 10.47 -27.81
CA ARG D 353 34.17 11.68 -27.44
C ARG D 353 33.64 12.28 -26.13
N VAL D 354 32.33 12.21 -25.88
CA VAL D 354 31.85 12.68 -24.59
C VAL D 354 32.44 11.87 -23.45
N THR D 355 32.58 10.56 -23.67
CA THR D 355 33.09 9.69 -22.60
C THR D 355 34.55 9.99 -22.32
N ALA D 356 35.35 10.17 -23.39
CA ALA D 356 36.75 10.53 -23.23
C ALA D 356 36.91 11.88 -22.55
N LEU D 357 36.09 12.87 -22.94
CA LEU D 357 36.15 14.18 -22.30
C LEU D 357 35.80 14.09 -20.81
N THR D 358 34.80 13.28 -20.45
CA THR D 358 34.46 13.14 -19.04
C THR D 358 35.63 12.56 -18.24
N ILE D 359 36.32 11.58 -18.79
CA ILE D 359 37.50 11.02 -18.13
C ILE D 359 38.54 12.11 -17.91
N GLU D 360 38.81 12.91 -18.96
CA GLU D 360 39.84 13.95 -18.86
C GLU D 360 39.51 14.98 -17.80
N GLU D 361 38.28 15.49 -17.82
CA GLU D 361 37.90 16.56 -16.90
C GLU D 361 37.85 16.06 -15.45
N VAL D 362 37.34 14.85 -15.23
CA VAL D 362 37.14 14.37 -13.87
C VAL D 362 38.45 13.87 -13.27
N LYS D 363 39.18 13.04 -14.01
CA LYS D 363 40.42 12.46 -13.50
C LYS D 363 41.62 13.37 -13.69
N GLY D 364 41.54 14.38 -14.54
CA GLY D 364 42.73 15.13 -14.88
C GLY D 364 43.72 14.34 -15.70
N LYS D 365 43.26 13.32 -16.41
CA LYS D 365 44.08 12.34 -17.10
C LYS D 365 43.90 12.54 -18.59
N LYS D 366 44.97 12.92 -19.30
CA LYS D 366 44.87 13.15 -20.73
C LYS D 366 44.37 11.87 -21.42
N MET D 367 43.37 12.03 -22.29
CA MET D 367 42.89 10.93 -23.13
C MET D 367 43.27 11.23 -24.57
N THR D 368 43.98 10.30 -25.20
CA THR D 368 44.42 10.44 -26.58
C THR D 368 43.64 9.47 -27.45
N ILE D 369 42.86 10.02 -28.37
CA ILE D 369 41.97 9.24 -29.22
C ILE D 369 42.48 9.32 -30.66
N SER D 370 42.78 8.17 -31.25
CA SER D 370 43.22 8.15 -32.64
C SER D 370 42.13 8.71 -33.56
N PRO D 371 42.49 9.56 -34.53
CA PRO D 371 41.48 10.09 -35.47
C PRO D 371 40.88 9.03 -36.39
N GLU D 372 41.41 7.82 -36.36
CA GLU D 372 40.91 6.71 -37.17
C GLU D 372 40.17 5.71 -36.29
N ILE D 373 39.05 5.21 -36.78
CA ILE D 373 38.27 4.23 -36.04
C ILE D 373 39.11 2.97 -35.87
N PRO D 374 39.33 2.50 -34.65
CA PRO D 374 40.08 1.25 -34.46
C PRO D 374 39.30 0.06 -34.99
N GLU D 375 40.04 -0.92 -35.51
CA GLU D 375 39.39 -2.15 -35.95
C GLU D 375 38.72 -2.83 -34.75
N HIS D 376 37.47 -3.23 -34.95
CA HIS D 376 36.66 -3.90 -33.92
C HIS D 376 35.46 -4.51 -34.63
N SER D 377 34.57 -5.10 -33.83
CA SER D 377 33.46 -5.89 -34.38
C SER D 377 32.60 -5.07 -35.35
N TYR D 378 32.40 -3.79 -35.07
CA TYR D 378 31.54 -2.94 -35.88
C TYR D 378 32.34 -1.99 -36.77
N PHE D 379 33.63 -2.27 -37.00
CA PHE D 379 34.46 -1.38 -37.81
C PHE D 379 33.79 -1.03 -39.13
N SER D 380 33.13 -2.01 -39.78
CA SER D 380 32.64 -1.78 -41.13
C SER D 380 31.48 -0.78 -41.15
N ARG D 381 30.82 -0.54 -40.03
CA ARG D 381 29.73 0.42 -39.97
C ARG D 381 30.20 1.85 -40.05
N TYR D 382 31.51 2.11 -39.95
CA TYR D 382 32.05 3.46 -39.95
C TYR D 382 32.63 3.83 -41.30
N GLY D 383 32.31 3.07 -42.34
CA GLY D 383 32.78 3.36 -43.67
C GLY D 383 31.99 4.49 -44.31
N PRO D 384 32.48 4.99 -45.46
CA PRO D 384 33.68 4.46 -46.10
C PRO D 384 35.02 5.06 -45.65
N ASP D 385 35.01 6.09 -44.80
CA ASP D 385 36.26 6.78 -44.47
C ASP D 385 36.83 6.40 -43.11
N PHE D 386 36.02 5.89 -42.18
CA PHE D 386 36.51 5.29 -40.94
C PHE D 386 37.27 6.29 -40.05
N GLU D 387 36.84 7.54 -40.07
CA GLU D 387 37.35 8.58 -39.19
C GLU D 387 36.44 8.77 -37.99
N LEU D 388 37.02 9.26 -36.90
CA LEU D 388 36.21 9.56 -35.72
C LEU D 388 35.37 10.81 -35.89
N ASP D 389 35.90 11.86 -36.54
CA ASP D 389 35.11 13.01 -36.90
C ASP D 389 33.93 12.60 -37.78
N ILE D 390 32.74 13.15 -37.50
CA ILE D 390 31.63 12.92 -38.42
C ILE D 390 31.97 13.55 -39.77
N ASP D 391 31.27 13.09 -40.81
CA ASP D 391 31.53 13.52 -42.18
C ASP D 391 30.64 14.72 -42.49
N TYR D 392 31.09 15.89 -42.07
CA TYR D 392 30.34 17.12 -42.28
C TYR D 392 31.30 18.28 -42.42
N PHE D 393 30.94 19.22 -43.29
CA PHE D 393 31.73 20.42 -43.56
C PHE D 393 30.97 21.66 -43.07
N PRO D 394 31.36 22.27 -41.94
CA PRO D 394 30.62 23.44 -41.46
C PRO D 394 31.00 24.72 -42.22
N ASP D 403 19.67 37.97 -32.70
CA ASP D 403 18.62 38.89 -32.30
C ASP D 403 17.49 38.17 -31.55
N SER D 404 16.93 37.13 -32.15
CA SER D 404 15.98 36.31 -31.43
C SER D 404 16.62 35.66 -30.22
N ILE D 405 17.92 35.32 -30.32
CA ILE D 405 18.59 34.69 -29.19
C ILE D 405 18.84 35.71 -28.08
N GLN D 406 19.17 36.95 -28.44
CA GLN D 406 19.28 38.01 -27.43
C GLN D 406 17.96 38.21 -26.70
N LYS D 407 16.85 38.21 -27.42
CA LYS D 407 15.53 38.30 -26.80
C LYS D 407 15.30 37.17 -25.81
N HIS D 408 15.67 35.93 -26.19
CA HIS D 408 15.50 34.80 -25.29
C HIS D 408 16.36 34.94 -24.04
N HIS D 409 17.57 35.48 -24.19
CA HIS D 409 18.47 35.63 -23.04
C HIS D 409 17.92 36.62 -22.02
N ARG D 410 17.37 37.75 -22.49
CA ARG D 410 16.74 38.69 -21.56
C ARG D 410 15.55 38.05 -20.85
N ARG D 411 14.75 37.28 -21.60
CA ARG D 411 13.59 36.61 -21.00
C ARG D 411 14.02 35.61 -19.96
N ILE D 412 15.07 34.84 -20.24
CA ILE D 412 15.52 33.80 -19.31
C ILE D 412 16.16 34.42 -18.10
N LEU D 413 16.92 35.50 -18.29
CA LEU D 413 17.54 36.20 -17.19
C LEU D 413 16.49 36.72 -16.22
N GLU D 414 15.43 37.33 -16.74
CA GLU D 414 14.33 37.78 -15.89
C GLU D 414 13.66 36.62 -15.19
N GLN D 415 13.48 35.50 -15.89
CA GLN D 415 12.86 34.33 -15.26
C GLN D 415 13.75 33.78 -14.13
N LEU D 416 15.06 33.77 -14.34
CA LEU D 416 15.98 33.32 -13.29
C LEU D 416 15.96 34.26 -12.10
N ARG D 417 15.87 35.57 -12.35
CA ARG D 417 15.68 36.54 -11.27
C ARG D 417 14.42 36.23 -10.48
N ASN D 418 13.31 36.00 -11.18
CA ASN D 418 12.03 35.70 -10.53
C ASN D 418 12.09 34.38 -9.77
N TYR D 419 12.76 33.38 -10.35
CA TYR D 419 12.96 32.12 -9.64
C TYR D 419 13.71 32.36 -8.34
N ALA D 420 14.82 33.09 -8.39
CA ALA D 420 15.60 33.36 -7.19
C ALA D 420 14.80 34.15 -6.17
N ASP D 421 14.04 35.15 -6.64
CA ASP D 421 13.20 35.93 -5.73
C ASP D 421 12.18 35.04 -5.03
N LEU D 422 11.45 34.24 -5.81
CA LEU D 422 10.40 33.41 -5.23
C LEU D 422 10.96 32.43 -4.21
N ASN D 423 12.16 31.90 -4.45
CA ASN D 423 12.73 30.84 -3.63
C ASN D 423 13.77 31.34 -2.64
N LYS D 424 13.89 32.65 -2.46
CA LYS D 424 14.74 33.24 -1.43
C LYS D 424 16.20 32.83 -1.57
N LEU D 425 16.66 32.65 -2.81
CA LEU D 425 18.07 32.36 -3.08
C LEU D 425 18.82 33.67 -3.23
N ILE D 426 20.06 33.69 -2.75
CA ILE D 426 20.86 34.91 -2.85
C ILE D 426 21.88 34.73 -3.97
N TYR D 427 22.18 35.84 -4.62
CA TYR D 427 22.92 35.88 -5.88
C TYR D 427 23.21 37.34 -6.18
N ASP D 428 24.35 37.59 -6.82
CA ASP D 428 24.65 38.93 -7.30
C ASP D 428 24.10 39.08 -8.70
N TYR D 429 23.05 39.89 -8.85
CA TYR D 429 22.45 40.13 -10.15
C TYR D 429 23.50 40.59 -11.15
N ASP D 430 24.35 41.54 -10.76
CA ASP D 430 25.28 42.12 -11.71
C ASP D 430 26.29 41.09 -12.23
N GLN D 431 26.72 40.15 -11.38
CA GLN D 431 27.61 39.10 -11.87
C GLN D 431 26.89 38.18 -12.87
N VAL D 432 25.66 37.78 -12.55
CA VAL D 432 24.88 36.96 -13.46
C VAL D 432 24.60 37.73 -14.75
N TYR D 433 24.22 39.00 -14.61
CA TYR D 433 23.91 39.83 -15.78
C TYR D 433 25.09 39.89 -16.74
N GLN D 434 26.30 40.06 -16.21
CA GLN D 434 27.48 40.20 -17.06
C GLN D 434 27.78 38.93 -17.86
N LEU D 435 27.28 37.77 -17.42
CA LEU D 435 27.50 36.54 -18.18
C LEU D 435 26.94 36.67 -19.60
N TYR D 436 25.90 37.46 -19.79
CA TYR D 436 25.27 37.63 -21.09
C TYR D 436 25.80 38.85 -21.83
ZN ZN E . -30.92 -17.81 7.21
K K F . -26.45 -21.87 11.00
K K G . -11.39 -22.56 11.09
C4 NK5 H . -32.09 -17.77 -0.16
C2 NK5 H . -33.35 -19.54 -1.19
C3 NK5 H . -33.01 -18.80 -0.05
C1 NK5 H . -32.76 -19.26 -2.40
C6 NK5 H . -31.83 -18.24 -2.51
C16 NK5 H . -32.01 -17.22 2.30
C17 NK5 H . -30.86 -16.66 4.52
C5 NK5 H . -31.49 -17.50 -1.39
N12 NK5 H . -31.79 -16.96 0.97
N13 NK5 H . -30.54 -16.20 0.86
N14 NK5 H . -30.07 -16.04 2.26
C15 NK5 H . -30.98 -16.66 3.03
N18 NK5 H . -29.65 -17.01 4.98
O19 NK5 H . -29.22 -16.57 6.22
O20 NK5 H . -31.81 -16.36 5.25
C1 DMF I . -20.38 -14.21 -10.15
C2 DMF I . -18.68 -14.53 -12.00
C DMF I . -18.22 -15.10 -9.66
O DMF I . -18.38 -14.75 -8.48
N DMF I . -19.06 -14.62 -10.58
C1 DMF J . -12.33 -23.79 0.37
C2 DMF J . -14.01 -23.23 2.20
C DMF J . -14.20 -25.27 0.92
O DMF J . -15.34 -25.41 1.36
N DMF J . -13.53 -24.13 1.15
C1 DMF K . -37.76 -12.98 31.10
C2 DMF K . -35.24 -13.38 30.89
C DMF K . -36.69 -13.36 28.96
O DMF K . -35.92 -14.09 28.35
N DMF K . -36.56 -13.24 30.28
C1 GOL L . -18.59 -29.79 4.44
O1 GOL L . -18.54 -31.13 3.93
C2 GOL L . -18.68 -28.79 3.28
O2 GOL L . -19.98 -28.81 2.73
C3 GOL L . -18.37 -27.39 3.77
O3 GOL L . -19.32 -26.94 4.72
C1 GOL M . -26.10 -26.01 -6.80
O1 GOL M . -26.19 -27.07 -7.71
C2 GOL M . -25.83 -26.59 -5.41
O2 GOL M . -25.40 -25.57 -4.55
C3 GOL M . -27.07 -27.31 -4.88
O3 GOL M . -27.96 -26.46 -4.20
C1 DMF N . -7.54 13.13 14.64
C2 DMF N . -5.28 12.29 13.81
C DMF N . -7.30 12.01 12.49
O DMF N . -6.65 11.37 11.66
N DMF N . -6.72 12.46 13.60
ZN ZN O . -13.32 18.56 11.51
K K P . -17.96 22.12 7.40
K K Q . -31.98 26.86 10.08
C4 NK5 R . -14.02 11.63 14.43
C2 NK5 R . -13.66 9.61 13.20
C3 NK5 R . -13.41 10.96 13.38
C1 NK5 R . -14.50 8.93 14.07
C6 NK5 R . -15.10 9.61 15.11
C16 NK5 R . -13.25 13.99 13.82
C17 NK5 R . -13.59 16.55 13.60
C5 NK5 R . -14.86 10.95 15.30
N12 NK5 R . -13.74 13.01 14.66
N13 NK5 R . -14.65 13.65 15.60
N14 NK5 R . -14.67 15.07 15.24
C15 NK5 R . -13.83 15.22 14.19
N18 NK5 R . -14.68 17.27 13.35
O19 NK5 R . -14.65 18.65 13.47
O20 NK5 R . -12.45 16.96 13.40
C1 DMF S . -0.49 24.78 28.81
C2 DMF S . -0.08 27.20 29.45
C DMF S . 1.02 26.20 27.54
O DMF S . 1.85 27.11 27.51
N DMF S . 0.18 26.07 28.56
C1 DMF T . -2.42 36.55 23.98
C2 DMF T . -0.30 37.08 25.27
C DMF T . -0.60 34.99 24.06
O DMF T . 0.51 34.64 24.46
N DMF T . -1.09 36.17 24.43
C1 DMF U . -1.50 36.61 5.82
C2 DMF U . -0.11 38.74 5.96
C DMF U . -2.52 38.77 6.12
O DMF U . -2.52 39.93 5.74
N DMF U . -1.41 38.06 5.98
C1 DMF V . 2.06 43.82 13.70
C2 DMF V . 2.78 42.21 11.87
C DMF V . 2.50 44.60 11.44
O DMF V . 2.64 44.43 10.23
N DMF V . 2.46 43.58 12.30
C1 DMF W . -29.15 25.60 39.06
C2 DMF W . -26.71 25.00 39.49
C DMF W . -28.46 23.31 39.47
O DMF W . -27.60 22.43 39.61
N DMF W . -28.11 24.59 39.34
C1 DMF X . -31.49 15.59 10.49
C2 DMF X . -31.14 17.75 11.78
C DMF X . -32.91 16.23 12.38
O DMF X . -33.33 17.09 13.14
N DMF X . -31.88 16.50 11.57
C1 DMF Y . -13.85 38.35 -3.10
C2 DMF Y . -15.76 39.59 -1.94
C DMF Y . -13.43 40.27 -1.74
O DMF Y . -12.80 39.96 -0.74
N DMF Y . -14.33 39.42 -2.23
C1 GOL Z . -28.82 16.50 6.56
O1 GOL Z . -27.60 17.13 6.87
C2 GOL Z . -28.57 15.80 5.24
O2 GOL Z . -27.87 14.59 5.49
C3 GOL Z . -29.88 15.48 4.55
O3 GOL Z . -29.70 15.46 3.15
ZN ZN AA . 18.40 -17.04 -3.43
K K BA . 16.96 -22.26 -8.11
K K CA . 25.41 -28.48 -18.78
C4 NK5 DA . 20.12 -9.70 -4.88
C2 NK5 DA . 18.50 -8.09 -5.64
C3 NK5 DA . 18.79 -9.31 -5.05
C1 NK5 DA . 19.52 -7.26 -6.05
C6 NK5 DA . 20.84 -7.64 -5.88
C16 NK5 DA . 19.63 -12.01 -3.93
C17 NK5 DA . 20.02 -14.55 -3.57
C5 NK5 DA . 21.15 -8.85 -5.29
N12 NK5 DA . 20.42 -10.94 -4.25
N13 NK5 DA . 21.80 -11.44 -4.47
N14 NK5 DA . 21.71 -12.88 -4.26
C15 NK5 DA . 20.44 -13.16 -3.92
N18 NK5 DA . 20.25 -15.46 -4.51
O19 NK5 DA . 20.48 -16.80 -4.16
O20 NK5 DA . 19.53 -14.80 -2.47
C1 DMF EA . 11.30 -33.71 11.20
C2 DMF EA . 11.91 -34.31 8.79
C DMF EA . 12.12 -35.91 10.57
O DMF EA . 12.69 -36.64 9.77
N DMF EA . 11.79 -34.67 10.21
C1 DMF FA . 25.11 -17.50 23.10
C2 DMF FA . 24.55 -15.82 21.30
C DMF FA . 26.46 -17.31 21.10
O DMF FA . 26.83 -18.49 21.13
N DMF FA . 25.41 -16.90 21.80
C1 DMF GA . 16.20 -36.84 17.16
C2 DMF GA . 18.32 -38.22 17.50
C DMF GA . 16.20 -39.26 16.88
O DMF GA . 15.01 -39.42 17.22
N DMF GA . 16.88 -38.15 17.18
C1 DMF HA . 25.39 -19.54 -19.73
C2 DMF HA . 23.71 -18.02 -20.85
C DMF HA . 25.93 -18.46 -21.78
O DMF HA . 27.11 -18.29 -21.45
N DMF HA . 25.04 -18.65 -20.82
C1 DMF IA . 29.14 -30.06 16.94
C2 DMF IA . 28.22 -28.79 14.93
C DMF IA . 28.15 -27.86 17.14
O DMF IA . 27.28 -27.07 16.76
N DMF IA . 28.50 -28.87 16.37
C1 GOL JA . 17.46 -19.33 -20.63
O1 GOL JA . 16.82 -19.01 -21.86
C2 GOL JA . 18.48 -18.21 -20.34
O2 GOL JA . 17.86 -17.22 -19.54
C3 GOL JA . 19.73 -18.77 -19.65
O3 GOL JA . 19.40 -19.24 -18.36
C1 GOL KA . 38.89 -24.15 7.36
O1 GOL KA . 37.76 -23.37 7.05
C2 GOL KA . 39.86 -23.31 8.18
O2 GOL KA . 40.66 -24.15 8.98
C3 GOL KA . 40.72 -22.48 7.24
O3 GOL KA . 41.63 -23.27 6.52
C1 DMF LA . -12.86 -7.68 -21.28
C2 DMF LA . -14.28 -7.44 -19.18
C DMF LA . -15.27 -8.03 -21.32
O DMF LA . -16.29 -7.36 -21.21
N DMF LA . -14.17 -7.72 -20.62
ZN ZN MA . 15.29 13.69 -29.86
K K NA . 16.35 19.25 -25.55
K K OA . 10.69 22.42 -12.00
C4 NK5 PA . 9.03 11.63 -33.22
C2 NK5 PA . 8.13 12.78 -35.11
C3 NK5 PA . 9.21 12.48 -34.30
C1 NK5 PA . 6.88 12.25 -34.85
C6 NK5 PA . 6.71 11.41 -33.76
C16 NK5 PA . 11.37 11.86 -32.24
C17 NK5 PA . 13.14 11.97 -30.38
C5 NK5 PA . 7.78 11.11 -32.94
N12 NK5 PA . 10.15 11.24 -32.42
N13 NK5 PA . 9.83 10.52 -31.17
N14 NK5 PA . 10.97 10.76 -30.28
C15 NK5 PA . 11.84 11.55 -30.97
N18 NK5 PA . 13.05 12.72 -29.27
O19 NK5 PA . 13.97 12.55 -28.24
O20 NK5 PA . 14.21 11.64 -30.89
C1 DMF QA . 8.76 11.88 -9.01
C2 DMF QA . 6.20 11.83 -9.02
C DMF QA . 7.44 13.51 -10.24
O DMF QA . 6.34 13.94 -10.61
N DMF QA . 7.46 12.44 -9.45
C1 DMF RA . 31.82 -2.44 -22.11
C2 DMF RA . 33.19 -4.41 -22.98
C DMF RA . 31.38 -3.39 -24.28
O DMF RA . 31.76 -4.02 -25.26
N DMF RA . 32.11 -3.43 -23.16
C1 DMF SA . 24.41 -7.28 -28.58
C2 DMF SA . 22.85 -8.99 -29.64
C DMF SA . 23.33 -6.87 -30.72
O DMF SA . 22.41 -7.06 -31.50
N DMF SA . 23.52 -7.68 -29.68
C1 DMF TA . 3.63 20.57 -17.60
C2 DMF TA . 1.30 20.45 -16.57
C DMF TA . 1.79 21.83 -18.51
O DMF TA . 2.58 22.25 -19.35
N DMF TA . 2.22 20.99 -17.58
C1 DMF UA . 38.84 14.65 -24.55
C2 DMF UA . 39.88 13.27 -26.43
C DMF UA . 37.65 14.22 -26.62
O DMF UA . 37.59 13.76 -27.76
N DMF UA . 38.75 14.05 -25.89
C1 DMF VA . 37.38 -1.61 -16.02
C2 DMF VA . 37.07 -0.72 -13.66
C DMF VA . 35.33 -1.98 -14.75
O DMF VA . 34.61 -1.73 -13.78
N DMF VA . 36.55 -1.46 -14.82
C1 DMF WA . 14.36 7.70 -38.21
C2 DMF WA . 13.07 9.16 -36.55
C DMF WA . 14.70 10.09 -38.13
O DMF WA . 14.09 10.96 -38.76
N DMF WA . 14.05 9.03 -37.64
C1 GOL XA . 5.66 24.03 -21.94
O1 GOL XA . 7.00 23.72 -22.27
C2 GOL XA . 5.22 25.26 -22.74
O2 GOL XA . 5.28 24.99 -24.12
C3 GOL XA . 6.10 26.47 -22.39
O3 GOL XA . 5.51 27.65 -22.90
#